data_8BCG
#
_entry.id   8BCG
#
_cell.length_a   99.917
_cell.length_b   118.915
_cell.length_c   188.069
_cell.angle_alpha   90.000
_cell.angle_beta   90.000
_cell.angle_gamma   90.000
#
_symmetry.space_group_name_H-M   'P 21 21 21'
#
loop_
_entity.id
_entity.type
_entity.pdbx_description
1 polymer 'U5 small nuclear ribonucleoprotein 200 kDa helicase'
2 polymer 'Pre-mRNA-processing-splicing factor 8'
3 non-polymer 4-chloranyl-~{N}-methoxy-~{N}-methyl-benzenesulfonamide
4 non-polymer 1,2-ETHANEDIOL
5 water water
#
loop_
_entity_poly.entity_id
_entity_poly.type
_entity_poly.pdbx_seq_one_letter_code
_entity_poly.pdbx_strand_id
1 'polypeptide(L)'
;GAEFMDLDQGGEALAPRQVLDLEDLVFTQGSHFMANKRCQLPDGSFRRQRKGYEEVHVPALKPKPFGSEEQLLPVEKLPK
YAQAGFEGFKTLNRIQSKLYRAALETDENLLLCAPTGAGKTNVALMCMLREIGKHINMDGTINVDDFKIIYIAPMRSLVQ
EMVGSFGKRLATYGITVAELTGDHQLCKEEISATQIIVCTPEKWDIITRKGGERTYTQLVRLIILDEIHLLHDDRGPVLE
ALVARAIRNIEMTQEDVRLIGLSATLPNYEDVATFLRVDPAKGLFYFDNSFRPVPLEQTYVGITEKKAIKRFQIMNEIVY
EKIMEHAGKNQVLVFVHSRKETGKTARAIRDMCLEKDTLGLFLREGSASTEVLRTEAEQCKNLELKDLLPYGFAIHHAGM
TRVDRTLVEDLFADKHIQVLVSTATLAWGVNLPAHTVIIKGTQVYSPEKGRWTELGALDILQMLGRAGRPQYDTKGEGIL
ITSHGELQYYLSLLNQQLPIESQMVSKLPDMLNAEIVLGNVQNAKDAVNWLGYAYLYIRMLRSPTLYGISHDDLKGDPLL
DQRRLDLVHTAALMLDKNNLVKYDKKTGNFQVTELGRIASHYYITNDTVQTYNQLLKPTLSEIELFRVFSLSSEFKNITV
REEEKLELQKLLERVPIPVKESIEEPSAKINVLLQAFISQLKLEGFALMADMVYVTQSAGRLMRAIFEIVLNRGWAQLTD
KTLNLCKMIDKRMWQSMCPLRQFRKLPEEVVKKIEKKNFPFERLYDLNHNEIGELIRMPKMGKTIHKYVHLFPKLELSVH
LQPITRSTLKVELTITPDFQWDEKVHGSSEAFWILVEDVDSEVILHHEYFLLKAKYAQDEHLITFFVPVFEPLPPQYFIR
VVSDRWLSCETQLPVSFRHLILPEKYPPPTELLDLQPLPVSALRNSAFESLYQDKFPFFNPIQTQVFNTVYNSDDNVFVG
APTGSGKTICAEFAILRMLLQSSEGRCVYITPMEALAEQVYMDWYEKFQDRLNKKVVLLTGETSTDLKLLGKGNIIISTP
EKWDILSRRWKQRKNVQNINLFVVDEVHLIGGENGPVLEVICSRMRYISSQIERPIRIVALSSSLSNAKDVAHWLGCSAT
STFNFHPNVRPVPLELHIQGFNISHTQTRLLSMAKPVYHAITKHSPKKPVIVFVPSRKQTRLTAIDILTTCAADIQRQRF
LHCTEKDLIPYLEKLSDSTLKETLLNGVGYLHEGLSPMERRLVEQLFSSGAIQVVVASRSLCWGMNVAAHLVIIMDTQYY
NGKIHAYVDYPIYDVLQMVGHANRPLQDDEGRCVIMCQGSKKDFFKKFLYEPLPVESHLDHCMHDHFNAEIVTKTIENKQ
DAVDYLTWTFLYRRMTQNPNYYNLQGISHRHLSDHLSELVEQTLSDLEQSKCISIEDEMDVAPLNLGMIAAYYYINYTTI
ELFSMSLNAKTKVRGLIEIISNAAEYENIPIRHHEDNLLRQLAQKVPHKLNNPKFNDPHVKTNLLLQAHLSRMQLSAELQ
SDTEEILSKAIRLIQACVDVLSSNGWLSPALAAMELAQMVTQAMWSKDSYLKQLPHFTSEHIKRCTDKGVESVFDIMEME
DEERNALLQLTDSQIADVARFCNRYPNIELSYEVVDKDSIRSGGPVVVLVQLEREEEVTGPVIAPLFPQKREEGWWVVIG
DAKSNSLISIKRLTLQQKAKVKLDFVAPATGAHNYTLYFMSDAYMGCDQEYKFSVDVKEAETDSDSD
;
B
2 'polypeptide(L)'
;GPLGSMTQTFSSKTEWRVRAISAANLHLRTNHIYVSSDDIKETGYTYILPKNVLKKFICISDLRAQIAGYLYGVSPPDNP
QVKEIRCIVMVPQWGTHQTVHLPGQLPQHEYLKEMEPLGWIHTQPNESPQLSPQDVTTHAKIMADNPSWDGEKTIIITCS
FTPGSCTLTAYKLTPSGYEWGRQNTDKGNNPKGYLPSHYERVQMLLSDRFLGFFMVPAQSSWNYNFMGVRHDPNMKYELQ
LANPKEFYHEVHRPSHFLNFALL
;
J
#
# COMPACT_ATOMS: atom_id res chain seq x y z
N LEU A 14 11.68 38.03 -8.39
CA LEU A 14 11.69 39.26 -9.19
C LEU A 14 10.33 39.95 -9.20
N ALA A 15 10.25 41.08 -8.50
CA ALA A 15 8.94 41.59 -8.07
C ALA A 15 8.11 42.18 -9.21
N PRO A 16 8.66 43.01 -10.14
CA PRO A 16 7.79 43.57 -11.18
C PRO A 16 7.29 42.55 -12.20
N ARG A 17 6.34 41.71 -11.77
CA ARG A 17 5.81 40.64 -12.60
C ARG A 17 4.59 41.09 -13.39
N GLN A 18 4.13 40.24 -14.30
CA GLN A 18 2.95 40.49 -15.11
C GLN A 18 2.14 39.22 -15.26
N VAL A 19 0.81 39.37 -15.26
CA VAL A 19 -0.09 38.25 -15.46
C VAL A 19 -0.43 38.15 -16.95
N LEU A 20 -0.30 36.96 -17.51
CA LEU A 20 -0.46 36.79 -18.95
C LEU A 20 -1.80 36.12 -19.24
N ASP A 21 -2.25 36.25 -20.49
CA ASP A 21 -3.36 35.44 -20.98
C ASP A 21 -2.77 34.23 -21.70
N LEU A 22 -2.69 33.09 -21.00
CA LEU A 22 -2.18 31.88 -21.63
C LEU A 22 -2.95 31.57 -22.91
N GLU A 23 -4.29 31.68 -22.88
CA GLU A 23 -5.10 31.28 -24.02
C GLU A 23 -4.76 32.09 -25.27
N ASP A 24 -4.45 33.37 -25.11
CA ASP A 24 -4.07 34.16 -26.27
C ASP A 24 -2.73 33.71 -26.85
N LEU A 25 -1.91 33.00 -26.10
CA LEU A 25 -0.64 32.52 -26.63
C LEU A 25 -0.73 31.15 -27.31
N VAL A 26 -1.88 30.47 -27.23
CA VAL A 26 -2.01 29.09 -27.70
C VAL A 26 -2.06 29.03 -29.22
N PHE A 27 -1.36 28.05 -29.79
CA PHE A 27 -1.51 27.71 -31.21
C PHE A 27 -2.80 26.92 -31.38
N THR A 28 -3.86 27.60 -31.83
CA THR A 28 -5.18 26.97 -31.82
C THR A 28 -5.21 25.69 -32.65
N GLN A 29 -4.39 25.60 -33.68
CA GLN A 29 -4.54 24.52 -34.64
C GLN A 29 -3.72 23.28 -34.31
N GLY A 30 -3.09 23.21 -33.14
CA GLY A 30 -2.37 22.01 -32.72
C GLY A 30 -1.38 21.58 -33.79
N SER A 31 -1.34 20.27 -34.06
CA SER A 31 -0.39 19.78 -35.05
C SER A 31 -0.64 20.38 -36.45
N HIS A 32 -1.76 21.06 -36.66
CA HIS A 32 -2.01 21.65 -37.95
C HIS A 32 -1.48 23.08 -38.08
N PHE A 33 -0.85 23.61 -37.03
CA PHE A 33 -0.24 24.92 -37.14
C PHE A 33 0.97 24.88 -38.06
N MET A 34 1.01 25.81 -39.00
CA MET A 34 2.05 25.86 -40.03
C MET A 34 2.90 27.12 -39.74
N ALA A 35 4.04 26.93 -39.09
CA ALA A 35 4.86 28.08 -38.74
C ALA A 35 5.60 28.67 -39.94
N ASN A 36 5.84 27.87 -40.99
CA ASN A 36 6.59 28.32 -42.16
C ASN A 36 5.70 29.07 -43.15
N LYS A 37 6.24 30.15 -43.72
CA LYS A 37 5.46 31.04 -44.58
C LYS A 37 5.41 30.54 -46.03
N ARG A 38 6.49 29.94 -46.50
CA ARG A 38 6.57 29.50 -47.88
C ARG A 38 6.91 28.02 -47.95
N CYS A 39 6.71 27.43 -49.12
CA CYS A 39 7.00 26.02 -49.34
C CYS A 39 7.69 25.86 -50.68
N GLN A 40 8.96 25.45 -50.65
CA GLN A 40 9.71 25.12 -51.86
C GLN A 40 9.64 23.62 -52.10
N LEU A 41 9.17 23.24 -53.30
CA LEU A 41 9.06 21.83 -53.63
C LEU A 41 10.30 21.35 -54.37
N PRO A 42 10.63 20.07 -54.30
CA PRO A 42 11.80 19.56 -55.04
C PRO A 42 11.63 19.79 -56.52
N ASP A 43 12.75 19.78 -57.23
CA ASP A 43 12.71 20.00 -58.68
C ASP A 43 11.86 18.94 -59.35
N GLY A 44 11.10 19.35 -60.36
CA GLY A 44 10.23 18.46 -61.09
C GLY A 44 8.81 18.35 -60.60
N SER A 45 8.45 19.04 -59.51
CA SER A 45 7.06 19.12 -59.10
C SER A 45 6.26 19.90 -60.14
N PHE A 46 4.96 19.59 -60.25
CA PHE A 46 4.15 20.34 -61.21
C PHE A 46 2.69 20.30 -60.79
N ARG A 47 1.92 21.26 -61.33
CA ARG A 47 0.56 21.56 -60.85
C ARG A 47 -0.44 21.46 -62.01
N ARG A 48 -1.27 20.42 -61.98
CA ARG A 48 -2.35 20.21 -62.95
C ARG A 48 -3.64 20.88 -62.51
N GLN A 49 -4.20 21.74 -63.37
CA GLN A 49 -5.52 22.30 -63.16
C GLN A 49 -6.58 21.32 -63.65
N ARG A 50 -7.56 21.02 -62.81
CA ARG A 50 -8.71 20.22 -63.19
C ARG A 50 -9.96 20.93 -62.70
N LYS A 51 -11.11 20.40 -63.14
CA LYS A 51 -12.41 21.01 -62.84
C LYS A 51 -12.72 20.97 -61.35
N GLY A 52 -12.61 22.11 -60.68
CA GLY A 52 -12.98 22.15 -59.28
C GLY A 52 -12.02 21.46 -58.32
N TYR A 53 -10.89 20.96 -58.81
CA TYR A 53 -9.83 20.49 -57.93
C TYR A 53 -8.48 20.61 -58.65
N GLU A 54 -7.48 21.06 -57.92
CA GLU A 54 -6.10 21.15 -58.39
C GLU A 54 -5.30 19.94 -57.91
N GLU A 55 -4.30 19.53 -58.70
CA GLU A 55 -3.41 18.44 -58.33
C GLU A 55 -1.97 18.93 -58.33
N VAL A 56 -1.23 18.55 -57.30
CA VAL A 56 0.20 18.81 -57.23
C VAL A 56 0.93 17.48 -57.25
N HIS A 57 1.90 17.35 -58.14
CA HIS A 57 2.69 16.13 -58.23
C HIS A 57 4.12 16.42 -57.82
N VAL A 58 4.66 15.51 -57.02
CA VAL A 58 6.05 15.56 -56.58
C VAL A 58 6.70 14.24 -56.99
N PRO A 59 7.79 14.26 -57.76
CA PRO A 59 8.39 13.00 -58.19
C PRO A 59 9.18 12.35 -57.08
N ALA A 60 9.42 11.04 -57.24
CA ALA A 60 10.24 10.30 -56.30
C ALA A 60 11.66 10.83 -56.31
N LEU A 61 12.27 10.89 -55.13
CA LEU A 61 13.62 11.41 -54.96
C LEU A 61 14.68 10.39 -55.37
N LYS A 62 15.87 10.91 -55.70
CA LYS A 62 17.02 10.07 -55.97
C LYS A 62 17.88 9.93 -54.72
N PRO A 63 18.21 8.71 -54.29
CA PRO A 63 19.16 8.56 -53.18
C PRO A 63 20.58 8.84 -53.64
N LYS A 64 21.37 9.45 -52.76
CA LYS A 64 22.81 9.51 -52.97
C LYS A 64 23.41 8.17 -52.58
N PRO A 65 24.12 7.47 -53.49
CA PRO A 65 24.44 6.05 -53.28
C PRO A 65 25.05 5.69 -51.93
N PHE A 66 26.23 6.23 -51.61
CA PHE A 66 26.83 6.00 -50.30
C PHE A 66 27.47 7.24 -49.70
N GLY A 67 27.40 8.39 -50.38
CA GLY A 67 28.00 9.57 -49.82
C GLY A 67 29.50 9.48 -49.83
N SER A 68 30.12 9.87 -48.71
CA SER A 68 31.56 10.04 -48.61
C SER A 68 32.13 9.00 -47.66
N GLU A 69 32.65 7.90 -48.22
CA GLU A 69 33.37 6.88 -47.47
C GLU A 69 32.51 6.31 -46.33
N GLU A 70 31.48 5.58 -46.74
CA GLU A 70 30.54 4.96 -45.79
C GLU A 70 30.16 3.60 -46.31
N GLN A 71 30.36 2.56 -45.51
CA GLN A 71 30.15 1.18 -45.92
C GLN A 71 29.22 0.48 -44.92
N LEU A 72 28.60 -0.62 -45.36
CA LEU A 72 27.51 -1.26 -44.61
C LEU A 72 28.05 -2.29 -43.62
N LEU A 73 27.85 -2.06 -42.34
CA LEU A 73 28.48 -2.90 -41.32
C LEU A 73 27.83 -4.28 -41.26
N PRO A 74 28.60 -5.35 -41.44
CA PRO A 74 28.04 -6.69 -41.20
C PRO A 74 27.87 -6.93 -39.72
N VAL A 75 26.84 -7.73 -39.39
CA VAL A 75 26.55 -8.06 -37.99
C VAL A 75 27.77 -8.66 -37.31
N GLU A 76 28.66 -9.26 -38.09
CA GLU A 76 29.83 -9.95 -37.54
C GLU A 76 30.76 -8.98 -36.82
N LYS A 77 30.89 -7.76 -37.31
CA LYS A 77 31.75 -6.78 -36.68
C LYS A 77 31.09 -6.06 -35.50
N LEU A 78 29.80 -6.30 -35.24
CA LEU A 78 29.20 -5.78 -34.02
C LEU A 78 29.79 -6.50 -32.82
N PRO A 79 29.73 -5.87 -31.64
CA PRO A 79 30.08 -6.58 -30.39
C PRO A 79 29.31 -7.89 -30.25
N LYS A 80 29.96 -8.88 -29.63
CA LYS A 80 29.43 -10.24 -29.70
C LYS A 80 28.15 -10.40 -28.89
N TYR A 81 28.05 -9.69 -27.76
CA TYR A 81 26.85 -9.80 -26.94
C TYR A 81 25.61 -9.24 -27.62
N ALA A 82 25.79 -8.33 -28.59
CA ALA A 82 24.66 -7.73 -29.29
C ALA A 82 24.33 -8.43 -30.60
N GLN A 83 25.18 -9.35 -31.05
CA GLN A 83 24.87 -10.09 -32.28
C GLN A 83 23.60 -10.90 -32.12
N ALA A 84 23.45 -11.59 -30.99
CA ALA A 84 22.27 -12.42 -30.77
C ALA A 84 20.98 -11.66 -31.07
N GLY A 85 20.95 -10.36 -30.75
CA GLY A 85 19.78 -9.55 -31.05
C GLY A 85 19.60 -9.21 -32.52
N PHE A 86 20.56 -9.57 -33.36
CA PHE A 86 20.46 -9.40 -34.81
C PHE A 86 20.52 -10.74 -35.50
N GLU A 87 20.00 -11.77 -34.83
CA GLU A 87 19.99 -13.11 -35.40
C GLU A 87 19.03 -13.14 -36.59
N GLY A 88 19.49 -13.72 -37.69
CA GLY A 88 18.71 -13.71 -38.89
C GLY A 88 18.96 -12.55 -39.82
N PHE A 89 19.97 -11.71 -39.56
CA PHE A 89 20.33 -10.64 -40.49
C PHE A 89 21.80 -10.74 -40.85
N LYS A 90 22.13 -10.19 -42.02
CA LYS A 90 23.50 -10.24 -42.54
C LYS A 90 24.25 -8.94 -42.24
N THR A 91 23.74 -7.80 -42.72
CA THR A 91 24.34 -6.50 -42.42
C THR A 91 23.26 -5.47 -42.13
N LEU A 92 23.61 -4.50 -41.29
CA LEU A 92 22.75 -3.36 -41.00
C LEU A 92 22.56 -2.49 -42.26
N ASN A 93 21.46 -1.74 -42.31
CA ASN A 93 21.23 -0.87 -43.45
C ASN A 93 22.04 0.41 -43.28
N ARG A 94 21.84 1.39 -44.18
CA ARG A 94 22.72 2.55 -44.14
C ARG A 94 22.51 3.36 -42.86
N ILE A 95 21.26 3.47 -42.37
CA ILE A 95 20.99 4.24 -41.15
C ILE A 95 21.64 3.57 -39.95
N GLN A 96 21.33 2.29 -39.75
CA GLN A 96 21.89 1.57 -38.61
C GLN A 96 23.41 1.52 -38.68
N SER A 97 23.98 1.55 -39.88
CA SER A 97 25.43 1.50 -40.00
C SER A 97 26.06 2.83 -39.65
N LYS A 98 25.42 3.95 -40.01
CA LYS A 98 25.93 5.22 -39.53
C LYS A 98 25.73 5.37 -38.02
N LEU A 99 24.78 4.62 -37.43
CA LEU A 99 24.45 4.85 -36.03
C LEU A 99 25.06 3.88 -35.04
N TYR A 100 25.61 2.73 -35.48
CA TYR A 100 25.94 1.67 -34.53
C TYR A 100 27.02 2.07 -33.53
N ARG A 101 28.00 2.86 -33.95
CA ARG A 101 29.01 3.32 -33.00
C ARG A 101 28.39 4.19 -31.92
N ALA A 102 27.70 5.27 -32.33
CA ALA A 102 27.05 6.16 -31.36
C ALA A 102 26.03 5.43 -30.50
N ALA A 103 25.38 4.39 -31.04
CA ALA A 103 24.29 3.75 -30.32
C ALA A 103 24.77 2.65 -29.39
N LEU A 104 25.72 1.84 -29.86
CA LEU A 104 26.24 0.68 -29.14
C LEU A 104 27.54 0.96 -28.39
N GLU A 105 28.39 1.87 -28.89
CA GLU A 105 29.71 2.10 -28.32
C GLU A 105 29.77 3.32 -27.39
N THR A 106 28.65 4.04 -27.16
CA THR A 106 28.66 5.20 -26.27
C THR A 106 27.30 5.30 -25.54
N ASP A 107 27.27 6.13 -24.49
CA ASP A 107 26.06 6.41 -23.74
C ASP A 107 25.45 7.75 -24.11
N GLU A 108 25.90 8.33 -25.22
CA GLU A 108 25.50 9.66 -25.62
C GLU A 108 23.99 9.70 -25.91
N ASN A 109 23.31 10.73 -25.42
CA ASN A 109 21.93 10.99 -25.80
C ASN A 109 21.85 11.23 -27.30
N LEU A 110 20.77 10.75 -27.92
CA LEU A 110 20.73 10.77 -29.37
C LEU A 110 19.43 11.38 -29.87
N LEU A 111 19.49 11.97 -31.06
CA LEU A 111 18.30 12.32 -31.81
C LEU A 111 18.53 11.86 -33.24
N LEU A 112 17.68 10.93 -33.69
CA LEU A 112 17.70 10.42 -35.06
C LEU A 112 16.47 10.95 -35.79
N CYS A 113 16.70 11.73 -36.85
CA CYS A 113 15.65 12.18 -37.75
C CYS A 113 15.80 11.42 -39.07
N ALA A 114 14.77 10.67 -39.42
CA ALA A 114 14.83 9.88 -40.64
C ALA A 114 13.41 9.75 -41.17
N PRO A 115 13.24 9.60 -42.49
CA PRO A 115 11.90 9.42 -43.03
C PRO A 115 11.30 8.12 -42.51
N THR A 116 9.98 8.15 -42.32
CA THR A 116 9.32 7.04 -41.63
C THR A 116 9.60 5.73 -42.35
N GLY A 117 9.88 4.69 -41.57
CA GLY A 117 10.23 3.40 -42.12
C GLY A 117 11.67 3.29 -42.62
N ALA A 118 12.56 4.16 -42.18
CA ALA A 118 13.94 4.11 -42.65
C ALA A 118 14.84 3.22 -41.79
N GLY A 119 14.39 2.83 -40.60
CA GLY A 119 15.16 1.91 -39.78
C GLY A 119 15.38 2.40 -38.38
N LYS A 120 14.58 3.37 -37.94
CA LYS A 120 14.86 4.02 -36.66
C LYS A 120 14.72 3.05 -35.50
N THR A 121 13.77 2.11 -35.56
CA THR A 121 13.53 1.29 -34.37
C THR A 121 14.62 0.23 -34.18
N ASN A 122 15.32 -0.19 -35.24
CA ASN A 122 16.51 -1.01 -35.05
C ASN A 122 17.63 -0.22 -34.36
N VAL A 123 17.74 1.08 -34.62
CA VAL A 123 18.67 1.90 -33.86
C VAL A 123 18.28 1.96 -32.38
N ALA A 124 16.97 2.00 -32.11
CA ALA A 124 16.51 1.90 -30.73
C ALA A 124 16.86 0.57 -30.11
N LEU A 125 16.73 -0.52 -30.88
CA LEU A 125 17.15 -1.83 -30.40
C LEU A 125 18.63 -1.85 -30.05
N MET A 126 19.47 -1.19 -30.84
CA MET A 126 20.90 -1.13 -30.53
C MET A 126 21.17 -0.36 -29.23
N CYS A 127 20.43 0.73 -28.99
CA CYS A 127 20.57 1.39 -27.69
C CYS A 127 20.14 0.46 -26.55
N MET A 128 19.00 -0.20 -26.72
CA MET A 128 18.54 -1.16 -25.73
C MET A 128 19.60 -2.21 -25.46
N LEU A 129 20.18 -2.77 -26.53
CA LEU A 129 21.20 -3.79 -26.37
C LEU A 129 22.41 -3.26 -25.60
N ARG A 130 22.85 -2.03 -25.90
CA ARG A 130 23.93 -1.47 -25.08
C ARG A 130 23.54 -1.50 -23.61
N GLU A 131 22.33 -1.06 -23.29
CA GLU A 131 21.90 -1.10 -21.89
C GLU A 131 21.95 -2.53 -21.35
N ILE A 132 21.40 -3.48 -22.10
CA ILE A 132 21.35 -4.88 -21.66
C ILE A 132 22.74 -5.39 -21.36
N GLY A 133 23.73 -4.96 -22.15
CA GLY A 133 25.08 -5.44 -21.95
C GLY A 133 25.68 -5.08 -20.60
N LYS A 134 25.18 -4.00 -19.99
CA LYS A 134 25.68 -3.56 -18.70
C LYS A 134 25.35 -4.52 -17.57
N HIS A 135 24.63 -5.63 -17.82
CA HIS A 135 24.18 -6.46 -16.72
C HIS A 135 24.31 -7.95 -17.01
N ILE A 136 25.27 -8.34 -17.83
CA ILE A 136 25.57 -9.76 -18.03
C ILE A 136 26.64 -10.15 -17.02
N ASN A 137 26.25 -10.89 -15.99
CA ASN A 137 27.22 -11.42 -15.05
C ASN A 137 27.98 -12.56 -15.72
N MET A 138 28.84 -13.25 -14.95
CA MET A 138 29.75 -14.19 -15.58
C MET A 138 29.09 -15.49 -16.01
N ASP A 139 27.85 -15.75 -15.59
CA ASP A 139 27.14 -16.96 -15.99
C ASP A 139 26.41 -16.82 -17.33
N GLY A 140 26.40 -15.63 -17.92
CA GLY A 140 25.83 -15.41 -19.23
C GLY A 140 24.43 -14.86 -19.24
N THR A 141 23.66 -15.09 -18.19
CA THR A 141 22.31 -14.55 -18.09
C THR A 141 22.39 -13.06 -17.74
N ILE A 142 21.25 -12.43 -17.51
CA ILE A 142 21.18 -10.98 -17.30
C ILE A 142 20.59 -10.72 -15.93
N ASN A 143 21.22 -9.81 -15.20
CA ASN A 143 20.63 -9.31 -13.96
C ASN A 143 19.39 -8.49 -14.31
N VAL A 144 18.30 -9.20 -14.60
CA VAL A 144 17.08 -8.59 -15.14
C VAL A 144 16.33 -7.86 -14.03
N ASP A 145 16.96 -7.73 -12.86
CA ASP A 145 16.44 -6.94 -11.76
C ASP A 145 17.25 -5.67 -11.56
N ASP A 146 18.18 -5.41 -12.47
CA ASP A 146 19.15 -4.32 -12.33
C ASP A 146 18.73 -3.05 -13.03
N PHE A 147 17.88 -3.13 -14.04
CA PHE A 147 17.61 -1.98 -14.88
C PHE A 147 16.16 -2.04 -15.35
N LYS A 148 15.72 -0.92 -15.93
CA LYS A 148 14.47 -0.86 -16.69
C LYS A 148 14.69 0.07 -17.88
N ILE A 149 13.96 -0.21 -18.96
CA ILE A 149 14.03 0.57 -20.20
C ILE A 149 12.62 0.99 -20.57
N ILE A 150 12.39 2.29 -20.71
CA ILE A 150 11.08 2.82 -21.09
C ILE A 150 11.08 3.12 -22.58
N TYR A 151 10.09 2.55 -23.29
CA TYR A 151 9.85 2.82 -24.70
C TYR A 151 8.50 3.52 -24.80
N ILE A 152 8.53 4.82 -25.11
CA ILE A 152 7.35 5.65 -25.22
C ILE A 152 6.93 5.69 -26.69
N ALA A 153 5.82 5.06 -27.01
CA ALA A 153 5.28 5.11 -28.36
C ALA A 153 3.92 5.79 -28.35
N PRO A 154 3.58 6.55 -29.39
CA PRO A 154 2.47 7.48 -29.31
C PRO A 154 1.08 6.84 -29.38
N MET A 155 0.94 5.74 -30.10
CA MET A 155 -0.36 5.10 -30.31
C MET A 155 -0.36 3.72 -29.68
N ARG A 156 -1.55 3.30 -29.22
CA ARG A 156 -1.67 2.03 -28.51
C ARG A 156 -1.42 0.85 -29.43
N SER A 157 -1.93 0.90 -30.67
CA SER A 157 -1.69 -0.20 -31.59
C SER A 157 -0.20 -0.40 -31.83
N LEU A 158 0.53 0.71 -31.97
CA LEU A 158 1.97 0.66 -32.12
C LEU A 158 2.63 0.06 -30.87
N VAL A 159 2.14 0.43 -29.68
CA VAL A 159 2.66 -0.15 -28.43
C VAL A 159 2.58 -1.67 -28.48
N GLN A 160 1.42 -2.20 -28.84
CA GLN A 160 1.22 -3.64 -28.83
C GLN A 160 2.15 -4.32 -29.82
N GLU A 161 2.23 -3.77 -31.04
CA GLU A 161 3.13 -4.35 -32.02
C GLU A 161 4.57 -4.33 -31.53
N MET A 162 4.99 -3.23 -30.91
CA MET A 162 6.36 -3.11 -30.42
C MET A 162 6.65 -4.14 -29.34
N VAL A 163 5.70 -4.36 -28.41
CA VAL A 163 5.89 -5.39 -27.40
C VAL A 163 6.14 -6.73 -28.06
N GLY A 164 5.32 -7.07 -29.06
CA GLY A 164 5.54 -8.32 -29.77
C GLY A 164 6.93 -8.42 -30.39
N SER A 165 7.30 -7.43 -31.21
CA SER A 165 8.49 -7.58 -32.02
C SER A 165 9.78 -7.47 -31.19
N PHE A 166 9.80 -6.57 -30.19
CA PHE A 166 10.94 -6.50 -29.27
C PHE A 166 11.03 -7.76 -28.41
N GLY A 167 9.91 -8.26 -27.88
CA GLY A 167 9.92 -9.55 -27.20
C GLY A 167 10.60 -10.63 -28.01
N LYS A 168 10.24 -10.74 -29.30
CA LYS A 168 10.85 -11.76 -30.14
C LYS A 168 12.34 -11.50 -30.36
N ARG A 169 12.73 -10.26 -30.62
CA ARG A 169 14.14 -9.99 -30.90
C ARG A 169 15.02 -10.23 -29.68
N LEU A 170 14.48 -10.01 -28.48
CA LEU A 170 15.28 -10.07 -27.26
C LEU A 170 15.03 -11.33 -26.44
N ALA A 171 14.12 -12.20 -26.89
CA ALA A 171 13.83 -13.43 -26.15
C ALA A 171 15.10 -14.24 -25.90
N THR A 172 16.07 -14.18 -26.82
CA THR A 172 17.33 -14.90 -26.61
C THR A 172 18.07 -14.40 -25.37
N TYR A 173 17.67 -13.27 -24.81
CA TYR A 173 18.32 -12.72 -23.63
C TYR A 173 17.50 -12.96 -22.36
N GLY A 174 16.37 -13.64 -22.45
CA GLY A 174 15.57 -13.90 -21.27
C GLY A 174 14.92 -12.67 -20.69
N ILE A 175 14.66 -11.67 -21.54
CA ILE A 175 14.15 -10.36 -21.17
C ILE A 175 12.66 -10.31 -21.44
N THR A 176 11.91 -9.72 -20.50
CA THR A 176 10.48 -9.48 -20.65
C THR A 176 10.24 -8.10 -21.25
N VAL A 177 9.48 -8.05 -22.34
CA VAL A 177 8.95 -6.80 -22.88
C VAL A 177 7.44 -6.82 -22.67
N ALA A 178 6.89 -5.73 -22.14
CA ALA A 178 5.45 -5.72 -21.89
C ALA A 178 4.89 -4.30 -21.91
N GLU A 179 3.59 -4.23 -22.18
CA GLU A 179 2.83 -3.00 -22.05
C GLU A 179 2.21 -2.92 -20.66
N LEU A 180 1.78 -1.72 -20.29
CA LEU A 180 1.10 -1.47 -19.03
C LEU A 180 -0.38 -1.25 -19.30
N THR A 181 -1.23 -2.06 -18.68
CA THR A 181 -2.65 -2.10 -18.99
C THR A 181 -3.45 -1.59 -17.80
N GLY A 182 -4.23 -0.52 -18.02
CA GLY A 182 -5.28 -0.04 -17.14
C GLY A 182 -5.05 -0.04 -15.64
N ASP A 183 -5.74 -0.93 -14.94
CA ASP A 183 -5.72 -0.98 -13.48
C ASP A 183 -4.31 -1.29 -12.98
N HIS A 184 -3.73 -0.37 -12.21
CA HIS A 184 -2.37 -0.51 -11.72
C HIS A 184 -2.23 -0.53 -10.20
N GLN A 185 -3.30 -0.25 -9.46
CA GLN A 185 -3.24 -0.35 -8.01
C GLN A 185 -3.36 -1.79 -7.52
N LEU A 186 -3.90 -2.68 -8.35
CA LEU A 186 -3.79 -4.12 -8.15
C LEU A 186 -2.67 -4.75 -8.96
N CYS A 187 -2.10 -4.03 -9.94
CA CYS A 187 -1.20 -4.61 -10.93
C CYS A 187 0.05 -3.73 -11.15
N LYS A 188 0.81 -3.51 -10.09
CA LYS A 188 2.14 -2.94 -10.22
C LYS A 188 3.21 -4.02 -10.31
N GLU A 189 2.87 -5.27 -10.02
CA GLU A 189 3.80 -6.37 -10.26
C GLU A 189 4.20 -6.45 -11.72
N GLU A 190 3.34 -5.94 -12.62
CA GLU A 190 3.71 -5.72 -14.01
C GLU A 190 5.09 -5.10 -14.13
N ILE A 191 5.31 -3.99 -13.42
CA ILE A 191 6.54 -3.23 -13.57
C ILE A 191 7.72 -4.00 -12.99
N SER A 192 7.53 -4.73 -11.89
CA SER A 192 8.62 -5.52 -11.34
C SER A 192 9.03 -6.65 -12.28
N ALA A 193 8.07 -7.26 -12.97
CA ALA A 193 8.36 -8.41 -13.80
C ALA A 193 9.00 -8.06 -15.14
N THR A 194 8.93 -6.80 -15.55
CA THR A 194 9.30 -6.35 -16.89
C THR A 194 10.64 -5.65 -16.88
N GLN A 195 11.42 -5.86 -17.94
CA GLN A 195 12.63 -5.08 -18.15
C GLN A 195 12.44 -3.98 -19.18
N ILE A 196 11.59 -4.20 -20.18
CA ILE A 196 11.30 -3.22 -21.20
C ILE A 196 9.82 -2.88 -21.16
N ILE A 197 9.50 -1.70 -20.64
CA ILE A 197 8.14 -1.20 -20.52
C ILE A 197 7.81 -0.36 -21.75
N VAL A 198 6.80 -0.77 -22.51
CA VAL A 198 6.36 -0.04 -23.69
C VAL A 198 5.02 0.60 -23.35
N CYS A 199 4.92 1.92 -23.49
CA CYS A 199 3.67 2.60 -23.20
C CYS A 199 3.57 3.90 -23.98
N THR A 200 2.41 4.54 -23.84
CA THR A 200 2.15 5.86 -24.40
C THR A 200 2.79 6.93 -23.52
N PRO A 201 3.00 8.14 -24.07
CA PRO A 201 3.36 9.28 -23.20
C PRO A 201 2.41 9.47 -22.02
N GLU A 202 1.10 9.40 -22.24
CA GLU A 202 0.15 9.71 -21.19
C GLU A 202 0.23 8.69 -20.05
N LYS A 203 0.39 7.41 -20.38
CA LYS A 203 0.49 6.38 -19.35
C LYS A 203 1.72 6.59 -18.47
N TRP A 204 2.87 6.87 -19.09
CA TRP A 204 4.07 7.09 -18.30
C TRP A 204 3.99 8.39 -17.51
N ASP A 205 3.36 9.42 -18.08
CA ASP A 205 3.08 10.63 -17.33
C ASP A 205 2.31 10.30 -16.06
N ILE A 206 1.19 9.58 -16.19
CA ILE A 206 0.34 9.38 -15.03
C ILE A 206 1.03 8.48 -14.01
N ILE A 207 1.84 7.52 -14.46
CA ILE A 207 2.53 6.64 -13.52
C ILE A 207 3.60 7.41 -12.75
N THR A 208 4.49 8.11 -13.45
CA THR A 208 5.50 8.86 -12.71
C THR A 208 4.93 10.08 -11.99
N ARG A 209 3.67 10.46 -12.27
CA ARG A 209 3.06 11.54 -11.50
C ARG A 209 2.85 11.11 -10.05
N LYS A 210 2.55 9.83 -9.81
CA LYS A 210 2.35 9.35 -8.44
C LYS A 210 3.68 9.21 -7.71
N GLY A 211 4.69 8.69 -8.37
CA GLY A 211 5.93 8.46 -7.66
C GLY A 211 5.77 7.32 -6.68
N GLY A 212 5.66 7.62 -5.39
CA GLY A 212 5.71 6.60 -4.36
C GLY A 212 7.13 6.11 -4.16
N GLU A 213 7.46 5.67 -2.95
CA GLU A 213 8.84 5.34 -2.61
C GLU A 213 9.40 4.20 -3.45
N ARG A 214 8.98 2.96 -3.14
CA ARG A 214 9.59 1.77 -3.74
C ARG A 214 9.11 1.55 -5.17
N THR A 215 8.66 2.60 -5.84
CA THR A 215 8.38 2.50 -7.25
C THR A 215 9.65 2.06 -7.97
N TYR A 216 9.48 1.21 -8.98
CA TYR A 216 10.60 0.66 -9.71
C TYR A 216 11.14 1.62 -10.75
N THR A 217 10.73 2.89 -10.69
CA THR A 217 11.26 3.93 -11.56
C THR A 217 12.65 4.41 -11.14
N GLN A 218 13.23 3.83 -10.09
CA GLN A 218 14.61 4.14 -9.75
C GLN A 218 15.60 3.31 -10.57
N LEU A 219 15.11 2.27 -11.26
CA LEU A 219 15.95 1.44 -12.10
C LEU A 219 16.03 1.94 -13.54
N VAL A 220 15.28 2.98 -13.88
CA VAL A 220 15.21 3.44 -15.27
C VAL A 220 16.59 3.94 -15.70
N ARG A 221 17.13 3.31 -16.75
CA ARG A 221 18.42 3.66 -17.29
C ARG A 221 18.35 4.30 -18.65
N LEU A 222 17.30 4.00 -19.42
CA LEU A 222 17.18 4.44 -20.80
C LEU A 222 15.73 4.73 -21.10
N ILE A 223 15.48 5.88 -21.74
CA ILE A 223 14.15 6.29 -22.17
C ILE A 223 14.21 6.53 -23.68
N ILE A 224 13.34 5.85 -24.41
CA ILE A 224 13.26 6.00 -25.84
C ILE A 224 11.95 6.72 -26.15
N LEU A 225 12.06 7.86 -26.82
CA LEU A 225 10.92 8.69 -27.21
C LEU A 225 10.75 8.55 -28.72
N ASP A 226 9.88 7.61 -29.11
CA ASP A 226 9.59 7.35 -30.52
C ASP A 226 8.61 8.38 -31.09
N GLU A 227 8.74 8.66 -32.39
CA GLU A 227 7.90 9.65 -33.07
C GLU A 227 7.81 10.95 -32.28
N ILE A 228 8.99 11.48 -31.92
CA ILE A 228 9.04 12.63 -31.03
C ILE A 228 8.50 13.88 -31.69
N HIS A 229 8.33 13.91 -33.01
CA HIS A 229 7.64 15.05 -33.61
C HIS A 229 6.20 15.19 -33.10
N LEU A 230 5.71 14.22 -32.32
CA LEU A 230 4.47 14.44 -31.57
C LEU A 230 4.53 15.74 -30.77
N LEU A 231 5.72 16.25 -30.46
CA LEU A 231 5.82 17.53 -29.79
C LEU A 231 4.95 18.59 -30.45
N HIS A 232 4.82 18.56 -31.78
CA HIS A 232 3.99 19.53 -32.48
C HIS A 232 2.49 19.32 -32.25
N ASP A 233 2.08 18.18 -31.72
CA ASP A 233 0.68 17.86 -31.49
C ASP A 233 0.17 18.43 -30.16
N ASP A 234 -1.16 18.49 -30.03
CA ASP A 234 -1.73 18.87 -28.73
C ASP A 234 -1.34 17.91 -27.63
N ARG A 235 -0.91 16.69 -27.97
CA ARG A 235 -0.35 15.73 -27.03
C ARG A 235 1.11 15.99 -26.69
N GLY A 236 1.82 16.81 -27.47
CA GLY A 236 3.22 17.06 -27.23
C GLY A 236 3.61 17.53 -25.84
N PRO A 237 2.79 18.34 -25.16
CA PRO A 237 3.21 18.80 -23.83
C PRO A 237 3.43 17.65 -22.86
N VAL A 238 2.87 16.47 -23.15
CA VAL A 238 3.13 15.29 -22.33
C VAL A 238 4.61 14.89 -22.46
N LEU A 239 5.13 14.83 -23.68
CA LEU A 239 6.55 14.56 -23.86
C LEU A 239 7.39 15.64 -23.20
N GLU A 240 6.96 16.90 -23.26
CA GLU A 240 7.74 17.93 -22.59
C GLU A 240 7.76 17.72 -21.07
N ALA A 241 6.61 17.35 -20.49
CA ALA A 241 6.56 17.07 -19.06
C ALA A 241 7.43 15.88 -18.69
N LEU A 242 7.42 14.82 -19.51
CA LEU A 242 8.27 13.67 -19.26
C LEU A 242 9.75 14.03 -19.28
N VAL A 243 10.19 14.77 -20.30
CA VAL A 243 11.62 15.05 -20.41
C VAL A 243 12.08 16.00 -19.31
N ALA A 244 11.30 17.04 -19.04
CA ALA A 244 11.68 17.96 -17.98
C ALA A 244 11.75 17.24 -16.64
N ARG A 245 10.75 16.39 -16.35
CA ARG A 245 10.76 15.60 -15.12
C ARG A 245 11.98 14.69 -15.06
N ALA A 246 12.34 14.05 -16.18
CA ALA A 246 13.46 13.12 -16.19
C ALA A 246 14.77 13.85 -15.90
N ILE A 247 15.00 14.97 -16.59
CA ILE A 247 16.22 15.76 -16.42
C ILE A 247 16.30 16.32 -14.99
N ARG A 248 15.15 16.73 -14.42
CA ARG A 248 15.14 17.13 -13.02
C ARG A 248 15.50 15.98 -12.09
N ASN A 249 14.98 14.78 -12.36
CA ASN A 249 15.32 13.65 -11.50
C ASN A 249 16.79 13.32 -11.61
N ILE A 250 17.36 13.47 -12.81
CA ILE A 250 18.80 13.37 -12.99
C ILE A 250 19.50 14.34 -12.04
N GLU A 251 19.13 15.63 -12.11
CA GLU A 251 19.77 16.63 -11.27
C GLU A 251 19.69 16.24 -9.79
N MET A 252 18.49 15.93 -9.30
CA MET A 252 18.29 15.61 -7.88
C MET A 252 19.09 14.39 -7.45
N THR A 253 18.82 13.24 -8.06
CA THR A 253 19.37 11.98 -7.59
C THR A 253 20.74 11.65 -8.18
N GLN A 254 21.27 12.50 -9.06
CA GLN A 254 22.60 12.36 -9.65
C GLN A 254 22.84 11.04 -10.38
N GLU A 255 21.82 10.19 -10.49
CA GLU A 255 21.86 9.11 -11.46
C GLU A 255 21.71 9.68 -12.86
N ASP A 256 22.32 9.02 -13.83
CA ASP A 256 22.22 9.40 -15.22
C ASP A 256 21.31 8.45 -15.96
N VAL A 257 20.50 8.98 -16.87
CA VAL A 257 19.59 8.19 -17.68
C VAL A 257 19.77 8.65 -19.13
N ARG A 258 19.90 7.68 -20.04
CA ARG A 258 20.12 7.99 -21.44
C ARG A 258 18.79 8.29 -22.13
N LEU A 259 18.75 9.40 -22.87
CA LEU A 259 17.56 9.83 -23.62
C LEU A 259 17.79 9.65 -25.11
N ILE A 260 16.85 8.99 -25.79
CA ILE A 260 16.94 8.72 -27.22
C ILE A 260 15.66 9.24 -27.90
N GLY A 261 15.79 10.16 -28.85
CA GLY A 261 14.64 10.64 -29.62
C GLY A 261 14.64 10.09 -31.04
N LEU A 262 13.47 9.63 -31.49
CA LEU A 262 13.27 9.21 -32.88
C LEU A 262 12.25 10.14 -33.51
N SER A 263 12.66 10.89 -34.53
CA SER A 263 11.82 11.91 -35.12
C SER A 263 11.65 11.71 -36.63
N ALA A 264 10.57 12.28 -37.15
CA ALA A 264 10.48 12.48 -38.59
C ALA A 264 11.43 13.59 -39.02
N THR A 265 11.59 13.76 -40.33
CA THR A 265 12.54 14.76 -40.82
C THR A 265 11.81 16.09 -41.03
N LEU A 266 11.93 16.99 -40.05
CA LEU A 266 11.15 18.22 -40.04
C LEU A 266 11.98 19.34 -39.40
N PRO A 267 11.67 20.60 -39.71
CA PRO A 267 12.47 21.71 -39.18
C PRO A 267 12.35 21.87 -37.66
N ASN A 268 13.45 22.36 -37.06
CA ASN A 268 13.66 22.60 -35.63
C ASN A 268 14.21 21.36 -34.94
N TYR A 269 14.62 20.34 -35.73
CA TYR A 269 15.23 19.16 -35.12
C TYR A 269 16.40 19.54 -34.20
N GLU A 270 17.13 20.62 -34.50
CA GLU A 270 18.26 21.00 -33.65
C GLU A 270 17.78 21.53 -32.31
N ASP A 271 16.64 22.22 -32.30
CA ASP A 271 16.02 22.60 -31.03
C ASP A 271 15.59 21.36 -30.25
N VAL A 272 15.04 20.35 -30.93
CA VAL A 272 14.66 19.11 -30.24
C VAL A 272 15.89 18.48 -29.61
N ALA A 273 17.02 18.51 -30.33
CA ALA A 273 18.29 17.99 -29.80
C ALA A 273 18.72 18.76 -28.55
N THR A 274 18.67 20.08 -28.59
CA THR A 274 18.94 20.85 -27.37
C THR A 274 18.03 20.39 -26.23
N PHE A 275 16.79 20.02 -26.55
CA PHE A 275 15.79 19.73 -25.51
C PHE A 275 16.04 18.37 -24.85
N LEU A 276 16.63 17.43 -25.59
CA LEU A 276 17.03 16.11 -25.11
C LEU A 276 18.46 16.07 -24.59
N ARG A 277 19.14 17.20 -24.49
CA ARG A 277 20.53 17.25 -24.02
C ARG A 277 21.42 16.44 -24.94
N VAL A 278 21.16 16.55 -26.25
CA VAL A 278 21.94 15.86 -27.27
C VAL A 278 23.05 16.79 -27.73
N ASP A 279 24.28 16.31 -27.68
CA ASP A 279 25.39 17.07 -28.24
C ASP A 279 25.27 17.06 -29.76
N PRO A 280 25.15 18.22 -30.42
CA PRO A 280 24.94 18.23 -31.88
C PRO A 280 26.10 17.62 -32.64
N ALA A 281 27.30 17.61 -32.07
CA ALA A 281 28.45 17.03 -32.73
C ALA A 281 28.63 15.55 -32.42
N LYS A 282 27.86 14.99 -31.51
CA LYS A 282 27.99 13.60 -31.13
C LYS A 282 26.70 12.79 -31.28
N GLY A 283 25.53 13.38 -31.05
CA GLY A 283 24.33 12.57 -31.00
C GLY A 283 23.25 12.92 -32.02
N LEU A 284 23.46 13.96 -32.81
CA LEU A 284 22.45 14.41 -33.75
C LEU A 284 22.71 13.84 -35.14
N PHE A 285 21.69 13.21 -35.73
CA PHE A 285 21.79 12.60 -37.05
C PHE A 285 20.55 12.99 -37.84
N TYR A 286 20.73 13.59 -39.02
CA TYR A 286 19.63 13.96 -39.89
C TYR A 286 19.77 13.26 -41.24
N PHE A 287 18.77 12.45 -41.59
CA PHE A 287 18.73 11.76 -42.89
C PHE A 287 17.49 12.22 -43.63
N ASP A 288 17.68 12.87 -44.78
CA ASP A 288 16.57 13.52 -45.45
C ASP A 288 15.70 12.48 -46.15
N ASN A 289 14.67 12.95 -46.87
CA ASN A 289 13.67 12.03 -47.41
C ASN A 289 14.20 11.18 -48.56
N SER A 290 15.42 11.41 -49.05
CA SER A 290 16.01 10.51 -50.04
C SER A 290 16.45 9.19 -49.43
N PHE A 291 16.56 9.13 -48.10
CA PHE A 291 16.90 7.91 -47.37
C PHE A 291 15.67 7.07 -47.08
N ARG A 292 14.53 7.41 -47.66
CA ARG A 292 13.34 6.58 -47.52
C ARG A 292 13.63 5.21 -48.14
N PRO A 293 13.15 4.12 -47.55
CA PRO A 293 13.48 2.79 -48.09
C PRO A 293 13.06 2.62 -49.53
N VAL A 294 11.88 3.11 -49.89
CA VAL A 294 11.36 3.06 -51.25
C VAL A 294 11.04 4.50 -51.66
N PRO A 295 11.58 5.00 -52.77
CA PRO A 295 11.27 6.38 -53.18
C PRO A 295 9.77 6.54 -53.42
N LEU A 296 9.27 7.74 -53.11
CA LEU A 296 7.83 7.99 -53.10
C LEU A 296 7.47 9.04 -54.15
N GLU A 297 6.68 8.63 -55.13
CA GLU A 297 5.92 9.55 -55.97
C GLU A 297 4.69 10.02 -55.20
N GLN A 298 4.51 11.33 -55.08
CA GLN A 298 3.40 11.90 -54.32
C GLN A 298 2.43 12.61 -55.26
N THR A 299 1.13 12.46 -54.98
CA THR A 299 0.08 13.25 -55.59
C THR A 299 -0.79 13.84 -54.51
N TYR A 300 -0.93 15.17 -54.52
CA TYR A 300 -1.84 15.88 -53.63
C TYR A 300 -3.00 16.40 -54.45
N VAL A 301 -4.21 16.18 -53.98
CA VAL A 301 -5.41 16.55 -54.71
C VAL A 301 -6.21 17.49 -53.82
N GLY A 302 -6.19 18.78 -54.12
CA GLY A 302 -6.90 19.77 -53.35
C GLY A 302 -8.16 20.23 -54.06
N ILE A 303 -9.29 19.97 -53.45
CA ILE A 303 -10.59 20.26 -54.04
C ILE A 303 -10.98 21.69 -53.71
N THR A 304 -11.50 22.41 -54.71
CA THR A 304 -11.99 23.75 -54.48
C THR A 304 -13.50 23.83 -54.27
N GLU A 305 -14.27 22.84 -54.75
CA GLU A 305 -15.72 22.90 -54.65
C GLU A 305 -16.20 22.97 -53.20
N LYS A 306 -16.80 24.11 -52.83
CA LYS A 306 -17.15 24.35 -51.43
C LYS A 306 -18.41 23.60 -51.00
N LYS A 307 -19.46 23.60 -51.82
CA LYS A 307 -20.73 23.00 -51.40
C LYS A 307 -20.58 21.50 -51.18
N ALA A 308 -21.09 21.04 -50.04
CA ALA A 308 -20.78 19.70 -49.56
C ALA A 308 -21.26 18.62 -50.51
N ILE A 309 -22.51 18.72 -50.97
CA ILE A 309 -23.16 17.58 -51.60
C ILE A 309 -22.43 17.18 -52.88
N LYS A 310 -21.89 18.14 -53.63
CA LYS A 310 -21.17 17.81 -54.85
C LYS A 310 -19.66 17.69 -54.65
N ARG A 311 -19.12 18.32 -53.60
CA ARG A 311 -17.76 18.01 -53.18
C ARG A 311 -17.60 16.52 -52.86
N PHE A 312 -18.63 15.92 -52.25
CA PHE A 312 -18.59 14.48 -51.94
C PHE A 312 -18.50 13.65 -53.21
N GLN A 313 -19.35 13.93 -54.18
CA GLN A 313 -19.30 13.17 -55.42
C GLN A 313 -17.97 13.40 -56.13
N ILE A 314 -17.46 14.64 -56.09
CA ILE A 314 -16.15 14.93 -56.67
C ILE A 314 -15.08 14.04 -56.05
N MET A 315 -15.12 13.89 -54.72
CA MET A 315 -14.16 13.04 -54.03
C MET A 315 -14.24 11.59 -54.52
N ASN A 316 -15.45 11.05 -54.58
CA ASN A 316 -15.58 9.66 -55.00
C ASN A 316 -15.17 9.48 -56.46
N GLU A 317 -15.34 10.53 -57.28
CA GLU A 317 -14.89 10.46 -58.66
C GLU A 317 -13.37 10.44 -58.75
N ILE A 318 -12.71 11.32 -57.97
CA ILE A 318 -11.25 11.33 -57.97
C ILE A 318 -10.70 9.99 -57.53
N VAL A 319 -11.29 9.40 -56.49
CA VAL A 319 -10.74 8.13 -56.00
C VAL A 319 -11.01 7.01 -57.00
N TYR A 320 -12.18 7.01 -57.65
CA TYR A 320 -12.43 6.02 -58.69
C TYR A 320 -11.41 6.13 -59.82
N GLU A 321 -11.12 7.35 -60.27
CA GLU A 321 -10.17 7.53 -61.36
C GLU A 321 -8.77 7.08 -60.95
N LYS A 322 -8.33 7.49 -59.76
CA LYS A 322 -7.01 7.10 -59.31
C LYS A 322 -6.91 5.58 -59.14
N ILE A 323 -7.96 4.96 -58.59
CA ILE A 323 -7.93 3.52 -58.41
C ILE A 323 -7.90 2.83 -59.77
N MET A 324 -8.54 3.42 -60.79
CA MET A 324 -8.45 2.84 -62.13
C MET A 324 -7.05 2.92 -62.69
N GLU A 325 -6.27 3.93 -62.27
CA GLU A 325 -4.89 3.98 -62.73
C GLU A 325 -4.02 2.83 -62.23
N HIS A 326 -4.53 1.98 -61.33
CA HIS A 326 -3.70 0.93 -60.73
C HIS A 326 -4.38 -0.44 -60.75
N ALA A 327 -5.55 -0.57 -61.38
CA ALA A 327 -6.32 -1.81 -61.34
C ALA A 327 -5.66 -2.87 -62.20
N GLY A 328 -5.24 -3.98 -61.58
CA GLY A 328 -4.56 -5.05 -62.28
C GLY A 328 -3.05 -4.92 -62.37
N LYS A 329 -2.51 -3.74 -62.05
CA LYS A 329 -1.07 -3.53 -61.93
C LYS A 329 -0.63 -3.48 -60.47
N ASN A 330 -1.44 -2.88 -59.59
CA ASN A 330 -1.02 -2.55 -58.22
C ASN A 330 -2.18 -2.66 -57.24
N GLN A 331 -1.89 -3.19 -56.07
CA GLN A 331 -2.83 -3.10 -54.96
C GLN A 331 -2.94 -1.66 -54.48
N VAL A 332 -4.12 -1.28 -54.01
CA VAL A 332 -4.37 0.09 -53.55
C VAL A 332 -4.93 0.04 -52.13
N LEU A 333 -4.16 0.57 -51.19
CA LEU A 333 -4.61 0.73 -49.82
C LEU A 333 -5.21 2.12 -49.68
N VAL A 334 -6.52 2.19 -49.46
CA VAL A 334 -7.21 3.45 -49.24
C VAL A 334 -7.47 3.60 -47.76
N PHE A 335 -7.30 4.83 -47.25
CA PHE A 335 -7.45 5.18 -45.84
C PHE A 335 -8.62 6.12 -45.68
N VAL A 336 -9.55 5.75 -44.80
CA VAL A 336 -10.75 6.52 -44.51
C VAL A 336 -10.85 6.71 -43.01
N HIS A 337 -11.73 7.63 -42.61
CA HIS A 337 -11.69 8.20 -41.27
C HIS A 337 -12.54 7.45 -40.23
N SER A 338 -13.37 6.50 -40.64
CA SER A 338 -14.31 5.88 -39.71
C SER A 338 -14.36 4.37 -39.93
N ARG A 339 -14.73 3.65 -38.87
CA ARG A 339 -15.03 2.23 -39.00
C ARG A 339 -16.19 1.96 -39.94
N LYS A 340 -17.05 2.95 -40.18
CA LYS A 340 -18.21 2.78 -41.04
C LYS A 340 -17.89 3.12 -42.49
N GLU A 341 -17.22 4.25 -42.70
CA GLU A 341 -16.87 4.65 -44.05
C GLU A 341 -15.90 3.68 -44.70
N THR A 342 -15.26 2.78 -43.95
CA THR A 342 -14.38 1.81 -44.58
C THR A 342 -15.18 0.88 -45.51
N GLY A 343 -16.20 0.24 -44.97
CA GLY A 343 -17.09 -0.54 -45.82
C GLY A 343 -17.87 0.32 -46.79
N LYS A 344 -18.36 1.48 -46.34
CA LYS A 344 -19.15 2.32 -47.23
C LYS A 344 -18.37 2.70 -48.48
N THR A 345 -17.08 3.03 -48.34
CA THR A 345 -16.26 3.45 -49.47
C THR A 345 -15.81 2.27 -50.32
N ALA A 346 -15.41 1.16 -49.68
CA ALA A 346 -15.13 -0.05 -50.46
C ALA A 346 -16.30 -0.36 -51.38
N ARG A 347 -17.52 -0.29 -50.84
CA ARG A 347 -18.70 -0.58 -51.65
C ARG A 347 -18.96 0.53 -52.67
N ALA A 348 -18.72 1.79 -52.30
CA ALA A 348 -18.93 2.87 -53.26
C ALA A 348 -18.12 2.64 -54.54
N ILE A 349 -16.84 2.33 -54.39
CA ILE A 349 -16.02 2.16 -55.59
C ILE A 349 -16.24 0.79 -56.24
N ARG A 350 -16.51 -0.27 -55.46
CA ARG A 350 -16.87 -1.56 -56.07
C ARG A 350 -18.11 -1.42 -56.95
N ASP A 351 -19.08 -0.62 -56.52
CA ASP A 351 -20.31 -0.47 -57.26
C ASP A 351 -20.14 0.44 -58.46
N MET A 352 -19.36 1.52 -58.33
CA MET A 352 -19.05 2.30 -59.53
C MET A 352 -18.24 1.49 -60.53
N CYS A 353 -17.47 0.50 -60.06
CA CYS A 353 -16.76 -0.41 -60.94
C CYS A 353 -17.72 -1.32 -61.69
N LEU A 354 -18.62 -1.99 -60.93
CA LEU A 354 -19.67 -2.80 -61.56
C LEU A 354 -20.43 -2.00 -62.62
N GLU A 355 -20.74 -0.74 -62.32
CA GLU A 355 -21.53 0.07 -63.23
C GLU A 355 -20.84 0.27 -64.58
N LYS A 356 -19.52 0.21 -64.61
CA LYS A 356 -18.77 0.45 -65.85
C LYS A 356 -18.06 -0.80 -66.36
N ASP A 357 -18.30 -1.96 -65.76
CA ASP A 357 -17.74 -3.24 -66.21
C ASP A 357 -16.20 -3.22 -66.20
N THR A 358 -15.62 -3.09 -65.00
CA THR A 358 -14.17 -3.03 -64.89
C THR A 358 -13.57 -3.99 -63.87
N LEU A 359 -14.39 -4.77 -63.13
CA LEU A 359 -13.84 -5.65 -62.11
C LEU A 359 -12.91 -6.71 -62.68
N GLY A 360 -13.03 -7.03 -63.97
CA GLY A 360 -12.16 -8.02 -64.57
C GLY A 360 -10.70 -7.61 -64.56
N LEU A 361 -10.42 -6.31 -64.45
CA LEU A 361 -9.04 -5.86 -64.39
C LEU A 361 -8.37 -6.29 -63.09
N PHE A 362 -9.12 -6.28 -61.99
CA PHE A 362 -8.54 -6.59 -60.69
C PHE A 362 -8.06 -8.04 -60.63
N LEU A 363 -8.95 -8.98 -60.92
CA LEU A 363 -8.61 -10.40 -60.95
C LEU A 363 -8.63 -10.85 -62.41
N ARG A 364 -7.45 -11.00 -63.00
CA ARG A 364 -7.35 -11.60 -64.32
C ARG A 364 -7.97 -13.00 -64.29
N GLU A 365 -8.66 -13.36 -65.38
CA GLU A 365 -9.50 -14.54 -65.38
C GLU A 365 -8.70 -15.82 -65.19
N GLY A 366 -9.37 -16.86 -64.71
CA GLY A 366 -8.78 -18.16 -64.52
C GLY A 366 -7.60 -18.19 -63.58
N SER A 367 -7.37 -17.08 -62.87
CA SER A 367 -6.22 -16.98 -61.98
C SER A 367 -6.39 -17.90 -60.77
N ALA A 368 -5.25 -18.36 -60.25
CA ALA A 368 -5.26 -18.98 -58.92
C ALA A 368 -5.80 -18.03 -57.88
N SER A 369 -5.61 -16.72 -58.09
CA SER A 369 -6.04 -15.73 -57.12
C SER A 369 -7.56 -15.71 -56.96
N THR A 370 -8.30 -15.76 -58.07
CA THR A 370 -9.76 -15.70 -57.97
C THR A 370 -10.31 -16.90 -57.22
N GLU A 371 -9.74 -18.09 -57.47
CA GLU A 371 -10.18 -19.28 -56.77
C GLU A 371 -9.84 -19.22 -55.29
N VAL A 372 -8.62 -18.80 -54.95
CA VAL A 372 -8.23 -18.67 -53.54
C VAL A 372 -9.16 -17.70 -52.81
N LEU A 373 -9.47 -16.57 -53.45
CA LEU A 373 -10.31 -15.57 -52.80
C LEU A 373 -11.75 -16.06 -52.65
N ARG A 374 -12.31 -16.71 -53.69
CA ARG A 374 -13.65 -17.25 -53.57
C ARG A 374 -13.75 -18.29 -52.46
N THR A 375 -12.74 -19.17 -52.35
CA THR A 375 -12.74 -20.20 -51.32
C THR A 375 -12.65 -19.59 -49.92
N GLU A 376 -11.74 -18.63 -49.73
CA GLU A 376 -11.58 -18.04 -48.39
C GLU A 376 -12.76 -17.14 -48.01
N ALA A 377 -13.46 -16.57 -48.99
CA ALA A 377 -14.64 -15.77 -48.69
C ALA A 377 -15.86 -16.64 -48.40
N GLU A 378 -15.92 -17.83 -49.00
CA GLU A 378 -17.00 -18.75 -48.65
C GLU A 378 -16.73 -19.47 -47.33
N GLN A 379 -15.47 -19.74 -46.98
CA GLN A 379 -15.18 -20.44 -45.73
C GLN A 379 -15.23 -19.47 -44.55
N CYS A 380 -14.29 -18.52 -44.50
CA CYS A 380 -14.38 -17.42 -43.55
C CYS A 380 -15.38 -16.39 -44.06
N LYS A 381 -16.17 -15.83 -43.14
CA LYS A 381 -17.22 -14.91 -43.56
C LYS A 381 -17.43 -13.80 -42.53
N ASN A 382 -17.39 -12.56 -43.01
CA ASN A 382 -18.01 -11.43 -42.34
C ASN A 382 -19.25 -11.02 -43.13
N LEU A 383 -19.78 -9.85 -42.82
CA LEU A 383 -20.87 -9.28 -43.63
C LEU A 383 -20.30 -8.68 -44.91
N GLU A 384 -19.65 -7.53 -44.78
CA GLU A 384 -19.09 -6.86 -45.94
C GLU A 384 -17.85 -7.58 -46.46
N LEU A 385 -17.11 -8.27 -45.58
CA LEU A 385 -15.91 -8.97 -46.05
C LEU A 385 -16.28 -10.05 -47.07
N LYS A 386 -17.38 -10.76 -46.86
CA LYS A 386 -17.85 -11.69 -47.88
C LYS A 386 -18.53 -10.95 -49.03
N ASP A 387 -19.27 -9.87 -48.72
CA ASP A 387 -19.82 -9.01 -49.77
C ASP A 387 -18.75 -8.40 -50.67
N LEU A 388 -17.47 -8.57 -50.35
CA LEU A 388 -16.43 -7.93 -51.16
C LEU A 388 -15.27 -8.82 -51.60
N LEU A 389 -14.92 -9.88 -50.85
CA LEU A 389 -13.63 -10.54 -51.03
C LEU A 389 -13.40 -11.26 -52.36
N PRO A 390 -14.39 -11.93 -52.97
CA PRO A 390 -14.14 -12.54 -54.28
C PRO A 390 -13.91 -11.53 -55.41
N TYR A 391 -14.06 -10.23 -55.15
CA TYR A 391 -13.82 -9.19 -56.15
C TYR A 391 -12.39 -8.69 -56.16
N GLY A 392 -11.62 -8.96 -55.10
CA GLY A 392 -10.31 -8.36 -54.89
C GLY A 392 -10.30 -7.26 -53.86
N PHE A 393 -11.44 -6.92 -53.28
CA PHE A 393 -11.59 -5.87 -52.29
C PHE A 393 -11.44 -6.43 -50.88
N ALA A 394 -11.36 -5.52 -49.91
CA ALA A 394 -11.29 -5.90 -48.50
C ALA A 394 -11.41 -4.63 -47.65
N ILE A 395 -11.82 -4.81 -46.39
CA ILE A 395 -11.83 -3.74 -45.42
C ILE A 395 -11.14 -4.23 -44.15
N HIS A 396 -10.74 -3.28 -43.30
CA HIS A 396 -10.01 -3.62 -42.09
C HIS A 396 -10.16 -2.48 -41.08
N HIS A 397 -10.56 -2.81 -39.86
CA HIS A 397 -10.69 -1.80 -38.81
C HIS A 397 -10.68 -2.50 -37.45
N ALA A 398 -11.10 -1.78 -36.41
CA ALA A 398 -10.94 -2.24 -35.03
C ALA A 398 -12.12 -3.06 -34.52
N GLY A 399 -13.29 -2.94 -35.13
CA GLY A 399 -14.44 -3.74 -34.73
C GLY A 399 -14.50 -5.09 -35.41
N MET A 400 -13.34 -5.64 -35.74
CA MET A 400 -13.19 -6.83 -36.57
C MET A 400 -12.44 -7.91 -35.79
N THR A 401 -12.82 -9.17 -36.03
CA THR A 401 -12.21 -10.28 -35.30
C THR A 401 -10.72 -10.37 -35.60
N ARG A 402 -9.94 -10.80 -34.59
CA ARG A 402 -8.50 -11.02 -34.77
C ARG A 402 -8.22 -11.95 -35.95
N VAL A 403 -9.01 -13.01 -36.09
CA VAL A 403 -8.78 -13.96 -37.17
C VAL A 403 -9.13 -13.37 -38.53
N ASP A 404 -10.14 -12.50 -38.60
CA ASP A 404 -10.51 -11.89 -39.88
C ASP A 404 -9.53 -10.80 -40.29
N ARG A 405 -9.03 -10.03 -39.31
CA ARG A 405 -7.92 -9.13 -39.57
C ARG A 405 -6.71 -9.91 -40.10
N THR A 406 -6.39 -11.03 -39.45
CA THR A 406 -5.29 -11.88 -39.91
C THR A 406 -5.56 -12.42 -41.30
N LEU A 407 -6.83 -12.70 -41.63
CA LEU A 407 -7.17 -13.19 -42.95
C LEU A 407 -6.92 -12.10 -44.00
N VAL A 408 -7.44 -10.90 -43.75
CA VAL A 408 -7.19 -9.79 -44.66
C VAL A 408 -5.70 -9.57 -44.83
N GLU A 409 -4.94 -9.66 -43.73
CA GLU A 409 -3.50 -9.42 -43.76
C GLU A 409 -2.76 -10.49 -44.55
N ASP A 410 -3.05 -11.77 -44.28
CA ASP A 410 -2.36 -12.86 -44.97
C ASP A 410 -2.74 -12.94 -46.44
N LEU A 411 -3.96 -12.53 -46.80
CA LEU A 411 -4.33 -12.51 -48.20
C LEU A 411 -3.70 -11.33 -48.94
N PHE A 412 -3.65 -10.17 -48.28
CA PHE A 412 -2.99 -9.02 -48.89
C PHE A 412 -1.49 -9.28 -49.06
N ALA A 413 -0.86 -9.88 -48.06
CA ALA A 413 0.57 -10.17 -48.13
C ALA A 413 0.90 -11.09 -49.30
N ASP A 414 0.02 -12.04 -49.59
CA ASP A 414 0.20 -12.91 -50.76
C ASP A 414 -0.05 -12.17 -52.07
N LYS A 415 -0.28 -10.86 -52.04
CA LYS A 415 -0.60 -10.05 -53.21
C LYS A 415 -1.90 -10.53 -53.87
N HIS A 416 -2.91 -10.79 -53.04
CA HIS A 416 -4.19 -11.32 -53.49
C HIS A 416 -5.32 -10.31 -53.51
N ILE A 417 -5.32 -9.33 -52.61
CA ILE A 417 -6.32 -8.27 -52.54
C ILE A 417 -5.84 -7.08 -53.36
N GLN A 418 -6.75 -6.50 -54.15
CA GLN A 418 -6.41 -5.38 -55.02
C GLN A 418 -6.77 -4.03 -54.42
N VAL A 419 -7.90 -3.92 -53.73
CA VAL A 419 -8.33 -2.67 -53.11
C VAL A 419 -8.67 -2.98 -51.65
N LEU A 420 -7.88 -2.45 -50.73
CA LEU A 420 -8.12 -2.63 -49.30
C LEU A 420 -8.39 -1.28 -48.66
N VAL A 421 -9.58 -1.13 -48.06
CA VAL A 421 -9.98 0.11 -47.41
C VAL A 421 -9.88 -0.06 -45.90
N SER A 422 -9.23 0.89 -45.23
CA SER A 422 -8.90 0.72 -43.82
C SER A 422 -8.78 2.07 -43.13
N THR A 423 -8.45 2.01 -41.85
CA THR A 423 -8.36 3.11 -40.92
C THR A 423 -6.92 3.26 -40.44
N ALA A 424 -6.67 4.28 -39.61
CA ALA A 424 -5.31 4.52 -39.15
C ALA A 424 -4.76 3.40 -38.28
N THR A 425 -5.64 2.63 -37.62
CA THR A 425 -5.19 1.54 -36.76
C THR A 425 -4.28 0.58 -37.52
N LEU A 426 -4.62 0.28 -38.77
CA LEU A 426 -3.79 -0.61 -39.56
C LEU A 426 -2.46 0.05 -39.90
N ALA A 427 -2.49 1.35 -40.15
CA ALA A 427 -1.23 2.08 -40.36
C ALA A 427 -0.30 1.91 -39.16
N TRP A 428 -0.85 1.94 -37.95
CA TRP A 428 -0.01 1.98 -36.75
C TRP A 428 0.40 0.61 -36.24
N GLY A 429 -0.49 -0.38 -36.28
CA GLY A 429 -0.27 -1.64 -35.59
C GLY A 429 0.04 -2.85 -36.46
N VAL A 430 -0.24 -2.78 -37.75
CA VAL A 430 0.05 -3.87 -38.67
C VAL A 430 1.14 -3.44 -39.65
N ASN A 431 2.07 -4.35 -39.93
CA ASN A 431 3.22 -4.09 -40.80
C ASN A 431 2.86 -4.51 -42.23
N LEU A 432 1.92 -3.76 -42.81
CA LEU A 432 1.23 -4.12 -44.05
C LEU A 432 1.31 -3.00 -45.07
N PRO A 433 2.34 -2.98 -45.91
CA PRO A 433 2.43 -1.96 -46.95
C PRO A 433 1.62 -2.31 -48.19
N ALA A 434 1.55 -1.35 -49.11
CA ALA A 434 0.83 -1.52 -50.36
C ALA A 434 1.43 -0.55 -51.36
N HIS A 435 1.48 -0.98 -52.63
CA HIS A 435 2.20 -0.21 -53.62
C HIS A 435 1.62 1.19 -53.76
N THR A 436 0.29 1.30 -53.80
CA THR A 436 -0.37 2.59 -53.90
C THR A 436 -1.18 2.81 -52.63
N VAL A 437 -1.12 4.04 -52.11
CA VAL A 437 -1.89 4.45 -50.95
C VAL A 437 -2.68 5.68 -51.34
N ILE A 438 -3.95 5.71 -50.96
CA ILE A 438 -4.84 6.85 -51.18
C ILE A 438 -5.41 7.24 -49.83
N ILE A 439 -5.14 8.46 -49.40
CA ILE A 439 -5.76 9.01 -48.20
C ILE A 439 -6.97 9.80 -48.67
N LYS A 440 -8.17 9.21 -48.52
CA LYS A 440 -9.42 9.79 -49.03
C LYS A 440 -9.96 10.78 -48.01
N GLY A 441 -9.56 12.05 -48.17
CA GLY A 441 -10.02 13.11 -47.30
C GLY A 441 -9.22 13.17 -46.02
N THR A 442 -8.92 14.38 -45.54
CA THR A 442 -8.09 14.57 -44.36
C THR A 442 -8.88 15.13 -43.18
N GLN A 443 -10.19 15.02 -43.22
CA GLN A 443 -11.03 15.52 -42.13
C GLN A 443 -11.48 14.36 -41.24
N VAL A 444 -11.52 14.62 -39.94
CA VAL A 444 -11.94 13.66 -38.92
C VAL A 444 -12.71 14.41 -37.86
N TYR A 445 -13.66 13.72 -37.23
CA TYR A 445 -14.45 14.30 -36.15
C TYR A 445 -13.70 14.16 -34.83
N SER A 446 -13.42 15.29 -34.17
CA SER A 446 -12.81 15.31 -32.85
C SER A 446 -13.87 15.65 -31.81
N PRO A 447 -14.23 14.72 -30.91
CA PRO A 447 -15.15 15.08 -29.83
C PRO A 447 -14.55 16.04 -28.82
N GLU A 448 -13.26 15.87 -28.51
CA GLU A 448 -12.61 16.79 -27.58
C GLU A 448 -12.68 18.22 -28.08
N LYS A 449 -12.54 18.42 -29.38
CA LYS A 449 -12.70 19.74 -29.95
C LYS A 449 -14.13 20.06 -30.30
N GLY A 450 -14.98 19.03 -30.37
CA GLY A 450 -16.39 19.23 -30.61
C GLY A 450 -16.76 19.53 -32.03
N ARG A 451 -15.94 19.09 -32.99
CA ARG A 451 -16.18 19.45 -34.39
C ARG A 451 -15.25 18.65 -35.29
N TRP A 452 -15.39 18.89 -36.60
CA TRP A 452 -14.47 18.32 -37.56
C TRP A 452 -13.18 19.13 -37.56
N THR A 453 -12.05 18.43 -37.63
CA THR A 453 -10.74 19.02 -37.73
C THR A 453 -9.94 18.20 -38.73
N GLU A 454 -8.70 18.62 -38.96
CA GLU A 454 -7.83 17.90 -39.87
C GLU A 454 -7.19 16.71 -39.17
N LEU A 455 -6.87 15.68 -39.94
CA LEU A 455 -6.01 14.61 -39.44
C LEU A 455 -4.74 15.17 -38.84
N GLY A 456 -4.31 14.57 -37.72
CA GLY A 456 -3.02 14.88 -37.16
C GLY A 456 -1.89 14.50 -38.09
N ALA A 457 -0.73 15.09 -37.82
CA ALA A 457 0.43 14.86 -38.66
C ALA A 457 0.95 13.42 -38.55
N LEU A 458 1.01 12.89 -37.33
CA LEU A 458 1.53 11.53 -37.15
C LEU A 458 0.74 10.51 -37.96
N ASP A 459 -0.58 10.65 -37.97
CA ASP A 459 -1.41 9.77 -38.78
C ASP A 459 -1.04 9.87 -40.27
N ILE A 460 -1.02 11.09 -40.81
CA ILE A 460 -0.73 11.27 -42.24
C ILE A 460 0.63 10.68 -42.58
N LEU A 461 1.65 11.01 -41.78
CA LEU A 461 3.00 10.53 -42.03
C LEU A 461 3.04 9.02 -42.02
N GLN A 462 2.37 8.40 -41.05
CA GLN A 462 2.38 6.94 -40.94
C GLN A 462 1.71 6.28 -42.14
N MET A 463 0.53 6.79 -42.52
CA MET A 463 -0.21 6.18 -43.62
C MET A 463 0.56 6.30 -44.93
N LEU A 464 1.04 7.50 -45.28
CA LEU A 464 1.84 7.60 -46.50
C LEU A 464 3.18 6.90 -46.36
N GLY A 465 3.66 6.68 -45.14
CA GLY A 465 4.82 5.83 -44.98
C GLY A 465 4.55 4.43 -45.45
N ARG A 466 3.29 3.98 -45.36
CA ARG A 466 2.94 2.62 -45.83
C ARG A 466 2.91 2.46 -47.36
N ALA A 467 3.43 3.44 -48.10
CA ALA A 467 3.32 3.43 -49.55
C ALA A 467 4.57 2.80 -50.15
N GLY A 468 4.38 1.72 -50.90
CA GLY A 468 5.48 0.98 -51.50
C GLY A 468 5.96 -0.17 -50.63
N ARG A 469 5.73 -1.41 -51.08
CA ARG A 469 6.20 -2.58 -50.36
C ARG A 469 7.73 -2.66 -50.42
N PRO A 470 8.39 -2.95 -49.30
CA PRO A 470 9.83 -2.70 -49.21
C PRO A 470 10.69 -3.50 -50.18
N GLN A 471 10.30 -4.73 -50.53
CA GLN A 471 11.12 -5.54 -51.42
C GLN A 471 10.52 -5.80 -52.79
N TYR A 472 9.24 -5.48 -52.99
CA TYR A 472 8.57 -5.84 -54.23
C TYR A 472 8.38 -4.69 -55.21
N ASP A 473 8.49 -3.45 -54.73
CA ASP A 473 8.18 -2.27 -55.53
C ASP A 473 9.43 -1.43 -55.74
N THR A 474 9.58 -0.88 -56.93
CA THR A 474 10.67 0.06 -57.17
C THR A 474 10.30 1.50 -56.81
N LYS A 475 9.01 1.77 -56.57
CA LYS A 475 8.55 3.07 -56.11
C LYS A 475 7.15 2.91 -55.50
N GLY A 476 6.87 3.73 -54.50
CA GLY A 476 5.52 3.83 -53.96
C GLY A 476 4.79 5.02 -54.57
N GLU A 477 3.47 5.02 -54.40
CA GLU A 477 2.66 6.11 -54.93
C GLU A 477 1.62 6.48 -53.88
N GLY A 478 1.89 7.57 -53.15
CA GLY A 478 0.95 8.09 -52.18
C GLY A 478 0.13 9.20 -52.78
N ILE A 479 -1.19 9.11 -52.59
CA ILE A 479 -2.14 10.04 -53.17
C ILE A 479 -2.95 10.61 -52.02
N LEU A 480 -2.78 11.88 -51.73
CA LEU A 480 -3.49 12.52 -50.63
C LEU A 480 -4.58 13.42 -51.19
N ILE A 481 -5.82 13.24 -50.73
CA ILE A 481 -6.95 14.02 -51.19
C ILE A 481 -7.45 14.88 -50.04
N THR A 482 -7.45 16.20 -50.21
CA THR A 482 -7.88 17.13 -49.17
C THR A 482 -8.53 18.35 -49.81
N SER A 483 -8.88 19.33 -48.97
CA SER A 483 -9.35 20.62 -49.42
C SER A 483 -8.18 21.45 -49.93
N HIS A 484 -8.45 22.26 -50.96
CA HIS A 484 -7.38 23.01 -51.63
C HIS A 484 -6.63 23.91 -50.65
N GLY A 485 -7.35 24.52 -49.71
CA GLY A 485 -6.70 25.42 -48.77
C GLY A 485 -5.66 24.75 -47.88
N GLU A 486 -5.67 23.43 -47.80
CA GLU A 486 -4.74 22.70 -46.96
C GLU A 486 -3.52 22.19 -47.72
N LEU A 487 -3.43 22.43 -49.04
CA LEU A 487 -2.33 21.88 -49.81
C LEU A 487 -0.97 22.28 -49.24
N GLN A 488 -0.74 23.58 -49.02
CA GLN A 488 0.56 24.02 -48.53
C GLN A 488 0.94 23.26 -47.26
N TYR A 489 -0.04 22.92 -46.42
CA TYR A 489 0.26 22.20 -45.19
C TYR A 489 0.81 20.80 -45.48
N TYR A 490 0.11 20.02 -46.31
CA TYR A 490 0.54 18.64 -46.45
C TYR A 490 1.84 18.58 -47.23
N LEU A 491 1.95 19.43 -48.26
CA LEU A 491 3.21 19.60 -48.99
C LEU A 491 4.35 19.91 -48.03
N SER A 492 4.09 20.70 -46.99
CA SER A 492 5.16 20.99 -46.05
C SER A 492 5.47 19.76 -45.20
N LEU A 493 4.40 19.09 -44.72
CA LEU A 493 4.58 17.96 -43.84
C LEU A 493 5.41 16.87 -44.49
N LEU A 494 5.08 16.53 -45.73
CA LEU A 494 5.78 15.43 -46.37
C LEU A 494 7.03 15.86 -47.11
N ASN A 495 7.50 17.10 -46.93
CA ASN A 495 8.72 17.51 -47.63
C ASN A 495 9.64 18.31 -46.72
N GLN A 496 9.74 17.89 -45.46
CA GLN A 496 10.79 18.35 -44.55
C GLN A 496 10.62 19.81 -44.15
N GLN A 497 9.41 20.38 -44.28
CA GLN A 497 9.29 21.82 -44.11
C GLN A 497 8.21 22.27 -43.14
N LEU A 498 7.54 21.36 -42.43
CA LEU A 498 6.58 21.78 -41.43
C LEU A 498 7.26 21.81 -40.06
N PRO A 499 7.55 23.00 -39.51
CA PRO A 499 8.40 23.06 -38.30
C PRO A 499 7.71 22.51 -37.08
N ILE A 500 8.52 21.93 -36.18
CA ILE A 500 8.02 21.33 -34.97
C ILE A 500 7.96 22.40 -33.88
N GLU A 501 6.77 22.80 -33.50
CA GLU A 501 6.62 23.83 -32.47
C GLU A 501 6.22 23.20 -31.15
N SER A 502 6.24 24.03 -30.10
CA SER A 502 5.82 23.60 -28.76
C SER A 502 4.37 24.01 -28.54
N GLN A 503 3.55 23.07 -28.06
CA GLN A 503 2.13 23.32 -27.80
C GLN A 503 1.81 23.44 -26.32
N MET A 504 2.80 23.61 -25.46
CA MET A 504 2.56 23.39 -24.04
C MET A 504 2.04 24.60 -23.29
N VAL A 505 1.91 25.76 -23.93
CA VAL A 505 1.54 26.93 -23.16
C VAL A 505 0.15 26.79 -22.57
N SER A 506 -0.74 26.02 -23.22
CA SER A 506 -2.06 25.84 -22.64
C SER A 506 -2.04 24.89 -21.44
N LYS A 507 -1.23 23.84 -21.51
CA LYS A 507 -1.20 22.83 -20.46
C LYS A 507 -0.31 23.25 -19.30
N LEU A 508 0.29 24.43 -19.35
CA LEU A 508 1.21 24.83 -18.30
C LEU A 508 0.62 24.73 -16.89
N PRO A 509 -0.59 25.24 -16.59
CA PRO A 509 -1.10 25.05 -15.20
C PRO A 509 -1.14 23.59 -14.76
N ASP A 510 -1.71 22.68 -15.56
CA ASP A 510 -1.77 21.27 -15.16
C ASP A 510 -0.37 20.65 -14.98
N MET A 511 0.56 20.92 -15.91
CA MET A 511 1.91 20.33 -15.80
C MET A 511 2.65 20.87 -14.57
N LEU A 512 2.49 22.17 -14.30
CA LEU A 512 3.13 22.78 -13.15
C LEU A 512 2.63 22.16 -11.86
N ASN A 513 1.29 21.99 -11.76
CA ASN A 513 0.72 21.36 -10.59
C ASN A 513 1.25 19.94 -10.41
N ALA A 514 1.42 19.18 -11.50
CA ALA A 514 2.03 17.85 -11.38
C ALA A 514 3.40 17.93 -10.72
N GLU A 515 4.22 18.90 -11.12
CA GLU A 515 5.53 18.98 -10.49
C GLU A 515 5.45 19.47 -9.04
N ILE A 516 4.45 20.29 -8.71
CA ILE A 516 4.31 20.73 -7.32
C ILE A 516 3.88 19.56 -6.45
N VAL A 517 2.93 18.76 -6.94
CA VAL A 517 2.44 17.60 -6.20
C VAL A 517 3.57 16.61 -5.94
N LEU A 518 4.46 16.43 -6.93
CA LEU A 518 5.60 15.53 -6.74
C LEU A 518 6.63 16.11 -5.78
N GLY A 519 6.59 17.40 -5.51
CA GLY A 519 7.66 18.04 -4.76
C GLY A 519 8.88 18.40 -5.57
N ASN A 520 8.88 18.18 -6.89
CA ASN A 520 10.01 18.61 -7.71
C ASN A 520 10.08 20.13 -7.81
N VAL A 521 8.96 20.83 -7.65
CA VAL A 521 8.88 22.28 -7.72
C VAL A 521 8.17 22.75 -6.46
N GLN A 522 8.91 23.41 -5.57
CA GLN A 522 8.39 23.89 -4.30
C GLN A 522 8.16 25.39 -4.27
N ASN A 523 8.61 26.12 -5.28
CA ASN A 523 8.46 27.57 -5.34
C ASN A 523 8.66 27.97 -6.79
N ALA A 524 8.55 29.28 -7.03
CA ALA A 524 8.62 29.82 -8.40
C ALA A 524 10.03 29.75 -8.99
N LYS A 525 11.07 29.82 -8.16
CA LYS A 525 12.40 29.68 -8.73
C LYS A 525 12.61 28.26 -9.27
N ASP A 526 12.19 27.25 -8.52
CA ASP A 526 12.17 25.88 -9.03
C ASP A 526 11.37 25.81 -10.32
N ALA A 527 10.17 26.40 -10.34
CA ALA A 527 9.36 26.30 -11.55
C ALA A 527 10.05 26.95 -12.73
N VAL A 528 10.81 28.02 -12.51
CA VAL A 528 11.51 28.67 -13.61
C VAL A 528 12.59 27.74 -14.15
N ASN A 529 13.36 27.13 -13.24
CA ASN A 529 14.39 26.18 -13.68
C ASN A 529 13.77 24.97 -14.36
N TRP A 530 12.61 24.54 -13.89
CA TRP A 530 11.92 23.44 -14.54
C TRP A 530 11.49 23.82 -15.94
N LEU A 531 10.89 25.02 -16.06
CA LEU A 531 10.39 25.47 -17.36
C LEU A 531 11.53 25.63 -18.35
N GLY A 532 12.73 25.95 -17.87
CA GLY A 532 13.91 25.98 -18.74
C GLY A 532 14.31 24.63 -19.30
N TYR A 533 13.64 23.56 -18.92
CA TYR A 533 13.84 22.24 -19.53
C TYR A 533 12.79 21.92 -20.55
N ALA A 534 11.73 22.71 -20.63
CA ALA A 534 10.67 22.51 -21.61
C ALA A 534 11.18 22.75 -23.03
N TYR A 535 10.54 22.09 -24.01
CA TYR A 535 10.83 22.43 -25.39
C TYR A 535 10.29 23.82 -25.74
N LEU A 536 9.25 24.23 -25.04
CA LEU A 536 8.75 25.59 -25.19
C LEU A 536 9.85 26.61 -24.94
N TYR A 537 10.74 26.33 -23.99
CA TYR A 537 11.72 27.35 -23.63
C TYR A 537 12.74 27.51 -24.74
N ILE A 538 13.20 26.38 -25.28
CA ILE A 538 14.12 26.40 -26.42
C ILE A 538 13.51 27.14 -27.60
N ARG A 539 12.25 26.83 -27.94
CA ARG A 539 11.65 27.51 -29.09
C ARG A 539 11.45 29.00 -28.83
N MET A 540 11.17 29.37 -27.57
CA MET A 540 11.06 30.79 -27.22
C MET A 540 12.38 31.52 -27.41
N LEU A 541 13.48 30.90 -26.98
CA LEU A 541 14.78 31.54 -27.16
C LEU A 541 15.09 31.68 -28.64
N ARG A 542 14.72 30.69 -29.45
CA ARG A 542 15.18 30.69 -30.84
C ARG A 542 14.25 31.44 -31.78
N SER A 543 12.99 31.62 -31.42
CA SER A 543 12.01 32.32 -32.27
C SER A 543 11.02 33.04 -31.37
N PRO A 544 11.45 34.08 -30.68
CA PRO A 544 10.57 34.72 -29.68
C PRO A 544 9.29 35.28 -30.27
N THR A 545 9.34 35.81 -31.49
CA THR A 545 8.15 36.45 -32.07
C THR A 545 7.04 35.43 -32.25
N LEU A 546 7.39 34.20 -32.59
CA LEU A 546 6.38 33.16 -32.71
C LEU A 546 5.64 32.91 -31.39
N TYR A 547 6.32 33.11 -30.25
CA TYR A 547 5.76 32.83 -28.93
C TYR A 547 5.34 34.09 -28.16
N GLY A 548 5.24 35.24 -28.82
CA GLY A 548 4.76 36.45 -28.17
C GLY A 548 5.80 37.31 -27.48
N ILE A 549 7.07 37.15 -27.80
CA ILE A 549 8.16 37.93 -27.22
C ILE A 549 8.74 38.80 -28.33
N SER A 550 8.79 40.11 -28.12
CA SER A 550 9.47 40.95 -29.10
C SER A 550 10.98 40.72 -29.04
N HIS A 551 11.66 40.96 -30.18
CA HIS A 551 13.12 40.80 -30.21
C HIS A 551 13.80 41.72 -29.22
N ASP A 552 13.20 42.88 -28.97
CA ASP A 552 13.73 43.81 -27.99
C ASP A 552 13.38 43.38 -26.56
N ASP A 553 12.27 42.65 -26.38
CA ASP A 553 12.01 42.00 -25.09
C ASP A 553 13.04 40.93 -24.79
N LEU A 554 13.50 40.23 -25.82
CA LEU A 554 14.51 39.19 -25.61
C LEU A 554 15.89 39.80 -25.35
N LYS A 555 16.27 40.84 -26.10
CA LYS A 555 17.57 41.47 -25.85
C LYS A 555 17.67 42.10 -24.47
N GLY A 556 16.54 42.39 -23.82
CA GLY A 556 16.51 42.91 -22.48
C GLY A 556 16.32 41.85 -21.41
N ASP A 557 16.32 40.58 -21.78
CA ASP A 557 15.98 39.46 -20.93
C ASP A 557 16.53 38.21 -21.60
N PRO A 558 17.84 38.14 -21.83
CA PRO A 558 18.35 37.17 -22.82
C PRO A 558 18.13 35.72 -22.43
N LEU A 559 18.07 35.39 -21.16
CA LEU A 559 17.71 34.03 -20.79
C LEU A 559 16.21 33.81 -20.64
N LEU A 560 15.39 34.83 -20.93
CA LEU A 560 13.95 34.79 -20.68
C LEU A 560 13.65 34.40 -19.22
N ASP A 561 14.43 34.98 -18.29
CA ASP A 561 14.15 34.82 -16.86
C ASP A 561 12.84 35.48 -16.48
N GLN A 562 12.66 36.74 -16.89
CA GLN A 562 11.47 37.48 -16.51
C GLN A 562 10.24 36.90 -17.16
N ARG A 563 10.36 36.45 -18.41
CA ARG A 563 9.24 35.85 -19.10
C ARG A 563 8.83 34.52 -18.46
N ARG A 564 9.81 33.71 -18.06
CA ARG A 564 9.46 32.46 -17.38
C ARG A 564 8.84 32.73 -16.01
N LEU A 565 9.35 33.73 -15.29
CA LEU A 565 8.72 34.12 -14.03
C LEU A 565 7.27 34.54 -14.26
N ASP A 566 6.99 35.26 -15.35
CA ASP A 566 5.62 35.72 -15.59
C ASP A 566 4.69 34.57 -15.94
N LEU A 567 5.15 33.63 -16.78
CA LEU A 567 4.34 32.45 -17.07
C LEU A 567 4.06 31.64 -15.82
N VAL A 568 5.08 31.42 -14.98
CA VAL A 568 4.89 30.60 -13.79
C VAL A 568 3.96 31.30 -12.81
N HIS A 569 4.11 32.63 -12.69
CA HIS A 569 3.20 33.46 -11.92
C HIS A 569 1.76 33.28 -12.38
N THR A 570 1.52 33.44 -13.68
CA THR A 570 0.18 33.31 -14.23
C THR A 570 -0.41 31.93 -13.95
N ALA A 571 0.40 30.88 -14.12
CA ALA A 571 -0.12 29.55 -13.91
C ALA A 571 -0.40 29.31 -12.43
N ALA A 572 0.49 29.79 -11.57
CA ALA A 572 0.34 29.57 -10.15
C ALA A 572 -0.89 30.32 -9.63
N LEU A 573 -1.14 31.51 -10.14
CA LEU A 573 -2.36 32.23 -9.82
C LEU A 573 -3.59 31.45 -10.27
N MET A 574 -3.53 30.85 -11.47
CA MET A 574 -4.66 30.05 -11.91
C MET A 574 -4.90 28.87 -10.98
N LEU A 575 -3.83 28.19 -10.56
CA LEU A 575 -4.01 27.02 -9.71
C LEU A 575 -4.47 27.41 -8.32
N ASP A 576 -4.03 28.58 -7.84
CA ASP A 576 -4.42 29.01 -6.52
C ASP A 576 -5.88 29.46 -6.50
N LYS A 577 -6.35 30.10 -7.57
CA LYS A 577 -7.76 30.47 -7.62
C LYS A 577 -8.65 29.24 -7.59
N ASN A 578 -8.23 28.16 -8.24
CA ASN A 578 -9.01 26.92 -8.22
C ASN A 578 -8.66 26.01 -7.03
N ASN A 579 -7.90 26.50 -6.06
CA ASN A 579 -7.63 25.79 -4.80
C ASN A 579 -6.86 24.50 -4.99
N LEU A 580 -6.08 24.38 -6.07
CA LEU A 580 -5.18 23.23 -6.16
C LEU A 580 -3.88 23.46 -5.39
N VAL A 581 -3.50 24.72 -5.21
CA VAL A 581 -2.22 25.13 -4.67
C VAL A 581 -2.45 26.36 -3.79
N LYS A 582 -1.66 26.51 -2.74
CA LYS A 582 -1.64 27.78 -2.01
C LYS A 582 -0.35 28.51 -2.38
N TYR A 583 -0.50 29.64 -3.05
CA TYR A 583 0.62 30.36 -3.65
C TYR A 583 0.86 31.64 -2.85
N ASP A 584 1.97 31.66 -2.11
CA ASP A 584 2.47 32.87 -1.47
C ASP A 584 3.28 33.68 -2.50
N LYS A 585 2.69 34.81 -2.94
CA LYS A 585 3.25 35.61 -4.03
C LYS A 585 4.57 36.27 -3.63
N LYS A 586 4.65 36.84 -2.43
CA LYS A 586 5.89 37.49 -2.02
C LYS A 586 7.07 36.52 -2.04
N THR A 587 6.94 35.39 -1.33
CA THR A 587 8.02 34.40 -1.26
C THR A 587 8.09 33.53 -2.50
N GLY A 588 7.04 33.51 -3.33
CA GLY A 588 6.98 32.57 -4.43
C GLY A 588 6.72 31.14 -4.02
N ASN A 589 6.32 30.90 -2.77
CA ASN A 589 6.24 29.54 -2.28
C ASN A 589 4.93 28.89 -2.70
N PHE A 590 5.01 27.58 -2.96
CA PHE A 590 3.88 26.76 -3.35
C PHE A 590 3.62 25.74 -2.26
N GLN A 591 2.35 25.63 -1.86
CA GLN A 591 1.91 24.61 -0.93
C GLN A 591 0.96 23.68 -1.67
N VAL A 592 1.24 22.38 -1.60
CA VAL A 592 0.36 21.38 -2.15
C VAL A 592 -0.93 21.27 -1.34
N THR A 593 -1.97 20.72 -1.98
CA THR A 593 -3.24 20.40 -1.36
C THR A 593 -3.68 19.01 -1.83
N GLU A 594 -4.61 18.42 -1.07
CA GLU A 594 -5.17 17.14 -1.46
C GLU A 594 -5.89 17.25 -2.78
N LEU A 595 -6.61 18.35 -2.99
CA LEU A 595 -7.28 18.57 -4.27
C LEU A 595 -6.28 18.63 -5.42
N GLY A 596 -5.16 19.34 -5.21
CA GLY A 596 -4.13 19.35 -6.23
C GLY A 596 -3.62 17.95 -6.51
N ARG A 597 -3.31 17.21 -5.44
CA ARG A 597 -2.83 15.85 -5.64
C ARG A 597 -3.83 15.05 -6.45
N ILE A 598 -5.12 15.15 -6.13
CA ILE A 598 -6.10 14.36 -6.85
C ILE A 598 -6.13 14.76 -8.32
N ALA A 599 -6.08 16.07 -8.60
CA ALA A 599 -6.04 16.50 -10.00
C ALA A 599 -4.86 15.86 -10.73
N SER A 600 -3.69 15.81 -10.09
CA SER A 600 -2.52 15.27 -10.79
C SER A 600 -2.60 13.76 -10.96
N HIS A 601 -2.83 13.05 -9.86
CA HIS A 601 -2.84 11.60 -9.85
C HIS A 601 -3.93 10.98 -10.73
N TYR A 602 -5.00 11.70 -11.00
CA TYR A 602 -6.06 11.14 -11.84
C TYR A 602 -6.13 11.83 -13.20
N TYR A 603 -5.13 12.64 -13.55
CA TYR A 603 -5.05 13.25 -14.88
C TYR A 603 -6.28 14.13 -15.17
N ILE A 604 -6.73 14.89 -14.16
CA ILE A 604 -7.88 15.80 -14.26
C ILE A 604 -7.36 17.21 -14.46
N THR A 605 -7.98 17.94 -15.36
CA THR A 605 -7.59 19.32 -15.58
C THR A 605 -8.06 20.20 -14.42
N ASN A 606 -7.37 21.33 -14.18
CA ASN A 606 -7.53 21.99 -12.88
C ASN A 606 -8.89 22.67 -12.72
N ASP A 607 -9.47 23.20 -13.80
CA ASP A 607 -10.82 23.75 -13.69
C ASP A 607 -11.83 22.71 -13.25
N THR A 608 -11.64 21.46 -13.65
CA THR A 608 -12.60 20.43 -13.28
C THR A 608 -12.60 20.17 -11.78
N VAL A 609 -11.43 19.98 -11.15
CA VAL A 609 -11.49 19.78 -9.72
C VAL A 609 -12.00 21.02 -9.02
N GLN A 610 -11.81 22.22 -9.60
CA GLN A 610 -12.44 23.37 -8.97
C GLN A 610 -13.97 23.20 -8.94
N THR A 611 -14.53 22.75 -10.05
CA THR A 611 -15.97 22.44 -10.08
C THR A 611 -16.34 21.39 -9.04
N TYR A 612 -15.61 20.28 -9.01
CA TYR A 612 -15.94 19.21 -8.07
C TYR A 612 -15.92 19.73 -6.64
N ASN A 613 -14.90 20.52 -6.29
CA ASN A 613 -14.82 21.12 -4.97
C ASN A 613 -15.99 22.08 -4.72
N GLN A 614 -16.50 22.72 -5.75
CA GLN A 614 -17.62 23.64 -5.56
C GLN A 614 -18.93 22.92 -5.31
N LEU A 615 -19.21 21.87 -6.08
CA LEU A 615 -20.55 21.31 -6.14
C LEU A 615 -20.72 20.07 -5.28
N LEU A 616 -19.65 19.35 -5.00
CA LEU A 616 -19.76 18.13 -4.22
C LEU A 616 -20.14 18.47 -2.78
N LYS A 617 -21.22 17.84 -2.32
CA LYS A 617 -21.78 18.00 -0.99
C LYS A 617 -22.21 16.63 -0.49
N PRO A 618 -22.16 16.40 0.82
CA PRO A 618 -22.52 15.06 1.33
C PRO A 618 -23.98 14.70 1.09
N THR A 619 -24.84 15.69 0.95
CA THR A 619 -26.25 15.44 0.71
C THR A 619 -26.56 15.19 -0.76
N LEU A 620 -25.56 15.15 -1.63
CA LEU A 620 -25.79 15.06 -3.06
C LEU A 620 -26.55 13.79 -3.43
N SER A 621 -27.49 13.92 -4.35
CA SER A 621 -28.21 12.76 -4.86
C SER A 621 -27.56 12.27 -6.15
N GLU A 622 -27.98 11.07 -6.61
CA GLU A 622 -27.54 10.56 -7.91
C GLU A 622 -27.76 11.60 -8.99
N ILE A 623 -28.93 12.26 -8.97
CA ILE A 623 -29.26 13.26 -9.99
C ILE A 623 -28.16 14.32 -10.06
N GLU A 624 -27.86 14.91 -8.91
CA GLU A 624 -26.85 15.95 -8.89
C GLU A 624 -25.46 15.40 -9.16
N LEU A 625 -25.16 14.16 -8.76
CA LEU A 625 -23.86 13.58 -9.08
C LEU A 625 -23.65 13.48 -10.60
N PHE A 626 -24.66 12.96 -11.31
CA PHE A 626 -24.51 12.88 -12.76
C PHE A 626 -24.35 14.26 -13.36
N ARG A 627 -25.02 15.27 -12.79
CA ARG A 627 -24.86 16.63 -13.32
C ARG A 627 -23.46 17.19 -13.05
N VAL A 628 -22.97 17.02 -11.83
CA VAL A 628 -21.60 17.41 -11.50
C VAL A 628 -20.62 16.80 -12.51
N PHE A 629 -20.76 15.50 -12.77
CA PHE A 629 -19.93 14.84 -13.78
C PHE A 629 -20.03 15.55 -15.13
N SER A 630 -21.26 15.79 -15.60
CA SER A 630 -21.43 16.39 -16.91
C SER A 630 -20.84 17.79 -17.00
N LEU A 631 -20.51 18.42 -15.88
CA LEU A 631 -19.94 19.75 -15.95
C LEU A 631 -18.41 19.77 -16.04
N SER A 632 -17.78 18.63 -16.25
CA SER A 632 -16.32 18.59 -16.28
C SER A 632 -15.77 19.39 -17.47
N SER A 633 -14.65 20.07 -17.24
CA SER A 633 -14.04 20.88 -18.30
C SER A 633 -13.58 20.01 -19.47
N GLU A 634 -13.33 18.72 -19.25
CA GLU A 634 -12.96 17.83 -20.35
C GLU A 634 -14.01 17.85 -21.46
N PHE A 635 -15.21 18.30 -21.14
CA PHE A 635 -16.34 18.32 -22.07
C PHE A 635 -16.72 19.74 -22.47
N LYS A 636 -15.88 20.74 -22.14
CA LYS A 636 -16.20 22.15 -22.37
C LYS A 636 -16.50 22.48 -23.84
N ASN A 637 -16.03 21.66 -24.80
CA ASN A 637 -16.28 21.91 -26.22
C ASN A 637 -17.48 21.16 -26.76
N ILE A 638 -18.10 20.29 -25.97
CA ILE A 638 -19.30 19.58 -26.41
C ILE A 638 -20.43 20.57 -26.61
N THR A 639 -21.21 20.38 -27.67
CA THR A 639 -22.39 21.21 -27.91
C THR A 639 -23.56 20.32 -28.30
N VAL A 640 -24.77 20.84 -28.16
CA VAL A 640 -25.98 20.13 -28.56
C VAL A 640 -26.32 20.60 -29.97
N ARG A 641 -26.22 19.68 -30.94
CA ARG A 641 -26.49 20.01 -32.33
C ARG A 641 -27.98 19.84 -32.64
N GLU A 642 -28.45 20.61 -33.62
CA GLU A 642 -29.86 20.56 -33.98
C GLU A 642 -30.28 19.17 -34.43
N GLU A 643 -29.48 18.54 -35.30
CA GLU A 643 -29.83 17.20 -35.78
C GLU A 643 -29.82 16.17 -34.66
N GLU A 644 -29.21 16.48 -33.52
CA GLU A 644 -29.18 15.54 -32.41
C GLU A 644 -30.39 15.65 -31.50
N LYS A 645 -31.14 16.75 -31.59
CA LYS A 645 -32.04 17.14 -30.52
C LYS A 645 -33.22 16.18 -30.38
N LEU A 646 -33.71 15.63 -31.49
CA LEU A 646 -34.88 14.76 -31.41
C LEU A 646 -34.53 13.44 -30.73
N GLU A 647 -33.37 12.86 -31.05
CA GLU A 647 -32.98 11.63 -30.40
C GLU A 647 -32.61 11.87 -28.94
N LEU A 648 -31.96 13.01 -28.66
CA LEU A 648 -31.69 13.36 -27.27
C LEU A 648 -32.98 13.53 -26.48
N GLN A 649 -34.06 14.03 -27.09
CA GLN A 649 -35.32 14.13 -26.36
C GLN A 649 -35.98 12.77 -26.18
N LYS A 650 -35.90 11.91 -27.20
CA LYS A 650 -36.34 10.52 -27.04
C LYS A 650 -35.67 9.86 -25.85
N LEU A 651 -34.41 10.21 -25.56
CA LEU A 651 -33.77 9.58 -24.41
C LEU A 651 -34.01 10.33 -23.10
N LEU A 652 -34.05 11.67 -23.13
CA LEU A 652 -34.18 12.46 -21.91
C LEU A 652 -35.51 12.23 -21.20
N GLU A 653 -36.52 11.74 -21.91
CA GLU A 653 -37.78 11.44 -21.26
C GLU A 653 -37.86 9.98 -20.81
N ARG A 654 -36.83 9.18 -21.06
CA ARG A 654 -36.79 7.82 -20.57
C ARG A 654 -35.66 7.57 -19.58
N VAL A 655 -34.83 8.57 -19.28
CA VAL A 655 -33.62 8.38 -18.46
C VAL A 655 -33.99 7.92 -17.06
N PRO A 656 -33.32 6.88 -16.50
CA PRO A 656 -33.64 6.47 -15.13
C PRO A 656 -33.21 7.48 -14.09
N ILE A 657 -32.15 8.24 -14.33
CA ILE A 657 -31.78 9.35 -13.46
C ILE A 657 -32.31 10.64 -14.11
N PRO A 658 -33.32 11.29 -13.51
CA PRO A 658 -33.85 12.52 -14.11
C PRO A 658 -32.76 13.55 -14.31
N VAL A 659 -32.91 14.34 -15.37
CA VAL A 659 -32.02 15.45 -15.70
C VAL A 659 -32.80 16.73 -15.53
N LYS A 660 -32.31 17.63 -14.67
CA LYS A 660 -33.00 18.91 -14.50
C LYS A 660 -32.75 19.87 -15.66
N GLU A 661 -31.56 19.85 -16.27
CA GLU A 661 -31.21 20.80 -17.33
C GLU A 661 -32.07 20.59 -18.57
N SER A 662 -32.39 21.68 -19.25
CA SER A 662 -33.07 21.56 -20.54
C SER A 662 -32.14 20.92 -21.58
N ILE A 663 -32.76 20.38 -22.64
CA ILE A 663 -32.01 19.72 -23.69
C ILE A 663 -31.09 20.68 -24.45
N GLU A 664 -31.35 21.99 -24.37
CA GLU A 664 -30.50 22.97 -25.03
C GLU A 664 -29.12 23.07 -24.39
N GLU A 665 -28.93 22.50 -23.20
CA GLU A 665 -27.67 22.62 -22.46
C GLU A 665 -26.75 21.45 -22.76
N PRO A 666 -25.50 21.69 -23.18
CA PRO A 666 -24.56 20.58 -23.36
C PRO A 666 -24.46 19.62 -22.17
N SER A 667 -24.60 20.13 -20.94
CA SER A 667 -24.52 19.28 -19.76
C SER A 667 -25.62 18.21 -19.75
N ALA A 668 -26.81 18.55 -20.26
CA ALA A 668 -27.88 17.56 -20.34
C ALA A 668 -27.54 16.45 -21.34
N LYS A 669 -26.91 16.83 -22.46
CA LYS A 669 -26.50 15.84 -23.46
C LYS A 669 -25.44 14.91 -22.91
N ILE A 670 -24.45 15.46 -22.22
CA ILE A 670 -23.42 14.62 -21.61
C ILE A 670 -24.04 13.65 -20.61
N ASN A 671 -24.95 14.16 -19.77
CA ASN A 671 -25.66 13.33 -18.80
C ASN A 671 -26.37 12.16 -19.47
N VAL A 672 -27.13 12.46 -20.53
CA VAL A 672 -27.89 11.44 -21.24
C VAL A 672 -26.97 10.45 -21.98
N LEU A 673 -25.85 10.92 -22.56
CA LEU A 673 -24.91 10.00 -23.20
C LEU A 673 -24.33 9.01 -22.19
N LEU A 674 -23.89 9.49 -21.03
CA LEU A 674 -23.40 8.57 -20.00
C LEU A 674 -24.47 7.54 -19.61
N GLN A 675 -25.71 8.01 -19.37
CA GLN A 675 -26.76 7.08 -18.95
C GLN A 675 -27.08 6.06 -20.03
N ALA A 676 -27.14 6.50 -21.28
CA ALA A 676 -27.34 5.57 -22.38
C ALA A 676 -26.21 4.54 -22.45
N PHE A 677 -24.96 4.99 -22.24
CA PHE A 677 -23.81 4.08 -22.27
C PHE A 677 -23.94 3.00 -21.20
N ILE A 678 -24.34 3.37 -19.98
CA ILE A 678 -24.49 2.35 -18.95
C ILE A 678 -25.60 1.39 -19.33
N SER A 679 -26.66 1.88 -19.98
CA SER A 679 -27.75 1.04 -20.44
C SER A 679 -27.46 0.35 -21.76
N GLN A 680 -26.27 0.55 -22.35
CA GLN A 680 -25.86 -0.14 -23.57
C GLN A 680 -26.81 0.15 -24.74
N LEU A 681 -27.29 1.38 -24.83
CA LEU A 681 -28.10 1.78 -25.99
C LEU A 681 -27.22 2.07 -27.20
N LYS A 682 -27.68 1.64 -28.37
CA LYS A 682 -27.08 2.03 -29.64
C LYS A 682 -27.81 3.24 -30.18
N LEU A 683 -27.07 4.27 -30.58
CA LEU A 683 -27.65 5.49 -31.08
C LEU A 683 -27.43 5.61 -32.58
N GLU A 684 -28.26 6.44 -33.21
CA GLU A 684 -28.08 6.82 -34.61
C GLU A 684 -27.42 8.20 -34.63
N GLY A 685 -26.33 8.31 -35.37
CA GLY A 685 -25.64 9.59 -35.40
C GLY A 685 -24.17 9.43 -35.12
N PHE A 686 -23.35 9.69 -36.15
CA PHE A 686 -21.90 9.57 -36.00
C PHE A 686 -21.41 10.47 -34.87
N ALA A 687 -21.88 11.71 -34.84
CA ALA A 687 -21.50 12.65 -33.80
C ALA A 687 -21.85 12.12 -32.42
N LEU A 688 -23.07 11.63 -32.23
CA LEU A 688 -23.50 11.23 -30.89
C LEU A 688 -22.74 10.00 -30.41
N MET A 689 -22.53 9.02 -31.28
CA MET A 689 -21.74 7.86 -30.90
C MET A 689 -20.31 8.24 -30.52
N ALA A 690 -19.68 9.10 -31.34
CA ALA A 690 -18.33 9.54 -31.03
C ALA A 690 -18.28 10.30 -29.71
N ASP A 691 -19.27 11.19 -29.51
CA ASP A 691 -19.31 12.00 -28.29
C ASP A 691 -19.54 11.11 -27.07
N MET A 692 -20.34 10.06 -27.22
CA MET A 692 -20.55 9.14 -26.11
C MET A 692 -19.28 8.36 -25.79
N VAL A 693 -18.59 7.88 -26.81
CA VAL A 693 -17.31 7.21 -26.58
C VAL A 693 -16.38 8.14 -25.80
N TYR A 694 -16.27 9.39 -26.24
CA TYR A 694 -15.37 10.34 -25.58
C TYR A 694 -15.81 10.64 -24.14
N VAL A 695 -17.11 10.79 -23.91
CA VAL A 695 -17.58 11.10 -22.56
C VAL A 695 -17.28 9.95 -21.62
N THR A 696 -17.56 8.73 -22.06
CA THR A 696 -17.48 7.61 -21.13
C THR A 696 -16.06 7.10 -20.96
N GLN A 697 -15.18 7.22 -21.98
CA GLN A 697 -13.79 6.86 -21.77
C GLN A 697 -13.10 7.72 -20.70
N SER A 698 -13.59 8.93 -20.46
CA SER A 698 -13.07 9.78 -19.39
C SER A 698 -13.83 9.59 -18.08
N ALA A 699 -15.10 9.15 -18.17
CA ALA A 699 -15.92 8.99 -16.97
C ALA A 699 -15.24 8.13 -15.91
N GLY A 700 -14.55 7.07 -16.32
CA GLY A 700 -13.95 6.17 -15.34
C GLY A 700 -13.04 6.85 -14.33
N ARG A 701 -12.04 7.55 -14.83
CA ARG A 701 -11.09 8.18 -13.94
C ARG A 701 -11.61 9.51 -13.36
N LEU A 702 -12.47 10.25 -14.07
CA LEU A 702 -13.10 11.41 -13.44
C LEU A 702 -13.97 10.98 -12.24
N MET A 703 -14.74 9.90 -12.38
CA MET A 703 -15.58 9.43 -11.29
C MET A 703 -14.75 8.80 -10.18
N ARG A 704 -13.60 8.21 -10.53
CA ARG A 704 -12.72 7.70 -9.49
C ARG A 704 -12.08 8.84 -8.71
N ALA A 705 -11.88 9.98 -9.36
CA ALA A 705 -11.40 11.13 -8.62
C ALA A 705 -12.48 11.64 -7.66
N ILE A 706 -13.73 11.71 -8.14
CA ILE A 706 -14.79 12.13 -7.24
C ILE A 706 -14.83 11.21 -6.04
N PHE A 707 -14.72 9.91 -6.30
CA PHE A 707 -14.84 8.93 -5.23
C PHE A 707 -13.74 9.15 -4.21
N GLU A 708 -12.51 9.42 -4.66
CA GLU A 708 -11.44 9.64 -3.70
C GLU A 708 -11.69 10.89 -2.85
N ILE A 709 -12.14 11.98 -3.48
CA ILE A 709 -12.46 13.22 -2.74
C ILE A 709 -13.45 12.94 -1.61
N VAL A 710 -14.57 12.29 -1.95
CA VAL A 710 -15.65 12.13 -0.97
C VAL A 710 -15.33 11.04 0.05
N LEU A 711 -14.53 10.03 -0.32
CA LEU A 711 -14.14 9.04 0.68
C LEU A 711 -13.22 9.64 1.72
N ASN A 712 -12.19 10.39 1.28
CA ASN A 712 -11.30 10.99 2.27
C ASN A 712 -11.99 12.12 3.03
N ARG A 713 -13.12 12.64 2.54
CA ARG A 713 -13.85 13.57 3.40
C ARG A 713 -14.76 12.87 4.41
N GLY A 714 -15.00 11.56 4.27
CA GLY A 714 -15.83 10.84 5.20
C GLY A 714 -17.31 10.77 4.88
N TRP A 715 -17.71 11.08 3.65
CA TRP A 715 -19.12 11.27 3.29
C TRP A 715 -19.74 9.93 2.89
N ALA A 716 -20.38 9.26 3.85
CA ALA A 716 -20.75 7.85 3.68
C ALA A 716 -21.66 7.64 2.48
N GLN A 717 -22.77 8.38 2.41
CA GLN A 717 -23.74 8.13 1.36
C GLN A 717 -23.16 8.44 -0.01
N LEU A 718 -22.48 9.58 -0.15
CA LEU A 718 -21.96 9.95 -1.47
C LEU A 718 -20.81 9.03 -1.86
N THR A 719 -20.00 8.58 -0.89
CA THR A 719 -18.99 7.59 -1.19
C THR A 719 -19.61 6.35 -1.81
N ASP A 720 -20.67 5.85 -1.18
CA ASP A 720 -21.36 4.70 -1.75
C ASP A 720 -21.86 4.98 -3.17
N LYS A 721 -22.62 6.06 -3.35
CA LYS A 721 -23.14 6.40 -4.68
C LYS A 721 -22.03 6.49 -5.73
N THR A 722 -20.91 7.16 -5.42
CA THR A 722 -19.90 7.36 -6.46
C THR A 722 -19.06 6.09 -6.70
N LEU A 723 -18.80 5.27 -5.68
CA LEU A 723 -18.13 4.00 -5.99
C LEU A 723 -19.02 3.13 -6.86
N ASN A 724 -20.32 3.13 -6.56
CA ASN A 724 -21.25 2.41 -7.42
C ASN A 724 -21.22 2.93 -8.84
N LEU A 725 -21.16 4.26 -9.01
CA LEU A 725 -21.18 4.77 -10.37
C LEU A 725 -19.92 4.37 -11.13
N CYS A 726 -18.75 4.40 -10.45
CA CYS A 726 -17.53 3.87 -11.07
C CYS A 726 -17.76 2.46 -11.59
N LYS A 727 -18.37 1.59 -10.76
CA LYS A 727 -18.53 0.20 -11.16
C LYS A 727 -19.59 0.05 -12.26
N MET A 728 -20.65 0.86 -12.22
CA MET A 728 -21.67 0.80 -13.26
C MET A 728 -21.12 1.26 -14.59
N ILE A 729 -20.12 2.13 -14.58
CA ILE A 729 -19.46 2.54 -15.82
C ILE A 729 -18.55 1.44 -16.32
N ASP A 730 -17.72 0.89 -15.43
CA ASP A 730 -16.81 -0.19 -15.79
C ASP A 730 -17.55 -1.39 -16.39
N LYS A 731 -18.67 -1.79 -15.77
CA LYS A 731 -19.34 -3.04 -16.09
C LYS A 731 -20.50 -2.87 -17.07
N ARG A 732 -20.93 -1.63 -17.35
CA ARG A 732 -21.98 -1.33 -18.32
C ARG A 732 -23.34 -1.93 -17.91
N MET A 733 -23.73 -1.70 -16.65
CA MET A 733 -25.03 -2.15 -16.14
C MET A 733 -25.36 -1.40 -14.86
N TRP A 734 -26.65 -1.41 -14.51
CA TRP A 734 -27.13 -0.82 -13.27
C TRP A 734 -27.24 -1.87 -12.16
N GLN A 735 -27.18 -1.40 -10.91
CA GLN A 735 -27.32 -2.29 -9.75
C GLN A 735 -28.49 -3.25 -9.93
N SER A 736 -29.64 -2.71 -10.36
CA SER A 736 -30.87 -3.46 -10.46
C SER A 736 -30.72 -4.77 -11.23
N MET A 737 -29.76 -4.83 -12.15
CA MET A 737 -29.61 -6.01 -12.97
C MET A 737 -28.95 -7.14 -12.19
N CYS A 738 -29.21 -8.38 -12.62
CA CYS A 738 -28.68 -9.56 -11.96
C CYS A 738 -27.16 -9.48 -11.96
N PRO A 739 -26.54 -9.36 -10.79
CA PRO A 739 -25.07 -9.30 -10.70
C PRO A 739 -24.35 -10.40 -11.47
N LEU A 740 -25.06 -11.51 -11.73
CA LEU A 740 -24.51 -12.59 -12.53
C LEU A 740 -24.11 -12.16 -13.94
N ARG A 741 -24.69 -11.07 -14.45
CA ARG A 741 -24.21 -10.52 -15.73
C ARG A 741 -22.71 -10.30 -15.73
N GLN A 742 -22.10 -10.06 -14.58
CA GLN A 742 -20.67 -9.78 -14.59
C GLN A 742 -19.82 -11.01 -14.90
N PHE A 743 -20.44 -12.18 -15.02
CA PHE A 743 -19.75 -13.34 -15.58
C PHE A 743 -20.03 -13.34 -17.06
N ARG A 744 -19.10 -12.75 -17.82
CA ARG A 744 -19.24 -12.68 -19.28
C ARG A 744 -19.62 -14.02 -19.87
N LYS A 745 -18.96 -15.10 -19.43
CA LYS A 745 -19.21 -16.45 -19.95
C LYS A 745 -20.62 -17.01 -19.58
N LEU A 746 -21.57 -16.26 -19.01
CA LEU A 746 -22.88 -16.87 -18.83
C LEU A 746 -23.84 -16.40 -19.92
N PRO A 747 -24.74 -17.27 -20.40
CA PRO A 747 -25.69 -16.85 -21.44
C PRO A 747 -26.72 -15.85 -20.93
N GLU A 748 -26.98 -14.84 -21.75
CA GLU A 748 -27.74 -13.67 -21.28
C GLU A 748 -29.23 -13.98 -21.11
N GLU A 749 -29.78 -14.90 -21.91
CA GLU A 749 -31.18 -15.27 -21.77
C GLU A 749 -31.48 -15.80 -20.37
N VAL A 750 -30.52 -16.49 -19.77
CA VAL A 750 -30.68 -17.02 -18.43
C VAL A 750 -30.81 -15.88 -17.42
N VAL A 751 -29.80 -15.00 -17.38
CA VAL A 751 -29.82 -13.92 -16.40
C VAL A 751 -31.05 -13.05 -16.59
N LYS A 752 -31.50 -12.89 -17.83
CA LYS A 752 -32.73 -12.14 -18.06
C LYS A 752 -33.93 -12.86 -17.45
N LYS A 753 -34.03 -14.18 -17.68
CA LYS A 753 -35.04 -14.99 -17.00
C LYS A 753 -35.01 -14.74 -15.50
N ILE A 754 -33.81 -14.76 -14.91
CA ILE A 754 -33.67 -14.67 -13.46
C ILE A 754 -34.14 -13.32 -12.94
N GLU A 755 -33.54 -12.24 -13.46
CA GLU A 755 -33.88 -10.91 -12.96
C GLU A 755 -35.31 -10.52 -13.31
N LYS A 756 -35.91 -11.16 -14.32
CA LYS A 756 -37.34 -10.99 -14.53
C LYS A 756 -38.14 -11.70 -13.45
N LYS A 757 -37.66 -12.88 -12.99
CA LYS A 757 -38.36 -13.60 -11.94
C LYS A 757 -38.51 -12.77 -10.66
N ASN A 758 -37.76 -11.67 -10.53
CA ASN A 758 -37.93 -10.71 -9.44
C ASN A 758 -37.98 -11.41 -8.08
N PHE A 759 -36.79 -11.84 -7.65
CA PHE A 759 -36.59 -12.42 -6.33
C PHE A 759 -35.16 -12.11 -5.91
N PRO A 760 -34.92 -11.91 -4.62
CA PRO A 760 -33.58 -11.45 -4.18
C PRO A 760 -32.48 -12.41 -4.62
N PHE A 761 -31.43 -11.84 -5.23
CA PHE A 761 -30.28 -12.65 -5.65
C PHE A 761 -29.73 -13.47 -4.49
N GLU A 762 -29.77 -12.92 -3.28
CA GLU A 762 -29.17 -13.57 -2.12
C GLU A 762 -29.75 -14.96 -1.89
N ARG A 763 -31.06 -15.13 -2.06
CA ARG A 763 -31.67 -16.42 -1.76
C ARG A 763 -31.08 -17.53 -2.62
N LEU A 764 -30.49 -17.20 -3.78
CA LEU A 764 -29.87 -18.20 -4.62
C LEU A 764 -28.75 -18.95 -3.90
N TYR A 765 -28.12 -18.35 -2.88
CA TYR A 765 -27.06 -19.04 -2.15
C TYR A 765 -27.59 -20.23 -1.36
N ASP A 766 -28.86 -20.18 -0.95
CA ASP A 766 -29.39 -21.18 -0.04
C ASP A 766 -29.92 -22.41 -0.74
N LEU A 767 -30.00 -22.40 -2.07
CA LEU A 767 -30.55 -23.52 -2.82
C LEU A 767 -29.41 -24.34 -3.44
N ASN A 768 -29.79 -25.39 -4.16
CA ASN A 768 -28.86 -26.27 -4.86
C ASN A 768 -29.23 -26.28 -6.34
N HIS A 769 -28.50 -27.08 -7.13
CA HIS A 769 -28.73 -27.05 -8.57
C HIS A 769 -30.18 -27.39 -8.91
N ASN A 770 -30.81 -28.30 -8.16
CA ASN A 770 -32.19 -28.69 -8.42
C ASN A 770 -33.14 -27.52 -8.22
N GLU A 771 -33.11 -26.90 -7.03
CA GLU A 771 -34.13 -25.92 -6.68
C GLU A 771 -33.99 -24.64 -7.50
N ILE A 772 -32.76 -24.22 -7.80
CA ILE A 772 -32.61 -23.07 -8.69
C ILE A 772 -33.04 -23.43 -10.11
N GLY A 773 -32.65 -24.62 -10.58
CA GLY A 773 -33.12 -25.06 -11.88
C GLY A 773 -34.62 -25.02 -11.99
N GLU A 774 -35.32 -25.27 -10.88
CA GLU A 774 -36.77 -25.14 -10.88
C GLU A 774 -37.23 -23.68 -10.83
N LEU A 775 -36.58 -22.87 -9.98
CA LEU A 775 -37.05 -21.49 -9.77
C LEU A 775 -36.97 -20.67 -11.05
N ILE A 776 -35.95 -20.91 -11.88
CA ILE A 776 -35.85 -20.19 -13.15
C ILE A 776 -36.59 -20.89 -14.28
N ARG A 777 -37.13 -22.08 -14.04
CA ARG A 777 -37.92 -22.86 -14.99
C ARG A 777 -37.06 -23.53 -16.06
N MET A 778 -35.75 -23.63 -15.87
CA MET A 778 -34.87 -24.31 -16.82
C MET A 778 -33.77 -25.05 -16.07
N PRO A 779 -34.08 -26.23 -15.54
CA PRO A 779 -33.09 -26.98 -14.75
C PRO A 779 -31.93 -27.54 -15.58
N LYS A 780 -31.99 -27.41 -16.91
CA LYS A 780 -30.95 -27.92 -17.81
C LYS A 780 -29.55 -27.59 -17.33
N MET A 781 -29.42 -26.49 -16.58
CA MET A 781 -28.12 -26.03 -16.12
C MET A 781 -28.22 -25.55 -14.68
N GLY A 782 -29.05 -26.22 -13.87
CA GLY A 782 -29.05 -25.95 -12.45
C GLY A 782 -27.66 -25.99 -11.86
N LYS A 783 -26.79 -26.85 -12.39
CA LYS A 783 -25.42 -26.91 -11.90
C LYS A 783 -24.65 -25.66 -12.28
N THR A 784 -24.79 -25.21 -13.53
CA THR A 784 -23.98 -24.09 -14.03
C THR A 784 -24.19 -22.83 -13.21
N ILE A 785 -25.46 -22.39 -13.10
CA ILE A 785 -25.78 -21.26 -12.24
C ILE A 785 -25.16 -21.45 -10.86
N HIS A 786 -25.31 -22.67 -10.29
CA HIS A 786 -24.77 -22.95 -8.97
C HIS A 786 -23.30 -22.56 -8.92
N LYS A 787 -22.53 -23.04 -9.90
CA LYS A 787 -21.12 -22.70 -9.98
C LYS A 787 -20.93 -21.20 -9.85
N TYR A 788 -21.61 -20.44 -10.73
CA TYR A 788 -21.37 -19.00 -10.76
C TYR A 788 -21.85 -18.33 -9.49
N VAL A 789 -22.92 -18.86 -8.89
CA VAL A 789 -23.43 -18.26 -7.67
C VAL A 789 -22.36 -18.32 -6.57
N HIS A 790 -21.57 -19.39 -6.55
CA HIS A 790 -20.51 -19.48 -5.55
C HIS A 790 -19.16 -19.03 -6.09
N LEU A 791 -19.10 -18.61 -7.35
CA LEU A 791 -17.92 -17.88 -7.79
C LEU A 791 -18.01 -16.40 -7.47
N PHE A 792 -19.22 -15.89 -7.25
CA PHE A 792 -19.42 -14.47 -6.95
C PHE A 792 -18.76 -14.13 -5.62
N PRO A 793 -17.95 -13.08 -5.55
CA PRO A 793 -17.19 -12.80 -4.33
C PRO A 793 -18.09 -12.46 -3.15
N LYS A 794 -17.75 -13.02 -1.99
CA LYS A 794 -18.62 -12.96 -0.83
C LYS A 794 -17.80 -13.21 0.43
N LEU A 795 -17.90 -12.28 1.39
CA LEU A 795 -17.12 -12.33 2.63
C LEU A 795 -18.04 -12.42 3.85
N GLU A 796 -17.64 -13.21 4.84
CA GLU A 796 -18.33 -13.29 6.12
C GLU A 796 -17.56 -12.48 7.16
N LEU A 797 -18.29 -11.71 7.96
CA LEU A 797 -17.66 -10.77 8.88
C LEU A 797 -18.02 -11.15 10.30
N SER A 798 -17.06 -11.03 11.20
CA SER A 798 -17.43 -11.09 12.61
C SER A 798 -16.46 -10.21 13.38
N VAL A 799 -16.87 -9.81 14.57
CA VAL A 799 -16.19 -8.72 15.23
C VAL A 799 -15.89 -9.11 16.66
N HIS A 800 -14.73 -8.71 17.14
CA HIS A 800 -14.43 -8.71 18.57
C HIS A 800 -14.24 -7.26 18.98
N LEU A 801 -15.14 -6.77 19.83
CA LEU A 801 -15.02 -5.43 20.40
C LEU A 801 -14.10 -5.47 21.61
N GLN A 802 -13.25 -4.45 21.74
CA GLN A 802 -12.25 -4.42 22.82
C GLN A 802 -12.16 -2.99 23.33
N PRO A 803 -12.90 -2.65 24.38
CA PRO A 803 -12.85 -1.28 24.89
C PRO A 803 -11.46 -0.94 25.39
N ILE A 804 -10.93 0.17 24.90
CA ILE A 804 -9.69 0.71 25.42
C ILE A 804 -9.97 1.62 26.60
N THR A 805 -10.94 2.51 26.43
CA THR A 805 -11.39 3.41 27.48
C THR A 805 -12.90 3.51 27.36
N ARG A 806 -13.47 4.52 28.01
CA ARG A 806 -14.88 4.81 27.90
C ARG A 806 -15.22 5.58 26.63
N SER A 807 -14.21 5.94 25.80
CA SER A 807 -14.45 6.77 24.63
C SER A 807 -13.58 6.40 23.44
N THR A 808 -12.73 5.38 23.55
CA THR A 808 -11.98 4.87 22.42
C THR A 808 -12.17 3.37 22.39
N LEU A 809 -12.53 2.84 21.24
CA LEU A 809 -12.87 1.44 21.09
C LEU A 809 -11.93 0.79 20.09
N LYS A 810 -11.35 -0.35 20.46
CA LYS A 810 -10.55 -1.12 19.53
C LYS A 810 -11.41 -2.23 18.93
N VAL A 811 -11.36 -2.36 17.61
CA VAL A 811 -12.14 -3.38 16.93
C VAL A 811 -11.19 -4.34 16.22
N GLU A 812 -11.44 -5.63 16.38
CA GLU A 812 -10.78 -6.67 15.61
C GLU A 812 -11.83 -7.30 14.70
N LEU A 813 -11.74 -6.99 13.41
CA LEU A 813 -12.59 -7.55 12.39
C LEU A 813 -11.97 -8.82 11.83
N THR A 814 -12.72 -9.90 11.85
CA THR A 814 -12.33 -11.11 11.15
C THR A 814 -13.10 -11.16 9.83
N ILE A 815 -12.35 -11.32 8.75
CA ILE A 815 -12.89 -11.49 7.40
C ILE A 815 -12.67 -12.94 6.98
N THR A 816 -13.74 -13.66 6.72
CA THR A 816 -13.62 -15.04 6.27
C THR A 816 -14.15 -15.13 4.86
N PRO A 817 -13.37 -15.55 3.87
CA PRO A 817 -13.90 -15.66 2.51
C PRO A 817 -14.92 -16.79 2.43
N ASP A 818 -16.00 -16.55 1.70
CA ASP A 818 -17.08 -17.51 1.58
C ASP A 818 -17.45 -17.74 0.12
N PHE A 819 -16.43 -17.94 -0.71
CA PHE A 819 -16.70 -18.21 -2.12
C PHE A 819 -15.54 -19.05 -2.66
N GLN A 820 -15.80 -19.69 -3.81
CA GLN A 820 -14.76 -20.44 -4.51
C GLN A 820 -13.93 -19.50 -5.34
N TRP A 821 -12.62 -19.59 -5.21
CA TRP A 821 -11.74 -18.81 -6.06
C TRP A 821 -11.50 -19.53 -7.39
N ASP A 822 -11.35 -18.74 -8.44
CA ASP A 822 -11.10 -19.25 -9.79
C ASP A 822 -10.35 -18.14 -10.52
N GLU A 823 -9.09 -18.38 -10.87
CA GLU A 823 -8.26 -17.31 -11.44
C GLU A 823 -8.72 -16.88 -12.82
N LYS A 824 -9.68 -17.58 -13.43
CA LYS A 824 -10.21 -17.11 -14.71
C LYS A 824 -11.12 -15.90 -14.54
N VAL A 825 -11.76 -15.76 -13.39
CA VAL A 825 -12.63 -14.62 -13.13
C VAL A 825 -12.11 -13.73 -12.02
N HIS A 826 -11.26 -14.24 -11.13
CA HIS A 826 -10.79 -13.43 -10.01
C HIS A 826 -9.40 -12.87 -10.21
N GLY A 827 -8.71 -13.25 -11.28
CA GLY A 827 -7.33 -12.86 -11.43
C GLY A 827 -6.50 -13.43 -10.30
N SER A 828 -5.50 -12.67 -9.87
CA SER A 828 -4.63 -13.09 -8.78
C SER A 828 -4.91 -12.37 -7.47
N SER A 829 -5.86 -11.43 -7.46
CA SER A 829 -6.24 -10.74 -6.24
C SER A 829 -7.60 -10.09 -6.46
N GLU A 830 -8.23 -9.73 -5.33
CA GLU A 830 -9.56 -9.15 -5.33
C GLU A 830 -9.58 -8.06 -4.28
N ALA A 831 -10.01 -6.85 -4.64
CA ALA A 831 -9.87 -5.71 -3.74
C ALA A 831 -11.21 -5.28 -3.16
N PHE A 832 -11.15 -4.74 -1.95
CA PHE A 832 -12.33 -4.37 -1.18
C PHE A 832 -12.03 -3.09 -0.42
N TRP A 833 -13.10 -2.38 -0.04
CA TRP A 833 -13.03 -1.28 0.90
C TRP A 833 -13.74 -1.69 2.19
N ILE A 834 -13.03 -1.59 3.31
CA ILE A 834 -13.61 -1.69 4.65
C ILE A 834 -14.00 -0.28 5.11
N LEU A 835 -15.28 -0.10 5.41
CA LEU A 835 -15.87 1.19 5.78
C LEU A 835 -16.58 1.01 7.10
N VAL A 836 -16.25 1.87 8.07
CA VAL A 836 -16.83 1.88 9.40
C VAL A 836 -17.61 3.18 9.50
N GLU A 837 -18.94 3.05 9.53
CA GLU A 837 -19.91 4.13 9.46
C GLU A 837 -20.72 4.23 10.76
N ASP A 838 -21.16 5.45 11.07
CA ASP A 838 -21.78 5.74 12.35
C ASP A 838 -23.24 5.32 12.35
N VAL A 839 -23.91 5.53 13.50
CA VAL A 839 -25.33 5.23 13.68
C VAL A 839 -26.19 5.50 12.44
N ASP A 840 -26.02 6.68 11.82
CA ASP A 840 -26.92 7.18 10.79
C ASP A 840 -26.44 6.88 9.37
N SER A 841 -25.38 6.09 9.22
CA SER A 841 -24.79 5.78 7.91
C SER A 841 -24.47 7.07 7.16
N GLU A 842 -23.89 8.00 7.92
CA GLU A 842 -23.67 9.36 7.46
C GLU A 842 -22.20 9.77 7.45
N VAL A 843 -21.40 9.27 8.39
CA VAL A 843 -19.98 9.62 8.47
C VAL A 843 -19.16 8.34 8.48
N ILE A 844 -18.10 8.31 7.67
CA ILE A 844 -17.17 7.17 7.65
C ILE A 844 -16.17 7.43 8.77
N LEU A 845 -16.41 6.80 9.93
CA LEU A 845 -15.48 6.94 11.04
C LEU A 845 -14.13 6.33 10.72
N HIS A 846 -14.10 5.32 9.85
CA HIS A 846 -12.80 4.71 9.54
C HIS A 846 -12.88 3.94 8.24
N HIS A 847 -11.79 3.94 7.45
CA HIS A 847 -11.81 3.16 6.23
C HIS A 847 -10.41 2.71 5.84
N GLU A 848 -10.34 1.57 5.17
CA GLU A 848 -9.05 1.10 4.68
C GLU A 848 -9.27 0.17 3.50
N TYR A 849 -8.21 0.05 2.69
CA TYR A 849 -8.15 -0.83 1.54
C TYR A 849 -7.84 -2.24 2.01
N PHE A 850 -8.53 -3.22 1.45
CA PHE A 850 -8.26 -4.61 1.80
C PHE A 850 -8.08 -5.41 0.51
N LEU A 851 -6.99 -6.17 0.42
CA LEU A 851 -6.67 -6.93 -0.78
C LEU A 851 -6.63 -8.41 -0.43
N LEU A 852 -7.52 -9.19 -1.02
CA LEU A 852 -7.55 -10.63 -0.85
C LEU A 852 -6.74 -11.26 -1.99
N LYS A 853 -5.53 -11.71 -1.68
CA LYS A 853 -4.67 -12.32 -2.70
C LYS A 853 -5.03 -13.78 -2.88
N ALA A 854 -4.89 -14.28 -4.12
CA ALA A 854 -5.25 -15.65 -4.43
C ALA A 854 -4.61 -16.67 -3.49
N LYS A 855 -3.32 -16.49 -3.16
CA LYS A 855 -2.68 -17.46 -2.28
C LYS A 855 -3.32 -17.52 -0.90
N TYR A 856 -4.15 -16.55 -0.54
CA TYR A 856 -4.77 -16.51 0.78
C TYR A 856 -6.29 -16.60 0.73
N ALA A 857 -6.85 -16.96 -0.43
CA ALA A 857 -8.29 -16.98 -0.66
C ALA A 857 -9.09 -17.94 0.21
N GLN A 858 -8.43 -18.71 1.07
CA GLN A 858 -9.14 -19.61 1.94
C GLN A 858 -8.93 -19.29 3.41
N ASP A 859 -8.13 -18.28 3.73
CA ASP A 859 -7.73 -18.03 5.11
C ASP A 859 -8.53 -16.88 5.72
N GLU A 860 -8.75 -16.95 7.02
CA GLU A 860 -9.27 -15.80 7.73
C GLU A 860 -8.26 -14.66 7.71
N HIS A 861 -8.74 -13.45 7.50
CA HIS A 861 -7.90 -12.27 7.54
C HIS A 861 -8.31 -11.45 8.75
N LEU A 862 -7.32 -10.97 9.50
CA LEU A 862 -7.58 -10.21 10.71
C LEU A 862 -7.23 -8.75 10.47
N ILE A 863 -8.17 -7.87 10.77
CA ILE A 863 -7.98 -6.43 10.64
C ILE A 863 -8.26 -5.83 11.99
N THR A 864 -7.50 -4.81 12.39
CA THR A 864 -7.77 -4.14 13.64
C THR A 864 -7.65 -2.63 13.48
N PHE A 865 -8.46 -1.89 14.25
CA PHE A 865 -8.48 -0.44 14.13
C PHE A 865 -9.18 0.18 15.33
N PHE A 866 -9.11 1.51 15.41
CA PHE A 866 -9.69 2.27 16.51
C PHE A 866 -10.80 3.18 16.01
N VAL A 867 -11.90 3.24 16.76
CA VAL A 867 -12.96 4.17 16.39
C VAL A 867 -13.38 4.87 17.68
N PRO A 868 -13.75 6.14 17.60
CA PRO A 868 -14.22 6.84 18.79
C PRO A 868 -15.62 6.36 19.13
N VAL A 869 -15.96 6.57 20.40
CA VAL A 869 -17.23 6.19 20.98
C VAL A 869 -17.56 7.23 22.06
N PHE A 870 -18.82 7.28 22.48
CA PHE A 870 -19.25 8.30 23.43
C PHE A 870 -20.32 7.72 24.35
N GLU A 871 -20.65 8.49 25.40
CA GLU A 871 -21.75 8.19 26.30
C GLU A 871 -22.81 9.29 26.25
N PRO A 872 -24.11 8.92 26.23
CA PRO A 872 -24.65 7.56 26.21
C PRO A 872 -24.31 6.86 24.91
N LEU A 873 -23.89 5.61 24.99
CA LEU A 873 -23.51 4.85 23.82
C LEU A 873 -24.58 4.94 22.73
N PRO A 874 -24.17 5.08 21.48
CA PRO A 874 -25.13 5.03 20.38
C PRO A 874 -25.65 3.62 20.20
N PRO A 875 -26.78 3.44 19.50
CA PRO A 875 -27.27 2.08 19.27
C PRO A 875 -26.24 1.14 18.65
N GLN A 876 -25.65 1.52 17.51
CA GLN A 876 -24.72 0.66 16.82
C GLN A 876 -23.88 1.48 15.85
N TYR A 877 -22.77 0.87 15.41
CA TYR A 877 -22.06 1.28 14.20
C TYR A 877 -22.32 0.23 13.12
N PHE A 878 -21.74 0.46 11.94
CA PHE A 878 -21.86 -0.48 10.85
C PHE A 878 -20.48 -0.67 10.23
N ILE A 879 -20.15 -1.91 9.89
CA ILE A 879 -18.96 -2.22 9.13
C ILE A 879 -19.43 -2.78 7.79
N ARG A 880 -19.15 -2.06 6.70
CA ARG A 880 -19.38 -2.56 5.35
C ARG A 880 -18.06 -3.01 4.74
N VAL A 881 -18.08 -4.15 4.06
CA VAL A 881 -16.98 -4.52 3.20
C VAL A 881 -17.53 -4.65 1.81
N VAL A 882 -17.02 -3.83 0.88
CA VAL A 882 -17.60 -3.69 -0.45
C VAL A 882 -16.51 -3.94 -1.49
N SER A 883 -16.87 -4.66 -2.56
CA SER A 883 -15.89 -4.91 -3.63
C SER A 883 -15.53 -3.60 -4.33
N ASP A 884 -14.26 -3.50 -4.72
CA ASP A 884 -13.79 -2.33 -5.43
C ASP A 884 -14.24 -2.31 -6.89
N ARG A 885 -14.62 -3.47 -7.43
CA ARG A 885 -15.00 -3.55 -8.84
C ARG A 885 -16.25 -4.36 -9.12
N TRP A 886 -16.70 -5.25 -8.24
CA TRP A 886 -17.88 -6.06 -8.48
C TRP A 886 -19.12 -5.31 -8.02
N LEU A 887 -20.07 -5.14 -8.93
CA LEU A 887 -21.38 -4.58 -8.61
C LEU A 887 -22.20 -5.55 -7.72
N SER A 888 -22.98 -4.99 -6.80
CA SER A 888 -23.86 -5.77 -5.90
C SER A 888 -23.06 -6.82 -5.15
N CYS A 889 -21.96 -6.38 -4.54
CA CYS A 889 -21.05 -7.31 -3.88
C CYS A 889 -20.54 -6.68 -2.59
N GLU A 890 -21.22 -6.97 -1.48
CA GLU A 890 -20.98 -6.24 -0.24
C GLU A 890 -21.57 -7.03 0.93
N THR A 891 -20.90 -6.97 2.07
CA THR A 891 -21.45 -7.48 3.32
C THR A 891 -21.46 -6.35 4.33
N GLN A 892 -22.61 -6.14 4.97
CA GLN A 892 -22.73 -5.18 6.07
C GLN A 892 -22.94 -5.95 7.35
N LEU A 893 -22.10 -5.68 8.34
CA LEU A 893 -22.20 -6.24 9.69
C LEU A 893 -22.60 -5.14 10.66
N PRO A 894 -23.82 -5.15 11.18
CA PRO A 894 -24.16 -4.23 12.28
C PRO A 894 -23.35 -4.58 13.52
N VAL A 895 -22.77 -3.55 14.15
CA VAL A 895 -22.07 -3.72 15.41
C VAL A 895 -22.89 -3.05 16.52
N SER A 896 -23.71 -3.85 17.19
CA SER A 896 -24.54 -3.33 18.26
C SER A 896 -23.72 -3.14 19.53
N PHE A 897 -24.10 -2.13 20.31
CA PHE A 897 -23.44 -1.82 21.56
C PHE A 897 -24.32 -2.15 22.77
N ARG A 898 -25.40 -2.91 22.57
CA ARG A 898 -26.32 -3.14 23.68
C ARG A 898 -25.66 -3.93 24.81
N HIS A 899 -24.64 -4.72 24.51
CA HIS A 899 -24.00 -5.59 25.49
C HIS A 899 -22.51 -5.28 25.67
N LEU A 900 -22.11 -4.06 25.38
CA LEU A 900 -20.71 -3.68 25.53
C LEU A 900 -20.45 -3.22 26.96
N ILE A 901 -19.40 -3.79 27.59
CA ILE A 901 -19.00 -3.43 28.95
C ILE A 901 -17.81 -2.48 28.86
N LEU A 902 -18.04 -1.22 29.20
CA LEU A 902 -16.96 -0.25 29.28
C LEU A 902 -16.15 -0.45 30.57
N PRO A 903 -14.86 -0.17 30.55
CA PRO A 903 -14.12 -0.09 31.81
C PRO A 903 -14.50 1.17 32.55
N GLU A 904 -14.36 1.13 33.87
CA GLU A 904 -14.67 2.31 34.68
C GLU A 904 -13.73 3.46 34.32
N LYS A 905 -14.24 4.68 34.47
CA LYS A 905 -13.40 5.87 34.44
C LYS A 905 -12.17 5.65 35.31
N TYR A 906 -11.01 6.00 34.79
CA TYR A 906 -9.81 5.77 35.57
C TYR A 906 -9.77 6.72 36.77
N PRO A 907 -9.16 6.28 37.87
CA PRO A 907 -9.12 7.10 39.09
C PRO A 907 -8.26 8.34 38.92
N PRO A 908 -8.45 9.35 39.76
CA PRO A 908 -7.63 10.57 39.69
C PRO A 908 -6.17 10.25 40.00
N PRO A 909 -5.24 11.10 39.58
CA PRO A 909 -3.84 10.85 39.91
C PRO A 909 -3.58 11.07 41.39
N THR A 910 -2.38 10.70 41.82
CA THR A 910 -1.95 11.08 43.17
C THR A 910 -1.50 12.53 43.12
N GLU A 911 -1.85 13.28 44.17
CA GLU A 911 -1.54 14.70 44.19
C GLU A 911 -0.04 14.91 44.32
N LEU A 912 0.51 15.82 43.51
CA LEU A 912 1.89 16.25 43.71
C LEU A 912 1.97 17.18 44.92
N LEU A 913 2.72 16.78 45.93
CA LEU A 913 2.87 17.57 47.14
C LEU A 913 3.91 18.66 46.94
N ASP A 914 3.54 19.90 47.27
CA ASP A 914 4.54 20.96 47.29
C ASP A 914 5.43 20.75 48.52
N LEU A 915 6.51 20.01 48.34
CA LEU A 915 7.44 19.72 49.42
C LEU A 915 8.68 20.58 49.29
N GLN A 916 9.37 20.75 50.40
CA GLN A 916 10.69 21.37 50.38
C GLN A 916 11.57 20.57 49.45
N PRO A 917 12.06 21.14 48.35
CA PRO A 917 12.91 20.37 47.43
C PRO A 917 14.04 19.69 48.21
N LEU A 918 14.24 18.41 47.92
CA LEU A 918 15.06 17.57 48.78
C LEU A 918 16.53 17.75 48.45
N PRO A 919 17.37 18.13 49.42
CA PRO A 919 18.81 18.25 49.15
C PRO A 919 19.43 16.89 48.89
N VAL A 920 20.57 16.91 48.20
CA VAL A 920 21.34 15.68 47.99
C VAL A 920 21.84 15.16 49.33
N SER A 921 22.15 16.08 50.26
CA SER A 921 22.62 15.70 51.59
C SER A 921 21.61 14.83 52.34
N ALA A 922 20.35 14.76 51.89
CA ALA A 922 19.39 13.89 52.56
C ALA A 922 19.76 12.42 52.44
N LEU A 923 20.68 12.08 51.53
CA LEU A 923 21.19 10.71 51.45
C LEU A 923 21.95 10.29 52.71
N ARG A 924 22.38 11.26 53.53
CA ARG A 924 23.10 11.00 54.79
C ARG A 924 24.25 10.01 54.60
N ASN A 925 25.08 10.25 53.59
CA ASN A 925 26.18 9.34 53.29
C ASN A 925 27.15 10.00 52.32
N SER A 926 28.38 10.28 52.77
CA SER A 926 29.37 10.98 51.96
C SER A 926 29.57 10.29 50.61
N ALA A 927 29.96 9.02 50.65
CA ALA A 927 30.22 8.28 49.43
C ALA A 927 29.00 8.29 48.51
N PHE A 928 27.81 8.04 49.08
CA PHE A 928 26.58 8.09 48.28
C PHE A 928 26.37 9.47 47.67
N GLU A 929 26.47 10.52 48.49
CA GLU A 929 26.28 11.87 47.98
C GLU A 929 27.30 12.24 46.93
N SER A 930 28.43 11.51 46.85
CA SER A 930 29.41 11.74 45.80
C SER A 930 28.89 11.43 44.39
N LEU A 931 27.73 10.79 44.26
CA LEU A 931 27.21 10.44 42.95
C LEU A 931 26.41 11.56 42.31
N TYR A 932 25.80 12.43 43.11
CA TYR A 932 24.87 13.43 42.59
C TYR A 932 25.27 14.87 42.87
N GLN A 933 26.05 15.15 43.91
CA GLN A 933 26.21 16.54 44.36
C GLN A 933 26.90 17.41 43.33
N ASP A 934 27.70 16.84 42.44
CA ASP A 934 28.24 17.64 41.35
C ASP A 934 27.17 17.99 40.33
N LYS A 935 26.14 17.13 40.20
CA LYS A 935 25.22 17.23 39.07
C LYS A 935 24.08 18.22 39.32
N PHE A 936 23.62 18.32 40.56
CA PHE A 936 22.55 19.25 40.89
C PHE A 936 22.53 19.44 42.40
N PRO A 937 21.83 20.48 42.89
CA PRO A 937 21.73 20.66 44.34
C PRO A 937 20.51 19.96 44.96
N PHE A 938 19.51 19.61 44.14
CA PHE A 938 18.22 19.16 44.65
C PHE A 938 17.58 18.15 43.72
N PHE A 939 16.84 17.21 44.29
CA PHE A 939 15.99 16.33 43.52
C PHE A 939 14.69 17.03 43.16
N ASN A 940 14.10 16.62 42.02
CA ASN A 940 12.90 17.28 41.52
C ASN A 940 11.70 16.94 42.41
N PRO A 941 10.53 17.53 42.17
CA PRO A 941 9.38 17.26 43.06
C PRO A 941 9.00 15.79 43.17
N ILE A 942 9.13 15.01 42.10
CA ILE A 942 8.69 13.62 42.15
C ILE A 942 9.64 12.79 43.01
N GLN A 943 10.94 12.91 42.77
CA GLN A 943 11.91 12.20 43.59
C GLN A 943 11.79 12.63 45.05
N THR A 944 11.56 13.93 45.29
CA THR A 944 11.36 14.44 46.63
C THR A 944 10.13 13.80 47.29
N GLN A 945 9.08 13.54 46.51
CA GLN A 945 7.88 12.93 47.09
C GLN A 945 8.07 11.43 47.38
N VAL A 946 8.79 10.71 46.51
CA VAL A 946 8.88 9.25 46.69
C VAL A 946 10.08 8.83 47.55
N PHE A 947 11.02 9.74 47.81
CA PHE A 947 12.25 9.42 48.53
C PHE A 947 12.00 8.64 49.82
N ASN A 948 11.17 9.18 50.72
CA ASN A 948 10.99 8.54 52.02
C ASN A 948 10.56 7.08 51.87
N THR A 949 9.65 6.80 50.93
CA THR A 949 9.20 5.42 50.78
C THR A 949 10.25 4.54 50.12
N VAL A 950 11.03 5.08 49.19
CA VAL A 950 12.01 4.26 48.48
C VAL A 950 13.24 4.00 49.33
N TYR A 951 13.74 5.05 49.98
CA TYR A 951 15.02 5.02 50.67
C TYR A 951 14.89 4.53 52.11
N ASN A 952 13.77 4.81 52.77
CA ASN A 952 13.57 4.49 54.19
C ASN A 952 12.53 3.39 54.40
N SER A 953 12.28 2.56 53.40
CA SER A 953 11.30 1.51 53.57
C SER A 953 11.64 0.37 52.62
N ASP A 954 11.14 -0.82 52.96
CA ASP A 954 11.27 -1.98 52.10
C ASP A 954 9.97 -2.29 51.37
N ASP A 955 8.98 -1.40 51.45
CA ASP A 955 7.74 -1.63 50.73
C ASP A 955 8.01 -1.75 49.24
N ASN A 956 7.24 -2.63 48.59
CA ASN A 956 7.18 -2.61 47.14
C ASN A 956 6.66 -1.26 46.70
N VAL A 957 7.21 -0.72 45.62
CA VAL A 957 6.87 0.64 45.21
C VAL A 957 6.65 0.68 43.72
N PHE A 958 5.72 1.54 43.32
CA PHE A 958 5.42 1.86 41.93
C PHE A 958 5.51 3.38 41.78
N VAL A 959 6.17 3.83 40.71
CA VAL A 959 6.28 5.25 40.36
C VAL A 959 5.85 5.41 38.90
N GLY A 960 4.68 6.02 38.70
CA GLY A 960 4.20 6.36 37.37
C GLY A 960 4.32 7.86 37.15
N ALA A 961 4.89 8.23 36.02
CA ALA A 961 5.20 9.61 35.70
C ALA A 961 5.71 9.68 34.24
N PRO A 962 5.60 10.85 33.61
CA PRO A 962 6.09 10.98 32.22
C PRO A 962 7.59 10.75 32.10
N THR A 963 8.00 10.22 30.94
CA THR A 963 9.42 10.21 30.55
C THR A 963 10.03 11.58 30.78
N GLY A 964 11.25 11.61 31.28
CA GLY A 964 11.85 12.89 31.66
C GLY A 964 11.49 13.40 33.04
N SER A 965 11.08 12.52 33.96
CA SER A 965 10.87 12.91 35.34
C SER A 965 11.93 12.35 36.29
N GLY A 966 12.99 11.75 35.75
CA GLY A 966 14.02 11.13 36.58
C GLY A 966 13.60 9.94 37.41
N LYS A 967 12.78 9.03 36.84
CA LYS A 967 12.39 7.82 37.57
C LYS A 967 13.58 6.90 37.83
N THR A 968 14.61 6.99 36.99
CA THR A 968 15.79 6.16 37.20
C THR A 968 16.52 6.51 38.49
N ILE A 969 16.51 7.80 38.88
CA ILE A 969 17.10 8.17 40.16
C ILE A 969 16.33 7.54 41.32
N CYS A 970 15.01 7.37 41.17
CA CYS A 970 14.23 6.69 42.21
C CYS A 970 14.69 5.24 42.39
N ALA A 971 14.86 4.51 41.27
CA ALA A 971 15.42 3.17 41.40
C ALA A 971 16.81 3.20 42.02
N GLU A 972 17.56 4.28 41.78
CA GLU A 972 18.87 4.40 42.42
C GLU A 972 18.73 4.54 43.93
N PHE A 973 17.74 5.29 44.41
CA PHE A 973 17.45 5.33 45.85
C PHE A 973 17.28 3.92 46.40
N ALA A 974 16.49 3.11 45.69
CA ALA A 974 16.24 1.75 46.17
C ALA A 974 17.52 0.92 46.23
N ILE A 975 18.35 1.00 45.18
CA ILE A 975 19.63 0.30 45.18
C ILE A 975 20.49 0.71 46.38
N LEU A 976 20.61 2.01 46.64
CA LEU A 976 21.43 2.45 47.76
C LEU A 976 20.92 1.89 49.09
N ARG A 977 19.60 1.85 49.27
CA ARG A 977 19.08 1.21 50.47
C ARG A 977 19.54 -0.25 50.54
N MET A 978 19.49 -0.96 49.41
CA MET A 978 20.02 -2.33 49.38
C MET A 978 21.46 -2.38 49.88
N LEU A 979 22.30 -1.46 49.39
CA LEU A 979 23.72 -1.50 49.73
C LEU A 979 23.96 -1.22 51.21
N LEU A 980 23.07 -0.46 51.87
CA LEU A 980 23.22 -0.29 53.32
C LEU A 980 22.68 -1.49 54.11
N GLN A 981 21.58 -2.10 53.66
CA GLN A 981 21.06 -3.28 54.33
C GLN A 981 22.05 -4.44 54.32
N SER A 982 22.61 -4.73 53.14
CA SER A 982 23.39 -5.95 52.92
C SER A 982 24.64 -5.58 52.15
N SER A 983 25.81 -5.70 52.79
CA SER A 983 27.07 -5.32 52.18
C SER A 983 27.29 -6.01 50.83
N GLU A 984 26.60 -7.12 50.57
CA GLU A 984 26.69 -7.82 49.29
C GLU A 984 25.29 -8.20 48.78
N GLY A 985 24.42 -7.19 48.63
CA GLY A 985 23.11 -7.44 48.07
C GLY A 985 23.14 -7.55 46.56
N ARG A 986 22.25 -8.39 46.04
CA ARG A 986 22.11 -8.57 44.60
C ARG A 986 20.87 -7.82 44.13
N CYS A 987 21.05 -6.94 43.14
CA CYS A 987 19.95 -6.22 42.48
C CYS A 987 19.92 -6.60 41.01
N VAL A 988 18.72 -6.90 40.51
CA VAL A 988 18.49 -7.19 39.09
C VAL A 988 17.58 -6.09 38.56
N TYR A 989 17.98 -5.48 37.45
CA TYR A 989 17.27 -4.36 36.84
C TYR A 989 16.93 -4.73 35.39
N ILE A 990 15.63 -4.83 35.09
CA ILE A 990 15.15 -5.12 33.75
C ILE A 990 14.66 -3.83 33.11
N THR A 991 15.17 -3.51 31.93
CA THR A 991 14.58 -2.53 31.04
C THR A 991 14.21 -3.23 29.74
N PRO A 992 13.13 -2.79 29.07
CA PRO A 992 12.61 -3.57 27.93
C PRO A 992 13.35 -3.40 26.61
N MET A 993 14.36 -2.53 26.52
CA MET A 993 15.03 -2.25 25.25
C MET A 993 16.53 -2.36 25.45
N GLU A 994 17.23 -2.95 24.47
CA GLU A 994 18.67 -3.15 24.65
C GLU A 994 19.43 -1.82 24.65
N ALA A 995 18.97 -0.82 23.89
CA ALA A 995 19.68 0.46 23.87
C ALA A 995 19.57 1.16 25.23
N LEU A 996 18.38 1.12 25.84
CA LEU A 996 18.23 1.61 27.21
C LEU A 996 19.15 0.86 28.17
N ALA A 997 19.19 -0.47 28.08
CA ALA A 997 20.08 -1.22 28.96
C ALA A 997 21.52 -0.74 28.83
N GLU A 998 21.95 -0.42 27.60
CA GLU A 998 23.34 0.02 27.42
C GLU A 998 23.60 1.42 27.97
N GLN A 999 22.67 2.36 27.78
CA GLN A 999 22.82 3.67 28.42
C GLN A 999 22.87 3.55 29.94
N VAL A 1000 21.93 2.79 30.51
CA VAL A 1000 21.89 2.59 31.96
C VAL A 1000 23.17 1.92 32.42
N TYR A 1001 23.76 1.05 31.60
CA TYR A 1001 24.97 0.35 32.03
C TYR A 1001 26.15 1.31 32.09
N MET A 1002 26.26 2.22 31.11
CA MET A 1002 27.30 3.24 31.21
C MET A 1002 27.15 4.08 32.48
N ASP A 1003 25.96 4.66 32.67
CA ASP A 1003 25.76 5.58 33.79
C ASP A 1003 25.92 4.87 35.14
N TRP A 1004 25.35 3.68 35.27
CA TRP A 1004 25.43 2.98 36.56
C TRP A 1004 26.78 2.33 36.80
N TYR A 1005 27.53 1.97 35.74
CA TYR A 1005 28.91 1.56 35.94
C TYR A 1005 29.71 2.71 36.53
N GLU A 1006 29.56 3.92 35.96
CA GLU A 1006 30.24 5.07 36.55
C GLU A 1006 29.81 5.30 38.00
N LYS A 1007 28.53 5.11 38.31
CA LYS A 1007 28.06 5.47 39.65
C LYS A 1007 28.43 4.42 40.70
N PHE A 1008 28.13 3.14 40.47
CA PHE A 1008 28.23 2.14 41.52
C PHE A 1008 29.54 1.37 41.54
N GLN A 1009 30.17 1.14 40.38
CA GLN A 1009 31.45 0.45 40.37
C GLN A 1009 32.62 1.44 40.44
N ASP A 1010 32.64 2.44 39.56
CA ASP A 1010 33.69 3.45 39.63
C ASP A 1010 33.70 4.14 40.99
N ARG A 1011 32.54 4.59 41.47
CA ARG A 1011 32.51 5.39 42.68
C ARG A 1011 32.32 4.57 43.96
N LEU A 1012 31.27 3.74 44.03
CA LEU A 1012 30.99 2.99 45.25
C LEU A 1012 31.66 1.62 45.30
N ASN A 1013 32.30 1.21 44.20
CA ASN A 1013 33.11 -0.01 44.13
C ASN A 1013 32.30 -1.26 44.46
N LYS A 1014 31.07 -1.32 43.95
CA LYS A 1014 30.37 -2.58 43.78
C LYS A 1014 30.63 -3.05 42.34
N LYS A 1015 29.97 -4.12 41.89
CA LYS A 1015 30.16 -4.61 40.52
C LYS A 1015 28.87 -4.49 39.73
N VAL A 1016 28.94 -3.76 38.62
CA VAL A 1016 27.83 -3.57 37.70
C VAL A 1016 28.10 -4.41 36.46
N VAL A 1017 27.10 -5.16 36.00
CA VAL A 1017 27.27 -6.09 34.89
C VAL A 1017 26.06 -5.99 33.97
N LEU A 1018 26.31 -6.15 32.67
CA LEU A 1018 25.29 -6.09 31.65
C LEU A 1018 25.14 -7.46 31.00
N LEU A 1019 23.95 -8.06 31.13
CA LEU A 1019 23.75 -9.40 30.60
C LEU A 1019 23.89 -9.41 29.08
N THR A 1020 24.54 -10.45 28.58
CA THR A 1020 24.88 -10.57 27.17
C THR A 1020 23.92 -11.47 26.40
N GLY A 1021 23.28 -12.41 27.07
CA GLY A 1021 22.48 -13.42 26.40
C GLY A 1021 23.15 -14.78 26.33
N GLU A 1022 24.37 -14.89 26.85
CA GLU A 1022 25.17 -16.12 26.83
C GLU A 1022 25.09 -16.74 28.21
N THR A 1023 24.35 -17.84 28.33
CA THR A 1023 23.78 -18.18 29.63
C THR A 1023 24.85 -18.48 30.68
N SER A 1024 25.98 -19.07 30.30
CA SER A 1024 27.01 -19.35 31.30
C SER A 1024 27.71 -18.07 31.74
N THR A 1025 28.04 -17.19 30.79
CA THR A 1025 28.53 -15.86 31.12
C THR A 1025 27.54 -15.11 32.02
N ASP A 1026 26.26 -15.11 31.64
CA ASP A 1026 25.27 -14.38 32.42
C ASP A 1026 25.12 -14.96 33.82
N LEU A 1027 25.28 -16.28 33.98
CA LEU A 1027 25.21 -16.86 35.32
C LEU A 1027 26.42 -16.43 36.15
N LYS A 1028 27.60 -16.32 35.53
CA LYS A 1028 28.75 -15.82 36.30
C LYS A 1028 28.63 -14.33 36.61
N LEU A 1029 28.02 -13.54 35.73
CA LEU A 1029 27.73 -12.14 36.03
C LEU A 1029 26.75 -12.03 37.20
N LEU A 1030 25.65 -12.79 37.14
CA LEU A 1030 24.69 -12.83 38.24
C LEU A 1030 25.35 -13.27 39.54
N GLY A 1031 26.32 -14.18 39.47
CA GLY A 1031 27.03 -14.57 40.67
C GLY A 1031 27.91 -13.48 41.23
N LYS A 1032 28.64 -12.78 40.36
CA LYS A 1032 29.61 -11.81 40.86
C LYS A 1032 29.08 -10.37 40.94
N GLY A 1033 28.03 -10.02 40.20
CA GLY A 1033 27.60 -8.64 40.14
C GLY A 1033 26.66 -8.26 41.27
N ASN A 1034 26.76 -7.01 41.70
CA ASN A 1034 25.78 -6.45 42.62
C ASN A 1034 24.62 -5.79 41.89
N ILE A 1035 24.87 -5.26 40.69
CA ILE A 1035 23.86 -4.70 39.81
C ILE A 1035 23.90 -5.48 38.52
N ILE A 1036 22.80 -6.14 38.18
CA ILE A 1036 22.70 -6.92 36.95
C ILE A 1036 21.67 -6.24 36.06
N ILE A 1037 22.12 -5.62 34.98
CA ILE A 1037 21.22 -4.96 34.02
C ILE A 1037 20.88 -5.94 32.90
N SER A 1038 19.60 -6.04 32.56
CA SER A 1038 19.19 -7.04 31.59
C SER A 1038 17.94 -6.60 30.84
N THR A 1039 17.77 -7.13 29.60
CA THR A 1039 16.50 -7.08 28.88
C THR A 1039 15.65 -8.30 29.23
N PRO A 1040 14.35 -8.27 28.89
CA PRO A 1040 13.45 -9.32 29.42
C PRO A 1040 13.84 -10.75 29.11
N GLU A 1041 14.19 -11.07 27.85
CA GLU A 1041 14.39 -12.48 27.50
C GLU A 1041 15.65 -13.05 28.12
N LYS A 1042 16.71 -12.24 28.24
CA LYS A 1042 17.91 -12.69 28.93
C LYS A 1042 17.67 -12.96 30.40
N TRP A 1043 16.62 -12.35 30.97
CA TRP A 1043 16.23 -12.72 32.32
C TRP A 1043 15.24 -13.88 32.33
N ASP A 1044 14.46 -14.03 31.27
CA ASP A 1044 13.53 -15.17 31.18
C ASP A 1044 14.30 -16.48 31.19
N ILE A 1045 15.28 -16.62 30.30
CA ILE A 1045 16.00 -17.89 30.22
C ILE A 1045 16.71 -18.20 31.55
N LEU A 1046 17.35 -17.19 32.14
CA LEU A 1046 17.96 -17.34 33.45
C LEU A 1046 16.93 -17.79 34.49
N SER A 1047 15.92 -16.96 34.74
CA SER A 1047 15.07 -17.14 35.92
C SER A 1047 14.07 -18.28 35.75
N ARG A 1048 13.96 -18.88 34.56
CA ARG A 1048 13.24 -20.14 34.43
C ARG A 1048 13.86 -21.19 35.35
N ARG A 1049 15.18 -21.28 35.38
CA ARG A 1049 15.86 -22.30 36.14
C ARG A 1049 16.08 -21.85 37.57
N TRP A 1050 15.05 -21.26 38.20
CA TRP A 1050 15.26 -20.69 39.52
C TRP A 1050 15.28 -21.72 40.64
N LYS A 1051 14.64 -22.88 40.45
CA LYS A 1051 14.64 -23.88 41.51
C LYS A 1051 16.00 -24.51 41.69
N GLN A 1052 16.83 -24.50 40.64
CA GLN A 1052 18.17 -25.05 40.68
C GLN A 1052 19.26 -24.00 40.77
N ARG A 1053 18.91 -22.72 40.64
CA ARG A 1053 19.92 -21.66 40.58
C ARG A 1053 19.71 -20.71 41.75
N LYS A 1054 20.66 -20.76 42.70
CA LYS A 1054 20.50 -20.04 43.96
C LYS A 1054 20.65 -18.54 43.76
N ASN A 1055 21.60 -18.14 42.90
CA ASN A 1055 21.80 -16.71 42.63
C ASN A 1055 20.58 -16.05 42.03
N VAL A 1056 19.62 -16.84 41.52
CA VAL A 1056 18.38 -16.27 41.02
C VAL A 1056 17.44 -15.92 42.17
N GLN A 1057 17.33 -16.79 43.18
CA GLN A 1057 16.45 -16.49 44.29
C GLN A 1057 17.09 -15.61 45.36
N ASN A 1058 18.42 -15.53 45.43
CA ASN A 1058 19.04 -14.73 46.47
C ASN A 1058 18.92 -13.22 46.23
N ILE A 1059 18.22 -12.81 45.17
CA ILE A 1059 18.09 -11.40 44.81
C ILE A 1059 17.40 -10.63 45.93
N ASN A 1060 18.02 -9.52 46.35
CA ASN A 1060 17.41 -8.61 47.30
C ASN A 1060 16.42 -7.67 46.63
N LEU A 1061 16.77 -7.13 45.46
CA LEU A 1061 16.01 -6.06 44.84
C LEU A 1061 15.78 -6.35 43.35
N PHE A 1062 14.55 -6.16 42.90
CA PHE A 1062 14.19 -6.35 41.50
C PHE A 1062 13.50 -5.08 41.02
N VAL A 1063 14.09 -4.44 40.01
CA VAL A 1063 13.60 -3.18 39.48
C VAL A 1063 13.25 -3.38 38.02
N VAL A 1064 12.02 -3.03 37.66
CA VAL A 1064 11.58 -3.09 36.28
C VAL A 1064 11.27 -1.66 35.84
N ASP A 1065 11.92 -1.23 34.75
CA ASP A 1065 11.79 0.09 34.15
C ASP A 1065 10.86 0.02 32.94
N GLU A 1066 10.28 1.16 32.58
CA GLU A 1066 9.39 1.28 31.41
C GLU A 1066 8.36 0.16 31.37
N VAL A 1067 7.75 -0.13 32.53
CA VAL A 1067 6.87 -1.30 32.63
C VAL A 1067 5.55 -1.13 31.88
N HIS A 1068 5.20 0.08 31.44
CA HIS A 1068 4.00 0.16 30.62
C HIS A 1068 4.16 -0.64 29.32
N LEU A 1069 5.41 -0.97 28.92
CA LEU A 1069 5.53 -1.80 27.72
C LEU A 1069 5.05 -3.23 27.95
N ILE A 1070 4.49 -3.63 29.10
CA ILE A 1070 3.74 -4.88 29.15
C ILE A 1070 2.62 -4.87 28.12
N GLY A 1071 2.13 -3.68 27.76
CA GLY A 1071 1.02 -3.58 26.83
C GLY A 1071 1.39 -3.66 25.36
N GLY A 1072 2.67 -3.64 25.03
CA GLY A 1072 3.12 -3.58 23.66
C GLY A 1072 3.58 -4.92 23.11
N GLU A 1073 4.21 -4.85 21.94
CA GLU A 1073 4.46 -6.05 21.13
C GLU A 1073 5.27 -7.09 21.90
N ASN A 1074 6.24 -6.68 22.72
CA ASN A 1074 7.02 -7.62 23.51
C ASN A 1074 6.64 -7.65 24.99
N GLY A 1075 5.42 -7.19 25.32
CA GLY A 1075 4.98 -7.18 26.70
C GLY A 1075 4.90 -8.52 27.39
N PRO A 1076 4.47 -9.59 26.70
CA PRO A 1076 4.31 -10.88 27.40
C PRO A 1076 5.52 -11.37 28.18
N VAL A 1077 6.71 -11.36 27.60
CA VAL A 1077 7.87 -11.88 28.33
C VAL A 1077 8.15 -11.04 29.58
N LEU A 1078 7.98 -9.72 29.48
CA LEU A 1078 8.16 -8.86 30.64
C LEU A 1078 7.14 -9.16 31.74
N GLU A 1079 5.87 -9.30 31.37
CA GLU A 1079 4.85 -9.69 32.33
C GLU A 1079 5.19 -11.03 33.00
N VAL A 1080 5.66 -12.01 32.21
CA VAL A 1080 5.99 -13.31 32.76
C VAL A 1080 7.11 -13.21 33.80
N ILE A 1081 8.21 -12.50 33.46
CA ILE A 1081 9.34 -12.47 34.40
C ILE A 1081 8.96 -11.72 35.68
N CYS A 1082 8.16 -10.64 35.58
CA CYS A 1082 7.70 -9.96 36.79
C CYS A 1082 6.85 -10.87 37.66
N SER A 1083 5.87 -11.57 37.04
CA SER A 1083 5.03 -12.48 37.81
C SER A 1083 5.88 -13.55 38.48
N ARG A 1084 6.93 -14.01 37.80
CA ARG A 1084 7.78 -15.04 38.37
C ARG A 1084 8.56 -14.52 39.57
N MET A 1085 9.07 -13.29 39.50
CA MET A 1085 9.74 -12.74 40.68
C MET A 1085 8.79 -12.68 41.86
N ARG A 1086 7.51 -12.35 41.62
CA ARG A 1086 6.54 -12.38 42.71
C ARG A 1086 6.37 -13.80 43.27
N TYR A 1087 6.15 -14.77 42.39
CA TYR A 1087 5.94 -16.16 42.81
C TYR A 1087 7.14 -16.68 43.61
N ILE A 1088 8.36 -16.42 43.12
CA ILE A 1088 9.58 -16.86 43.80
C ILE A 1088 9.65 -16.24 45.18
N SER A 1089 9.37 -14.94 45.29
CA SER A 1089 9.36 -14.31 46.60
C SER A 1089 8.39 -15.01 47.55
N SER A 1090 7.24 -15.46 47.03
CA SER A 1090 6.28 -16.12 47.91
C SER A 1090 6.71 -17.56 48.27
N GLN A 1091 7.46 -18.22 47.39
CA GLN A 1091 7.99 -19.56 47.68
C GLN A 1091 9.09 -19.51 48.74
N ILE A 1092 10.19 -18.83 48.44
CA ILE A 1092 11.32 -18.80 49.36
C ILE A 1092 11.03 -18.07 50.67
N GLU A 1093 9.84 -17.46 50.80
CA GLU A 1093 9.35 -16.85 52.06
C GLU A 1093 10.34 -15.86 52.69
N ARG A 1094 11.29 -15.38 51.90
CA ARG A 1094 12.16 -14.26 52.28
C ARG A 1094 12.02 -13.21 51.18
N PRO A 1095 11.29 -12.12 51.43
CA PRO A 1095 10.72 -11.32 50.33
C PRO A 1095 11.78 -10.67 49.45
N ILE A 1096 11.43 -10.53 48.17
CA ILE A 1096 12.25 -9.82 47.19
C ILE A 1096 11.53 -8.52 46.88
N ARG A 1097 12.17 -7.39 47.23
CA ARG A 1097 11.54 -6.10 47.03
C ARG A 1097 11.45 -5.78 45.54
N ILE A 1098 10.29 -5.25 45.12
CA ILE A 1098 10.04 -4.90 43.73
C ILE A 1098 9.83 -3.39 43.64
N VAL A 1099 10.53 -2.76 42.70
CA VAL A 1099 10.35 -1.36 42.35
C VAL A 1099 9.98 -1.30 40.86
N ALA A 1100 8.81 -0.73 40.58
CA ALA A 1100 8.31 -0.59 39.21
C ALA A 1100 8.30 0.87 38.80
N LEU A 1101 8.83 1.15 37.62
CA LEU A 1101 8.84 2.49 37.05
C LEU A 1101 8.06 2.48 35.75
N SER A 1102 7.30 3.54 35.50
CA SER A 1102 6.38 3.49 34.36
C SER A 1102 6.07 4.92 33.90
N SER A 1103 5.66 5.03 32.63
CA SER A 1103 4.95 6.22 32.16
C SER A 1103 3.61 6.33 32.86
N SER A 1104 3.06 7.54 32.84
CA SER A 1104 1.76 7.76 33.46
C SER A 1104 0.71 6.80 32.90
N LEU A 1105 0.06 6.09 33.82
CA LEU A 1105 -0.89 5.02 33.51
C LEU A 1105 -2.26 5.35 34.09
N SER A 1106 -3.32 5.15 33.30
CA SER A 1106 -4.65 5.34 33.84
C SER A 1106 -5.04 4.20 34.78
N ASN A 1107 -4.67 2.97 34.45
CA ASN A 1107 -4.93 1.82 35.31
C ASN A 1107 -3.68 1.46 36.13
N ALA A 1108 -3.06 2.48 36.72
CA ALA A 1108 -1.85 2.27 37.52
C ALA A 1108 -2.11 1.33 38.68
N LYS A 1109 -3.27 1.44 39.33
CA LYS A 1109 -3.50 0.65 40.53
C LYS A 1109 -3.54 -0.85 40.23
N ASP A 1110 -3.99 -1.24 39.03
CA ASP A 1110 -3.94 -2.65 38.63
C ASP A 1110 -2.50 -3.17 38.59
N VAL A 1111 -1.59 -2.38 38.01
CA VAL A 1111 -0.19 -2.79 37.97
C VAL A 1111 0.36 -2.86 39.39
N ALA A 1112 0.14 -1.83 40.19
CA ALA A 1112 0.69 -1.84 41.54
C ALA A 1112 0.17 -3.01 42.36
N HIS A 1113 -1.12 -3.36 42.20
CA HIS A 1113 -1.69 -4.46 42.97
C HIS A 1113 -1.16 -5.80 42.47
N TRP A 1114 -0.99 -5.91 41.13
CA TRP A 1114 -0.34 -7.07 40.53
C TRP A 1114 1.05 -7.29 41.11
N LEU A 1115 1.82 -6.23 41.32
CA LEU A 1115 3.17 -6.34 41.86
C LEU A 1115 3.20 -6.19 43.38
N GLY A 1116 2.06 -6.23 44.05
CA GLY A 1116 1.98 -6.14 45.50
C GLY A 1116 2.50 -4.83 46.08
N CYS A 1117 2.03 -3.71 45.55
CA CYS A 1117 2.43 -2.39 46.03
C CYS A 1117 1.26 -1.80 46.83
N SER A 1118 1.48 -1.54 48.12
CA SER A 1118 0.45 -0.93 48.94
C SER A 1118 0.02 0.39 48.33
N ALA A 1119 -1.26 0.73 48.49
CA ALA A 1119 -1.76 1.95 47.87
C ALA A 1119 -0.96 3.17 48.30
N THR A 1120 -0.53 3.23 49.56
CA THR A 1120 0.28 4.36 49.95
C THR A 1120 1.66 4.33 49.30
N SER A 1121 2.05 3.21 48.70
CA SER A 1121 3.35 3.06 48.05
C SER A 1121 3.25 3.01 46.53
N THR A 1122 2.11 3.41 45.95
CA THR A 1122 1.99 3.55 44.51
C THR A 1122 1.78 5.04 44.19
N PHE A 1123 2.72 5.61 43.45
CA PHE A 1123 2.71 7.01 43.06
C PHE A 1123 2.28 7.09 41.59
N ASN A 1124 1.01 7.39 41.36
CA ASN A 1124 0.41 7.41 40.03
C ASN A 1124 0.22 8.86 39.62
N PHE A 1125 1.25 9.44 39.01
CA PHE A 1125 1.21 10.79 38.50
C PHE A 1125 0.78 10.79 37.04
N HIS A 1126 0.15 11.87 36.63
CA HIS A 1126 -0.33 12.04 35.27
C HIS A 1126 0.54 13.09 34.56
N PRO A 1127 0.41 13.23 33.23
CA PRO A 1127 1.42 14.00 32.47
C PRO A 1127 1.61 15.44 32.90
N ASN A 1128 0.63 16.06 33.57
CA ASN A 1128 0.77 17.47 33.93
C ASN A 1128 1.85 17.73 34.97
N VAL A 1129 2.43 16.70 35.59
CA VAL A 1129 3.40 16.91 36.66
C VAL A 1129 4.85 16.85 36.20
N ARG A 1130 5.10 16.62 34.91
CA ARG A 1130 6.46 16.52 34.41
C ARG A 1130 7.29 17.73 34.91
N PRO A 1131 8.47 17.51 35.48
CA PRO A 1131 9.22 18.64 36.10
C PRO A 1131 9.59 19.76 35.14
N VAL A 1132 9.89 19.44 33.89
CA VAL A 1132 10.01 20.47 32.85
C VAL A 1132 8.68 20.50 32.09
N PRO A 1133 7.91 21.59 32.20
CA PRO A 1133 6.58 21.64 31.57
C PRO A 1133 6.65 21.39 30.07
N LEU A 1134 5.65 20.67 29.55
CA LEU A 1134 5.61 20.26 28.14
C LEU A 1134 4.51 21.02 27.40
N GLU A 1135 4.90 21.86 26.44
CA GLU A 1135 3.95 22.49 25.53
C GLU A 1135 3.82 21.59 24.30
N LEU A 1136 2.75 20.81 24.24
CA LEU A 1136 2.53 19.87 23.15
C LEU A 1136 1.55 20.45 22.13
N HIS A 1137 1.94 20.43 20.85
CA HIS A 1137 1.10 20.87 19.76
C HIS A 1137 0.95 19.74 18.75
N ILE A 1138 -0.28 19.47 18.33
CA ILE A 1138 -0.59 18.42 17.38
C ILE A 1138 -1.25 19.08 16.17
N GLN A 1139 -0.54 19.13 15.02
CA GLN A 1139 -1.10 19.64 13.78
C GLN A 1139 -1.52 18.47 12.89
N GLY A 1140 -2.72 18.52 12.35
CA GLY A 1140 -3.21 17.46 11.48
C GLY A 1140 -2.99 17.83 10.02
N PHE A 1141 -2.75 16.82 9.19
CA PHE A 1141 -2.54 17.04 7.76
C PHE A 1141 -3.51 16.20 6.95
N ASN A 1142 -4.19 16.86 6.01
CA ASN A 1142 -5.37 16.36 5.32
C ASN A 1142 -5.06 15.36 4.21
N ILE A 1143 -3.79 15.24 3.82
CA ILE A 1143 -3.44 14.48 2.63
C ILE A 1143 -3.28 13.00 3.00
N SER A 1144 -4.05 12.14 2.34
CA SER A 1144 -4.02 10.70 2.63
C SER A 1144 -2.92 9.92 1.90
N HIS A 1145 -2.15 10.55 1.01
CA HIS A 1145 -1.06 9.89 0.28
C HIS A 1145 0.26 10.31 0.94
N THR A 1146 1.07 9.32 1.34
CA THR A 1146 2.11 9.57 2.34
C THR A 1146 3.23 10.46 1.82
N GLN A 1147 3.73 10.20 0.60
CA GLN A 1147 4.80 11.04 0.05
C GLN A 1147 4.36 12.49 -0.12
N THR A 1148 3.14 12.71 -0.61
CA THR A 1148 2.61 14.08 -0.64
C THR A 1148 2.37 14.65 0.76
N ARG A 1149 1.96 13.82 1.74
CA ARG A 1149 1.76 14.38 3.07
C ARG A 1149 3.10 14.83 3.67
N LEU A 1150 4.14 14.01 3.47
CA LEU A 1150 5.46 14.42 3.93
C LEU A 1150 5.89 15.70 3.25
N LEU A 1151 5.59 15.82 1.96
CA LEU A 1151 5.91 17.05 1.25
C LEU A 1151 5.25 18.24 1.92
N SER A 1152 3.93 18.15 2.17
CA SER A 1152 3.22 19.26 2.82
C SER A 1152 3.73 19.54 4.24
N MET A 1153 4.44 18.59 4.85
CA MET A 1153 5.05 18.87 6.15
C MET A 1153 6.42 19.54 6.08
N ALA A 1154 7.14 19.38 4.96
CA ALA A 1154 8.51 19.89 4.81
C ALA A 1154 8.73 21.30 5.37
N LYS A 1155 8.00 22.28 4.86
CA LYS A 1155 8.16 23.65 5.31
C LYS A 1155 7.56 23.94 6.70
N PRO A 1156 6.39 23.38 7.07
CA PRO A 1156 5.96 23.54 8.48
C PRO A 1156 7.01 23.11 9.49
N VAL A 1157 7.82 22.10 9.17
CA VAL A 1157 8.95 21.75 10.04
C VAL A 1157 9.82 22.97 10.30
N TYR A 1158 10.26 23.63 9.22
CA TYR A 1158 11.08 24.83 9.39
C TYR A 1158 10.35 25.89 10.20
N HIS A 1159 9.11 26.22 9.82
CA HIS A 1159 8.35 27.27 10.53
C HIS A 1159 8.19 26.95 12.01
N ALA A 1160 8.03 25.66 12.33
CA ALA A 1160 7.95 25.23 13.72
C ALA A 1160 9.25 25.50 14.46
N ILE A 1161 10.39 25.29 13.80
CA ILE A 1161 11.67 25.58 14.44
C ILE A 1161 11.76 27.06 14.78
N THR A 1162 11.44 27.92 13.81
CA THR A 1162 11.58 29.36 14.07
C THR A 1162 10.56 29.87 15.09
N LYS A 1163 9.37 29.26 15.17
CA LYS A 1163 8.35 29.73 16.12
C LYS A 1163 8.59 29.21 17.53
N HIS A 1164 9.03 27.95 17.66
CA HIS A 1164 9.14 27.35 18.98
C HIS A 1164 10.57 27.23 19.49
N SER A 1165 11.58 27.23 18.61
CA SER A 1165 12.94 27.07 19.11
C SER A 1165 13.98 27.62 18.15
N PRO A 1166 13.93 28.93 17.82
CA PRO A 1166 14.86 29.45 16.79
C PRO A 1166 16.30 29.50 17.27
N LYS A 1167 16.53 29.59 18.57
CA LYS A 1167 17.87 29.56 19.12
C LYS A 1167 18.28 28.22 19.71
N LYS A 1168 17.33 27.40 20.14
CA LYS A 1168 17.64 26.27 21.01
C LYS A 1168 17.55 24.94 20.27
N PRO A 1169 18.20 23.89 20.79
CA PRO A 1169 18.36 22.64 20.02
C PRO A 1169 17.05 21.95 19.67
N VAL A 1170 17.05 21.29 18.50
CA VAL A 1170 15.86 20.71 17.89
C VAL A 1170 16.19 19.31 17.38
N ILE A 1171 15.34 18.34 17.73
CA ILE A 1171 15.38 17.03 17.11
C ILE A 1171 14.16 16.91 16.21
N VAL A 1172 14.35 16.35 15.01
CA VAL A 1172 13.23 16.04 14.14
C VAL A 1172 13.25 14.55 13.88
N PHE A 1173 12.21 13.84 14.33
CA PHE A 1173 12.05 12.42 14.05
C PHE A 1173 11.32 12.24 12.73
N VAL A 1174 11.88 11.41 11.86
CA VAL A 1174 11.29 11.18 10.54
C VAL A 1174 11.10 9.67 10.36
N PRO A 1175 10.23 9.26 9.44
CA PRO A 1175 9.83 7.83 9.39
C PRO A 1175 10.86 6.88 8.79
N SER A 1176 11.90 7.34 8.10
CA SER A 1176 12.77 6.39 7.43
C SER A 1176 14.21 6.92 7.36
N ARG A 1177 15.11 6.00 7.02
CA ARG A 1177 16.53 6.33 6.85
C ARG A 1177 16.71 7.38 5.76
N LYS A 1178 16.05 7.17 4.61
CA LYS A 1178 16.22 8.08 3.49
C LYS A 1178 15.70 9.48 3.83
N GLN A 1179 14.68 9.52 4.68
CA GLN A 1179 14.02 10.78 5.01
C GLN A 1179 14.89 11.67 5.87
N THR A 1180 15.74 11.08 6.74
CA THR A 1180 16.65 11.88 7.57
C THR A 1180 17.50 12.80 6.69
N ARG A 1181 18.13 12.23 5.66
CA ARG A 1181 18.95 13.04 4.77
C ARG A 1181 18.09 14.04 3.99
N LEU A 1182 16.97 13.57 3.42
CA LEU A 1182 16.14 14.47 2.61
C LEU A 1182 15.65 15.67 3.43
N THR A 1183 15.31 15.46 4.70
CA THR A 1183 14.78 16.56 5.49
C THR A 1183 15.88 17.48 6.00
N ALA A 1184 17.05 16.94 6.37
CA ALA A 1184 18.18 17.82 6.67
C ALA A 1184 18.45 18.78 5.51
N ILE A 1185 18.51 18.24 4.29
CA ILE A 1185 18.75 19.09 3.13
C ILE A 1185 17.61 20.08 2.94
N ASP A 1186 16.38 19.64 3.18
CA ASP A 1186 15.24 20.52 2.93
C ASP A 1186 15.20 21.67 3.91
N ILE A 1187 15.40 21.39 5.20
CA ILE A 1187 15.56 22.43 6.20
C ILE A 1187 16.63 23.42 5.78
N LEU A 1188 17.77 22.89 5.28
CA LEU A 1188 18.87 23.75 4.84
C LEU A 1188 18.45 24.66 3.70
N THR A 1189 17.77 24.09 2.69
CA THR A 1189 17.28 24.89 1.58
C THR A 1189 16.36 25.99 2.07
N THR A 1190 15.48 25.65 3.01
CA THR A 1190 14.49 26.62 3.45
C THR A 1190 15.17 27.78 4.17
N CYS A 1191 16.12 27.49 5.04
CA CYS A 1191 16.79 28.59 5.74
C CYS A 1191 17.74 29.35 4.82
N ALA A 1192 18.21 28.73 3.73
CA ALA A 1192 18.97 29.48 2.73
C ALA A 1192 18.09 30.44 1.94
N ALA A 1193 16.98 29.93 1.37
CA ALA A 1193 16.02 30.80 0.68
C ALA A 1193 15.33 31.75 1.64
N ASP A 1194 15.39 31.48 2.94
CA ASP A 1194 14.97 32.42 3.96
C ASP A 1194 16.04 33.51 4.09
N ILE A 1195 15.82 34.45 5.00
CA ILE A 1195 16.86 35.44 5.27
C ILE A 1195 18.00 34.79 6.05
N GLN A 1196 17.69 34.00 7.07
CA GLN A 1196 18.69 33.47 7.99
C GLN A 1196 19.27 32.17 7.43
N ARG A 1197 20.33 32.30 6.63
CA ARG A 1197 21.08 31.15 6.12
C ARG A 1197 22.19 30.79 7.09
N GLN A 1198 22.42 29.48 7.25
CA GLN A 1198 23.43 28.93 8.16
C GLN A 1198 23.15 29.28 9.62
N ARG A 1199 21.93 29.70 9.92
CA ARG A 1199 21.53 30.14 11.26
C ARG A 1199 21.60 29.00 12.30
N PHE A 1200 21.82 27.76 11.87
CA PHE A 1200 21.86 26.63 12.80
C PHE A 1200 23.27 26.17 13.15
N LEU A 1201 24.30 26.85 12.66
CA LEU A 1201 25.68 26.58 13.05
C LEU A 1201 26.10 27.56 14.14
N HIS A 1202 26.64 27.04 15.24
CA HIS A 1202 26.98 27.87 16.40
C HIS A 1202 28.44 27.74 16.81
N CYS A 1203 29.25 27.02 16.04
CA CYS A 1203 30.70 27.14 16.10
C CYS A 1203 31.20 27.62 14.74
N THR A 1204 32.52 27.70 14.58
CA THR A 1204 33.09 28.27 13.37
C THR A 1204 33.32 27.19 12.31
N GLU A 1205 33.42 27.63 11.06
CA GLU A 1205 33.55 26.73 9.93
C GLU A 1205 34.83 25.91 9.96
N LYS A 1206 35.80 26.27 10.81
CA LYS A 1206 37.07 25.55 10.86
C LYS A 1206 37.32 24.80 12.16
N ASP A 1207 36.68 25.20 13.27
CA ASP A 1207 36.70 24.36 14.48
C ASP A 1207 36.08 23.01 14.20
N LEU A 1208 35.27 22.91 13.16
CA LEU A 1208 34.50 21.72 12.86
C LEU A 1208 35.27 20.69 12.06
N ILE A 1209 36.16 21.11 11.17
CA ILE A 1209 36.73 20.22 10.16
C ILE A 1209 37.60 19.10 10.72
N PRO A 1210 38.27 19.24 11.88
CA PRO A 1210 38.90 18.03 12.46
C PRO A 1210 37.88 16.96 12.81
N TYR A 1211 36.70 17.36 13.29
CA TYR A 1211 35.58 16.42 13.38
C TYR A 1211 35.19 15.89 12.00
N LEU A 1212 35.10 16.79 11.01
CA LEU A 1212 34.43 16.46 9.76
C LEU A 1212 35.20 15.44 8.94
N GLU A 1213 36.52 15.59 8.85
CA GLU A 1213 37.29 14.69 8.00
C GLU A 1213 37.19 13.25 8.45
N LYS A 1214 36.86 13.02 9.72
CA LYS A 1214 36.64 11.67 10.24
C LYS A 1214 35.35 11.03 9.72
N LEU A 1215 34.62 11.68 8.83
CA LEU A 1215 33.40 11.11 8.27
C LEU A 1215 33.63 10.70 6.83
N SER A 1216 32.72 9.88 6.32
CA SER A 1216 32.77 9.40 4.94
C SER A 1216 31.64 9.92 4.08
N ASP A 1217 30.42 9.96 4.63
CA ASP A 1217 29.25 10.53 3.97
C ASP A 1217 29.51 12.01 3.64
N SER A 1218 29.64 12.35 2.36
CA SER A 1218 29.91 13.73 2.00
C SER A 1218 28.70 14.62 2.28
N THR A 1219 27.48 14.10 2.04
CA THR A 1219 26.27 14.87 2.29
C THR A 1219 26.15 15.25 3.77
N LEU A 1220 26.40 14.28 4.65
CA LEU A 1220 26.43 14.57 6.09
C LEU A 1220 27.43 15.68 6.40
N LYS A 1221 28.56 15.71 5.68
CA LYS A 1221 29.54 16.77 5.86
C LYS A 1221 28.96 18.14 5.49
N GLU A 1222 28.35 18.26 4.31
CA GLU A 1222 27.81 19.55 3.88
C GLU A 1222 26.72 20.04 4.84
N THR A 1223 25.78 19.16 5.17
CA THR A 1223 24.70 19.56 6.06
C THR A 1223 25.23 19.97 7.43
N LEU A 1224 26.18 19.20 7.98
CA LEU A 1224 26.77 19.56 9.26
C LEU A 1224 27.45 20.92 9.18
N LEU A 1225 28.09 21.20 8.04
CA LEU A 1225 28.69 22.51 7.81
C LEU A 1225 27.66 23.63 7.93
N ASN A 1226 26.43 23.39 7.48
CA ASN A 1226 25.39 24.40 7.64
C ASN A 1226 24.54 24.22 8.89
N GLY A 1227 25.00 23.40 9.85
CA GLY A 1227 24.43 23.35 11.18
C GLY A 1227 23.39 22.28 11.41
N VAL A 1228 23.27 21.30 10.51
CA VAL A 1228 22.21 20.30 10.58
C VAL A 1228 22.82 18.92 10.46
N GLY A 1229 22.63 18.09 11.48
CA GLY A 1229 23.06 16.70 11.43
C GLY A 1229 21.90 15.75 11.14
N TYR A 1230 22.26 14.50 10.87
CA TYR A 1230 21.23 13.48 10.84
C TYR A 1230 21.77 12.18 11.42
N LEU A 1231 20.83 11.34 11.87
CA LEU A 1231 21.13 10.04 12.46
C LEU A 1231 20.21 9.00 11.84
N HIS A 1232 20.83 7.91 11.40
CA HIS A 1232 20.09 6.74 10.92
C HIS A 1232 20.96 5.52 11.18
N GLU A 1233 20.38 4.36 10.91
CA GLU A 1233 20.95 3.09 11.33
C GLU A 1233 22.13 2.66 10.45
N GLY A 1234 22.12 3.04 9.18
CA GLY A 1234 23.20 2.70 8.27
C GLY A 1234 24.46 3.53 8.40
N LEU A 1235 24.53 4.39 9.40
CA LEU A 1235 25.75 5.17 9.64
C LEU A 1235 26.65 4.39 10.56
N SER A 1236 27.97 4.52 10.34
CA SER A 1236 28.94 3.88 11.21
C SER A 1236 28.82 4.44 12.63
N PRO A 1237 29.06 3.62 13.65
CA PRO A 1237 28.83 4.08 15.04
C PRO A 1237 29.63 5.32 15.41
N MET A 1238 30.82 5.49 14.83
CA MET A 1238 31.63 6.67 15.11
C MET A 1238 31.08 7.91 14.43
N GLU A 1239 30.47 7.76 13.24
CA GLU A 1239 29.77 8.88 12.62
C GLU A 1239 28.63 9.37 13.52
N ARG A 1240 27.80 8.44 14.00
CA ARG A 1240 26.70 8.81 14.89
C ARG A 1240 27.23 9.44 16.17
N ARG A 1241 28.34 8.91 16.70
CA ARG A 1241 28.92 9.49 17.91
C ARG A 1241 29.40 10.92 17.65
N LEU A 1242 29.99 11.18 16.49
CA LEU A 1242 30.43 12.53 16.16
C LEU A 1242 29.25 13.49 16.06
N VAL A 1243 28.17 13.07 15.40
CA VAL A 1243 27.00 13.94 15.26
C VAL A 1243 26.37 14.21 16.62
N GLU A 1244 26.31 13.19 17.49
CA GLU A 1244 25.79 13.41 18.84
C GLU A 1244 26.66 14.39 19.61
N GLN A 1245 27.99 14.22 19.53
CA GLN A 1245 28.88 15.08 20.30
C GLN A 1245 28.81 16.53 19.81
N LEU A 1246 28.67 16.73 18.50
CA LEU A 1246 28.49 18.07 17.96
C LEU A 1246 27.16 18.66 18.39
N PHE A 1247 26.10 17.84 18.44
CA PHE A 1247 24.79 18.32 18.84
C PHE A 1247 24.74 18.72 20.32
N SER A 1248 25.21 17.84 21.20
CA SER A 1248 25.10 18.13 22.62
C SER A 1248 26.02 19.26 23.03
N SER A 1249 27.11 19.45 22.29
CA SER A 1249 28.01 20.57 22.58
C SER A 1249 27.43 21.91 22.18
N GLY A 1250 26.30 21.94 21.49
CA GLY A 1250 25.71 23.19 21.02
C GLY A 1250 26.16 23.65 19.65
N ALA A 1251 27.06 22.94 18.99
CA ALA A 1251 27.66 23.42 17.75
C ALA A 1251 26.64 23.47 16.61
N ILE A 1252 26.00 22.32 16.33
CA ILE A 1252 24.90 22.24 15.37
C ILE A 1252 23.61 22.31 16.16
N GLN A 1253 22.59 22.94 15.57
CA GLN A 1253 21.37 23.21 16.31
C GLN A 1253 20.26 22.20 16.04
N VAL A 1254 20.29 21.51 14.89
CA VAL A 1254 19.23 20.62 14.48
C VAL A 1254 19.82 19.26 14.14
N VAL A 1255 19.15 18.19 14.59
CA VAL A 1255 19.49 16.85 14.14
C VAL A 1255 18.21 16.12 13.74
N VAL A 1256 18.25 15.48 12.57
CA VAL A 1256 17.12 14.74 12.00
C VAL A 1256 17.39 13.26 12.20
N ALA A 1257 16.59 12.57 13.01
CA ALA A 1257 16.82 11.18 13.37
C ALA A 1257 15.70 10.28 12.90
N SER A 1258 16.04 9.06 12.52
CA SER A 1258 14.98 8.16 12.08
C SER A 1258 14.19 7.58 13.26
N ARG A 1259 12.95 7.18 12.97
CA ARG A 1259 12.06 6.61 13.99
C ARG A 1259 12.76 5.55 14.82
N SER A 1260 13.43 4.61 14.15
CA SER A 1260 13.89 3.40 14.83
C SER A 1260 15.00 3.67 15.86
N LEU A 1261 15.68 4.81 15.79
CA LEU A 1261 16.71 5.15 16.77
C LEU A 1261 16.17 5.85 18.01
N CYS A 1262 14.87 5.83 18.26
CA CYS A 1262 14.32 6.72 19.28
C CYS A 1262 14.53 6.20 20.69
N TRP A 1263 15.13 5.02 20.87
CA TRP A 1263 15.43 4.48 22.19
C TRP A 1263 16.90 4.50 22.55
N GLY A 1264 17.77 4.70 21.57
CA GLY A 1264 19.19 4.68 21.85
C GLY A 1264 19.86 5.96 21.43
N MET A 1265 19.32 7.08 21.90
CA MET A 1265 19.82 8.41 21.53
C MET A 1265 20.30 9.11 22.79
N ASN A 1266 21.58 9.43 22.85
CA ASN A 1266 22.14 10.04 24.06
C ASN A 1266 22.11 11.55 24.00
N VAL A 1267 21.16 12.14 23.28
CA VAL A 1267 20.99 13.58 23.16
C VAL A 1267 19.54 13.92 23.51
N ALA A 1268 19.33 15.14 23.99
CA ALA A 1268 18.00 15.68 24.26
C ALA A 1268 17.90 17.09 23.71
N ALA A 1269 16.67 17.63 23.66
CA ALA A 1269 16.49 18.89 22.95
C ALA A 1269 15.40 19.72 23.62
N HIS A 1270 15.37 21.00 23.23
CA HIS A 1270 14.33 21.94 23.65
C HIS A 1270 13.05 21.72 22.85
N LEU A 1271 13.18 21.36 21.57
CA LEU A 1271 12.04 21.15 20.69
C LEU A 1271 12.20 19.81 19.99
N VAL A 1272 11.18 18.98 20.08
CA VAL A 1272 11.10 17.76 19.30
C VAL A 1272 9.94 17.90 18.32
N ILE A 1273 10.21 17.65 17.03
CA ILE A 1273 9.18 17.60 16.02
C ILE A 1273 9.08 16.16 15.57
N ILE A 1274 7.88 15.61 15.57
CA ILE A 1274 7.64 14.27 15.05
C ILE A 1274 6.95 14.43 13.71
N MET A 1275 7.70 14.22 12.62
CA MET A 1275 7.21 14.48 11.27
C MET A 1275 6.56 13.21 10.73
N ASP A 1276 5.23 13.14 10.87
CA ASP A 1276 4.42 11.99 10.46
C ASP A 1276 4.58 10.86 11.48
N THR A 1277 3.60 9.96 11.51
CA THR A 1277 3.51 8.95 12.56
C THR A 1277 3.25 7.56 11.99
N GLN A 1278 3.78 7.28 10.80
CA GLN A 1278 3.63 5.98 10.16
C GLN A 1278 4.94 5.64 9.48
N TYR A 1279 5.25 4.36 9.42
CA TYR A 1279 6.41 3.93 8.63
C TYR A 1279 5.98 2.81 7.69
N TYR A 1280 6.70 2.66 6.58
CA TYR A 1280 6.42 1.58 5.65
C TYR A 1280 7.07 0.31 6.16
N ASN A 1281 6.29 -0.76 6.28
CA ASN A 1281 6.83 -2.07 6.59
C ASN A 1281 6.89 -2.83 5.28
N GLY A 1282 8.09 -3.29 4.93
CA GLY A 1282 8.30 -3.99 3.68
C GLY A 1282 7.79 -5.41 3.66
N LYS A 1283 7.81 -6.10 4.82
CA LYS A 1283 7.30 -7.47 4.90
C LYS A 1283 5.84 -7.54 4.45
N ILE A 1284 4.98 -6.69 5.02
CA ILE A 1284 3.56 -6.72 4.73
C ILE A 1284 3.16 -5.72 3.65
N HIS A 1285 4.13 -5.00 3.09
CA HIS A 1285 3.88 -4.02 2.04
C HIS A 1285 2.82 -3.02 2.46
N ALA A 1286 3.01 -2.42 3.64
CA ALA A 1286 1.96 -1.52 4.13
C ALA A 1286 2.50 -0.57 5.18
N TYR A 1287 1.80 0.57 5.31
CA TYR A 1287 2.14 1.58 6.29
C TYR A 1287 1.54 1.21 7.64
N VAL A 1288 2.37 1.25 8.68
CA VAL A 1288 1.98 0.90 10.04
C VAL A 1288 2.15 2.14 10.92
N ASP A 1289 1.23 2.30 11.88
CA ASP A 1289 1.28 3.41 12.81
C ASP A 1289 2.40 3.23 13.83
N TYR A 1290 3.01 4.35 14.23
CA TYR A 1290 3.95 4.29 15.33
C TYR A 1290 3.22 3.75 16.57
N PRO A 1291 3.78 2.78 17.28
CA PRO A 1291 3.20 2.42 18.58
C PRO A 1291 3.17 3.64 19.48
N ILE A 1292 2.12 3.75 20.29
CA ILE A 1292 2.04 4.88 21.23
C ILE A 1292 3.30 4.94 22.11
N TYR A 1293 3.93 3.79 22.36
CA TYR A 1293 5.09 3.76 23.26
C TYR A 1293 6.27 4.52 22.66
N ASP A 1294 6.55 4.30 21.36
CA ASP A 1294 7.58 5.08 20.68
C ASP A 1294 7.27 6.57 20.71
N VAL A 1295 6.00 6.95 20.54
CA VAL A 1295 5.67 8.38 20.53
C VAL A 1295 5.95 8.99 21.89
N LEU A 1296 5.55 8.30 22.97
CA LEU A 1296 5.90 8.78 24.31
C LEU A 1296 7.40 8.93 24.47
N GLN A 1297 8.18 7.98 23.92
CA GLN A 1297 9.63 8.05 24.05
C GLN A 1297 10.21 9.23 23.25
N MET A 1298 9.72 9.45 22.03
CA MET A 1298 10.16 10.61 21.25
C MET A 1298 9.81 11.91 21.96
N VAL A 1299 8.60 12.02 22.50
CA VAL A 1299 8.21 13.25 23.19
C VAL A 1299 9.10 13.49 24.41
N GLY A 1300 9.49 12.40 25.11
CA GLY A 1300 10.36 12.55 26.27
C GLY A 1300 11.69 13.22 25.97
N HIS A 1301 12.09 13.27 24.70
CA HIS A 1301 13.35 13.89 24.34
C HIS A 1301 13.30 15.42 24.43
N ALA A 1302 12.11 16.02 24.51
CA ALA A 1302 11.98 17.46 24.64
C ALA A 1302 11.92 17.82 26.13
N ASN A 1303 13.09 17.70 26.77
CA ASN A 1303 13.18 17.82 28.21
C ASN A 1303 14.65 18.04 28.61
N ARG A 1304 15.01 19.28 28.91
CA ARG A 1304 16.38 19.63 29.31
C ARG A 1304 16.29 20.28 30.69
N PRO A 1305 16.33 19.48 31.76
CA PRO A 1305 16.04 20.03 33.10
C PRO A 1305 17.00 21.12 33.55
N LEU A 1306 18.27 21.01 33.17
CA LEU A 1306 19.29 21.95 33.62
C LEU A 1306 19.42 23.17 32.71
N GLN A 1307 18.67 23.23 31.62
CA GLN A 1307 18.91 24.28 30.63
C GLN A 1307 17.66 25.05 30.24
N ASP A 1308 16.47 24.44 30.31
CA ASP A 1308 15.26 25.02 29.75
C ASP A 1308 14.18 25.24 30.79
N ASP A 1309 13.41 26.32 30.62
CA ASP A 1309 12.25 26.56 31.45
C ASP A 1309 11.04 25.72 31.01
N GLU A 1310 11.16 25.03 29.88
CA GLU A 1310 10.04 24.30 29.28
C GLU A 1310 10.55 23.37 28.18
N GLY A 1311 9.71 22.42 27.79
CA GLY A 1311 9.96 21.60 26.61
C GLY A 1311 8.79 21.69 25.66
N ARG A 1312 9.10 21.74 24.36
CA ARG A 1312 8.09 21.87 23.32
C ARG A 1312 8.18 20.71 22.34
N CYS A 1313 7.02 20.26 21.88
CA CYS A 1313 6.95 19.17 20.92
C CYS A 1313 5.82 19.45 19.96
N VAL A 1314 6.09 19.30 18.68
CA VAL A 1314 5.06 19.42 17.64
C VAL A 1314 4.95 18.06 16.99
N ILE A 1315 3.77 17.47 17.02
CA ILE A 1315 3.50 16.20 16.34
C ILE A 1315 2.69 16.49 15.08
N MET A 1316 3.27 16.22 13.92
CA MET A 1316 2.56 16.39 12.66
C MET A 1316 2.06 15.00 12.25
N CYS A 1317 0.75 14.88 12.02
CA CYS A 1317 0.17 13.58 11.73
C CYS A 1317 -0.94 13.73 10.71
N GLN A 1318 -1.24 12.61 10.05
CA GLN A 1318 -2.46 12.55 9.27
C GLN A 1318 -3.60 13.00 10.16
N GLY A 1319 -4.52 13.78 9.59
CA GLY A 1319 -5.56 14.40 10.41
C GLY A 1319 -6.42 13.39 11.13
N SER A 1320 -6.61 12.22 10.52
CA SER A 1320 -7.51 11.23 11.11
C SER A 1320 -6.93 10.60 12.36
N LYS A 1321 -5.65 10.80 12.63
CA LYS A 1321 -5.02 10.34 13.87
C LYS A 1321 -5.05 11.40 14.96
N LYS A 1322 -5.40 12.64 14.61
CA LYS A 1322 -5.21 13.78 15.51
C LYS A 1322 -5.86 13.54 16.87
N ASP A 1323 -7.17 13.29 16.88
CA ASP A 1323 -7.87 13.17 18.16
C ASP A 1323 -7.36 12.00 18.98
N PHE A 1324 -6.96 10.91 18.32
CA PHE A 1324 -6.37 9.80 19.06
C PHE A 1324 -5.19 10.29 19.89
N PHE A 1325 -4.26 11.01 19.27
CA PHE A 1325 -3.10 11.44 20.01
C PHE A 1325 -3.50 12.35 21.16
N LYS A 1326 -4.54 13.19 20.96
CA LYS A 1326 -5.00 14.04 22.06
C LYS A 1326 -5.47 13.20 23.24
N LYS A 1327 -6.18 12.10 22.96
CA LYS A 1327 -6.66 11.28 24.05
C LYS A 1327 -5.52 10.54 24.74
N PHE A 1328 -4.44 10.24 24.02
CA PHE A 1328 -3.47 9.33 24.61
C PHE A 1328 -2.15 10.01 24.91
N LEU A 1329 -2.07 11.33 24.74
CA LEU A 1329 -0.94 12.11 25.20
C LEU A 1329 -1.30 13.07 26.35
N TYR A 1330 -2.40 13.83 26.24
CA TYR A 1330 -2.78 14.73 27.33
C TYR A 1330 -3.29 14.00 28.56
N GLU A 1331 -3.65 12.73 28.44
CA GLU A 1331 -4.20 11.87 29.48
C GLU A 1331 -3.30 10.67 29.72
N PRO A 1332 -3.36 10.03 30.88
CA PRO A 1332 -2.54 8.84 31.12
C PRO A 1332 -3.03 7.65 30.32
N LEU A 1333 -2.13 6.66 30.19
CA LEU A 1333 -2.22 5.55 29.23
C LEU A 1333 -2.85 4.31 29.86
N PRO A 1334 -3.90 3.73 29.28
CA PRO A 1334 -4.37 2.43 29.78
C PRO A 1334 -3.65 1.29 29.07
N VAL A 1335 -3.08 0.35 29.82
CA VAL A 1335 -2.37 -0.77 29.21
C VAL A 1335 -3.04 -2.06 29.63
N GLU A 1336 -2.89 -3.07 28.77
CA GLU A 1336 -3.51 -4.38 28.88
C GLU A 1336 -2.43 -5.43 28.65
N SER A 1337 -2.72 -6.64 29.10
CA SER A 1337 -1.89 -7.79 28.84
C SER A 1337 -2.22 -8.40 27.49
N HIS A 1338 -1.20 -8.96 26.84
CA HIS A 1338 -1.44 -9.78 25.67
C HIS A 1338 -0.83 -11.16 25.84
N LEU A 1339 -0.59 -11.56 27.09
CA LEU A 1339 0.00 -12.85 27.41
C LEU A 1339 -0.88 -14.00 26.95
N ASP A 1340 -2.21 -13.81 26.94
CA ASP A 1340 -3.10 -14.87 26.49
C ASP A 1340 -2.83 -15.30 25.06
N HIS A 1341 -2.28 -14.39 24.25
CA HIS A 1341 -1.89 -14.68 22.88
C HIS A 1341 -0.50 -15.27 22.78
N CYS A 1342 0.20 -15.44 23.91
CA CYS A 1342 1.60 -15.82 23.89
C CYS A 1342 1.91 -16.89 24.96
N MET A 1343 1.09 -17.93 25.02
CA MET A 1343 1.08 -18.77 26.20
C MET A 1343 2.03 -19.97 26.14
N HIS A 1344 2.25 -20.56 24.96
CA HIS A 1344 2.77 -21.93 24.90
C HIS A 1344 4.19 -22.05 25.47
N ASP A 1345 5.10 -21.17 25.09
CA ASP A 1345 6.50 -21.35 25.48
C ASP A 1345 6.70 -21.22 26.99
N HIS A 1346 5.92 -20.35 27.65
CA HIS A 1346 6.02 -20.21 29.10
C HIS A 1346 5.34 -21.37 29.81
N PHE A 1347 4.15 -21.77 29.37
CA PHE A 1347 3.55 -23.00 29.92
C PHE A 1347 4.53 -24.16 29.86
N ASN A 1348 5.19 -24.31 28.70
CA ASN A 1348 6.16 -25.40 28.51
C ASN A 1348 7.33 -25.28 29.48
N ALA A 1349 7.87 -24.07 29.65
CA ALA A 1349 8.92 -23.89 30.64
C ALA A 1349 8.45 -24.33 32.03
N GLU A 1350 7.23 -23.95 32.41
CA GLU A 1350 6.76 -24.22 33.77
C GLU A 1350 6.35 -25.67 33.97
N ILE A 1351 6.10 -26.40 32.89
CA ILE A 1351 5.95 -27.85 33.01
C ILE A 1351 7.32 -28.53 33.09
N VAL A 1352 8.32 -28.01 32.37
CA VAL A 1352 9.67 -28.56 32.49
C VAL A 1352 10.21 -28.36 33.90
N THR A 1353 9.93 -27.20 34.49
CA THR A 1353 10.44 -26.80 35.80
C THR A 1353 9.66 -27.43 36.96
N LYS A 1354 8.61 -28.20 36.67
CA LYS A 1354 7.76 -28.88 37.65
C LYS A 1354 6.92 -27.91 38.47
N THR A 1355 6.86 -26.63 38.09
CA THR A 1355 5.92 -25.71 38.71
C THR A 1355 4.47 -26.03 38.33
N ILE A 1356 4.25 -26.49 37.10
CA ILE A 1356 2.93 -26.87 36.64
C ILE A 1356 2.94 -28.38 36.37
N GLU A 1357 2.08 -29.13 37.07
CA GLU A 1357 2.07 -30.57 36.93
C GLU A 1357 0.68 -31.12 36.64
N ASN A 1358 -0.34 -30.27 36.64
CA ASN A 1358 -1.68 -30.65 36.23
C ASN A 1358 -2.40 -29.37 35.83
N LYS A 1359 -3.61 -29.55 35.30
CA LYS A 1359 -4.34 -28.40 34.78
C LYS A 1359 -4.71 -27.42 35.88
N GLN A 1360 -4.94 -27.92 37.09
CA GLN A 1360 -5.23 -27.04 38.21
C GLN A 1360 -4.03 -26.11 38.47
N ASP A 1361 -2.82 -26.67 38.46
CA ASP A 1361 -1.64 -25.85 38.65
C ASP A 1361 -1.58 -24.74 37.61
N ALA A 1362 -1.96 -25.03 36.37
CA ALA A 1362 -1.92 -24.02 35.32
C ALA A 1362 -2.89 -22.89 35.61
N VAL A 1363 -4.14 -23.24 35.97
CA VAL A 1363 -5.12 -22.23 36.32
C VAL A 1363 -4.61 -21.37 37.47
N ASP A 1364 -4.00 -21.99 38.49
CA ASP A 1364 -3.50 -21.25 39.65
C ASP A 1364 -2.38 -20.29 39.25
N TYR A 1365 -1.37 -20.82 38.57
CA TYR A 1365 -0.24 -20.00 38.13
C TYR A 1365 -0.72 -18.79 37.30
N LEU A 1366 -1.79 -18.96 36.51
CA LEU A 1366 -2.32 -17.81 35.77
C LEU A 1366 -2.77 -16.69 36.69
N THR A 1367 -3.15 -17.01 37.94
CA THR A 1367 -3.69 -15.98 38.83
C THR A 1367 -2.63 -15.01 39.32
N TRP A 1368 -1.34 -15.30 39.10
CA TRP A 1368 -0.29 -14.40 39.50
C TRP A 1368 -0.05 -13.27 38.51
N THR A 1369 -0.65 -13.33 37.33
CA THR A 1369 -0.29 -12.47 36.21
C THR A 1369 -1.12 -11.19 36.21
N PHE A 1370 -0.67 -10.23 35.40
CA PHE A 1370 -1.39 -8.98 35.20
C PHE A 1370 -2.62 -9.20 34.33
N LEU A 1371 -2.52 -10.16 33.41
CA LEU A 1371 -3.68 -10.58 32.62
C LEU A 1371 -4.86 -10.95 33.51
N TYR A 1372 -4.61 -11.71 34.58
CA TYR A 1372 -5.69 -12.09 35.48
C TYR A 1372 -6.31 -10.86 36.15
N ARG A 1373 -5.50 -9.89 36.55
CA ARG A 1373 -6.05 -8.67 37.13
C ARG A 1373 -6.90 -7.91 36.13
N ARG A 1374 -6.39 -7.72 34.91
CA ARG A 1374 -7.13 -6.96 33.90
C ARG A 1374 -8.33 -7.70 33.33
N MET A 1375 -8.45 -9.01 33.55
CA MET A 1375 -9.64 -9.71 33.07
C MET A 1375 -10.89 -9.30 33.85
N THR A 1376 -10.74 -8.79 35.07
CA THR A 1376 -11.87 -8.32 35.85
C THR A 1376 -12.24 -6.88 35.51
N GLN A 1377 -11.23 -6.02 35.33
CA GLN A 1377 -11.48 -4.61 35.10
C GLN A 1377 -12.06 -4.34 33.72
N ASN A 1378 -11.66 -5.13 32.72
CA ASN A 1378 -12.05 -4.89 31.32
C ASN A 1378 -12.34 -6.23 30.66
N PRO A 1379 -13.44 -6.88 31.05
CA PRO A 1379 -13.72 -8.24 30.54
C PRO A 1379 -13.79 -8.31 29.01
N ASN A 1380 -14.53 -7.41 28.34
CA ASN A 1380 -14.71 -7.50 26.90
C ASN A 1380 -13.38 -7.51 26.13
N TYR A 1381 -12.37 -6.78 26.63
CA TYR A 1381 -11.07 -6.77 25.98
C TYR A 1381 -10.49 -8.16 25.84
N TYR A 1382 -10.75 -9.05 26.79
CA TYR A 1382 -10.20 -10.39 26.77
C TYR A 1382 -11.23 -11.43 26.32
N ASN A 1383 -12.34 -10.97 25.74
CA ASN A 1383 -13.42 -11.84 25.25
C ASN A 1383 -14.07 -12.63 26.40
N LEU A 1384 -14.34 -11.94 27.50
CA LEU A 1384 -15.25 -12.43 28.53
C LEU A 1384 -16.56 -11.67 28.39
N GLN A 1385 -17.65 -12.29 28.82
CA GLN A 1385 -18.93 -11.60 28.82
C GLN A 1385 -19.40 -11.23 30.22
N GLY A 1386 -18.70 -11.67 31.27
CA GLY A 1386 -18.99 -11.27 32.64
C GLY A 1386 -17.76 -11.43 33.51
N ILE A 1387 -17.85 -10.93 34.73
CA ILE A 1387 -16.71 -10.89 35.65
C ILE A 1387 -16.93 -11.77 36.88
N SER A 1388 -17.95 -12.63 36.87
CA SER A 1388 -18.17 -13.55 37.97
C SER A 1388 -17.08 -14.63 38.00
N HIS A 1389 -16.92 -15.26 39.16
CA HIS A 1389 -15.88 -16.27 39.28
C HIS A 1389 -16.17 -17.48 38.40
N ARG A 1390 -17.45 -17.79 38.17
CA ARG A 1390 -17.80 -18.74 37.14
C ARG A 1390 -17.15 -18.38 35.81
N HIS A 1391 -17.31 -17.10 35.42
CA HIS A 1391 -16.84 -16.62 34.13
C HIS A 1391 -15.34 -16.84 33.96
N LEU A 1392 -14.52 -16.22 34.81
CA LEU A 1392 -13.10 -16.33 34.57
C LEU A 1392 -12.57 -17.71 34.90
N SER A 1393 -13.24 -18.49 35.75
CA SER A 1393 -12.84 -19.88 35.91
C SER A 1393 -12.99 -20.65 34.60
N ASP A 1394 -14.11 -20.48 33.91
CA ASP A 1394 -14.25 -21.16 32.62
C ASP A 1394 -13.29 -20.60 31.60
N HIS A 1395 -13.08 -19.28 31.59
CA HIS A 1395 -12.19 -18.68 30.61
C HIS A 1395 -10.76 -19.19 30.79
N LEU A 1396 -10.28 -19.23 32.03
CA LEU A 1396 -8.95 -19.73 32.30
C LEU A 1396 -8.83 -21.22 31.97
N SER A 1397 -9.86 -22.01 32.28
CA SER A 1397 -9.83 -23.43 31.92
C SER A 1397 -9.71 -23.61 30.42
N GLU A 1398 -10.43 -22.79 29.64
CA GLU A 1398 -10.35 -22.93 28.20
C GLU A 1398 -8.95 -22.57 27.69
N LEU A 1399 -8.46 -21.42 28.14
CA LEU A 1399 -7.09 -21.01 27.83
C LEU A 1399 -6.11 -22.14 28.11
N VAL A 1400 -6.23 -22.76 29.28
CA VAL A 1400 -5.31 -23.81 29.71
C VAL A 1400 -5.46 -25.05 28.83
N GLU A 1401 -6.70 -25.48 28.58
CA GLU A 1401 -6.92 -26.69 27.78
C GLU A 1401 -6.35 -26.51 26.38
N GLN A 1402 -6.56 -25.34 25.78
CA GLN A 1402 -6.04 -25.11 24.43
C GLN A 1402 -4.52 -25.12 24.40
N THR A 1403 -3.90 -24.42 25.36
CA THR A 1403 -2.44 -24.35 25.36
C THR A 1403 -1.82 -25.73 25.59
N LEU A 1404 -2.35 -26.49 26.55
CA LEU A 1404 -1.80 -27.82 26.82
C LEU A 1404 -2.08 -28.78 25.68
N SER A 1405 -3.20 -28.64 24.98
CA SER A 1405 -3.46 -29.55 23.87
C SER A 1405 -2.49 -29.28 22.74
N ASP A 1406 -2.19 -28.01 22.46
CA ASP A 1406 -1.19 -27.70 21.44
C ASP A 1406 0.17 -28.28 21.82
N LEU A 1407 0.59 -28.05 23.06
CA LEU A 1407 1.88 -28.60 23.49
C LEU A 1407 1.90 -30.14 23.42
N GLU A 1408 0.79 -30.78 23.79
CA GLU A 1408 0.76 -32.24 23.77
C GLU A 1408 0.78 -32.76 22.34
N GLN A 1409 0.10 -32.04 21.43
CA GLN A 1409 0.15 -32.41 20.02
C GLN A 1409 1.56 -32.27 19.46
N SER A 1410 2.28 -31.22 19.84
CA SER A 1410 3.65 -31.05 19.38
C SER A 1410 4.61 -32.07 19.99
N LYS A 1411 4.15 -32.90 20.93
CA LYS A 1411 5.01 -33.84 21.66
C LYS A 1411 6.05 -33.12 22.53
N CYS A 1412 5.68 -31.96 23.09
CA CYS A 1412 6.49 -31.33 24.12
C CYS A 1412 6.14 -31.81 25.52
N ILE A 1413 4.87 -32.17 25.73
CA ILE A 1413 4.38 -32.65 27.01
C ILE A 1413 3.53 -33.88 26.80
N SER A 1414 3.44 -34.70 27.84
CA SER A 1414 2.47 -35.76 27.94
C SER A 1414 1.31 -35.31 28.85
N ILE A 1415 0.11 -35.79 28.51
CA ILE A 1415 -1.10 -35.57 29.31
C ILE A 1415 -1.73 -36.91 29.55
N GLU A 1416 -1.92 -37.26 30.80
CA GLU A 1416 -2.54 -38.52 31.13
C GLU A 1416 -3.70 -38.30 32.08
N ASP A 1417 -4.72 -39.15 31.92
CA ASP A 1417 -6.03 -39.00 32.55
C ASP A 1417 -6.63 -37.62 32.28
N GLU A 1418 -6.22 -37.00 31.16
CA GLU A 1418 -6.64 -35.64 30.80
C GLU A 1418 -6.42 -34.63 31.92
N MET A 1419 -5.61 -34.99 32.91
CA MET A 1419 -5.42 -34.13 34.07
C MET A 1419 -3.96 -33.84 34.37
N ASP A 1420 -3.08 -34.83 34.22
CA ASP A 1420 -1.71 -34.70 34.67
C ASP A 1420 -0.79 -34.45 33.48
N VAL A 1421 0.02 -33.39 33.56
CA VAL A 1421 0.94 -33.04 32.49
C VAL A 1421 2.36 -33.31 32.95
N ALA A 1422 3.20 -33.63 31.99
CA ALA A 1422 4.56 -33.99 32.30
C ALA A 1422 5.46 -33.53 31.16
N PRO A 1423 6.67 -33.05 31.47
CA PRO A 1423 7.57 -32.59 30.42
C PRO A 1423 8.17 -33.76 29.63
N LEU A 1424 8.21 -33.59 28.31
CA LEU A 1424 8.89 -34.54 27.44
C LEU A 1424 10.28 -34.01 27.10
N ASN A 1425 11.04 -34.79 26.34
CA ASN A 1425 12.41 -34.38 26.06
C ASN A 1425 12.45 -33.19 25.11
N LEU A 1426 11.63 -33.22 24.07
CA LEU A 1426 11.52 -32.07 23.18
C LEU A 1426 11.26 -30.79 23.98
N GLY A 1427 10.27 -30.84 24.87
CA GLY A 1427 9.93 -29.64 25.63
C GLY A 1427 11.06 -29.21 26.54
N MET A 1428 11.78 -30.19 27.10
CA MET A 1428 12.94 -29.88 27.92
C MET A 1428 14.02 -29.15 27.12
N ILE A 1429 14.21 -29.56 25.86
CA ILE A 1429 15.16 -28.88 24.97
C ILE A 1429 14.67 -27.48 24.61
N ALA A 1430 13.38 -27.34 24.28
CA ALA A 1430 12.83 -26.04 23.92
C ALA A 1430 12.98 -25.04 25.07
N ALA A 1431 12.74 -25.51 26.30
CA ALA A 1431 12.84 -24.65 27.47
C ALA A 1431 14.30 -24.35 27.84
N TYR A 1432 15.18 -25.34 27.78
CA TYR A 1432 16.58 -25.12 28.14
C TYR A 1432 17.22 -24.03 27.27
N TYR A 1433 17.18 -24.19 25.95
CA TYR A 1433 17.85 -23.25 25.06
C TYR A 1433 16.99 -22.06 24.67
N TYR A 1434 15.81 -21.93 25.27
CA TYR A 1434 14.93 -20.79 25.05
C TYR A 1434 14.53 -20.70 23.58
N ILE A 1435 13.97 -21.79 23.09
CA ILE A 1435 13.61 -21.93 21.68
C ILE A 1435 12.10 -22.12 21.56
N ASN A 1436 11.53 -21.52 20.51
CA ASN A 1436 10.09 -21.61 20.27
C ASN A 1436 9.68 -23.06 20.11
N TYR A 1437 8.57 -23.44 20.75
CA TYR A 1437 8.18 -24.85 20.73
C TYR A 1437 7.90 -25.36 19.32
N THR A 1438 7.36 -24.50 18.44
CA THR A 1438 7.10 -24.91 17.05
C THR A 1438 8.40 -25.22 16.30
N THR A 1439 9.44 -24.40 16.53
CA THR A 1439 10.75 -24.68 15.96
C THR A 1439 11.21 -26.08 16.33
N ILE A 1440 11.15 -26.42 17.62
CA ILE A 1440 11.65 -27.72 18.08
C ILE A 1440 10.78 -28.85 17.53
N GLU A 1441 9.51 -28.58 17.23
CA GLU A 1441 8.69 -29.60 16.58
C GLU A 1441 9.16 -29.84 15.14
N LEU A 1442 9.36 -28.76 14.38
CA LEU A 1442 9.94 -28.91 13.05
C LEU A 1442 11.24 -29.69 13.11
N PHE A 1443 12.05 -29.41 14.13
CA PHE A 1443 13.34 -30.10 14.27
C PHE A 1443 13.15 -31.58 14.55
N SER A 1444 12.14 -31.94 15.35
CA SER A 1444 11.86 -33.36 15.56
C SER A 1444 11.43 -34.04 14.27
N MET A 1445 10.71 -33.31 13.40
CA MET A 1445 10.33 -33.85 12.09
C MET A 1445 11.56 -34.12 11.23
N SER A 1446 12.39 -33.09 11.01
CA SER A 1446 13.34 -33.06 9.88
C SER A 1446 14.62 -33.88 10.08
N LEU A 1447 14.96 -34.31 11.30
CA LEU A 1447 16.26 -34.92 11.59
C LEU A 1447 16.19 -36.45 11.65
N ASN A 1448 17.18 -37.11 11.04
CA ASN A 1448 17.25 -38.57 10.94
C ASN A 1448 18.66 -39.06 11.27
N ALA A 1449 18.84 -40.37 11.21
CA ALA A 1449 20.13 -41.00 11.50
C ALA A 1449 21.19 -40.73 10.44
N LYS A 1450 20.84 -40.03 9.36
CA LYS A 1450 21.73 -39.90 8.21
C LYS A 1450 21.99 -38.44 7.82
N THR A 1451 21.50 -37.47 8.58
CA THR A 1451 21.81 -36.08 8.28
C THR A 1451 23.28 -35.78 8.58
N LYS A 1452 23.78 -34.73 7.96
CA LYS A 1452 25.13 -34.21 8.21
C LYS A 1452 25.11 -32.72 7.88
N VAL A 1453 26.29 -32.15 7.61
CA VAL A 1453 26.42 -30.70 7.48
C VAL A 1453 25.53 -30.15 6.37
N ARG A 1454 25.11 -31.00 5.42
CA ARG A 1454 24.15 -30.58 4.41
C ARG A 1454 22.77 -30.34 5.04
N GLY A 1455 22.16 -31.40 5.59
CA GLY A 1455 20.81 -31.29 6.10
C GLY A 1455 20.66 -30.29 7.25
N LEU A 1456 21.70 -30.14 8.08
CA LEU A 1456 21.60 -29.33 9.28
C LEU A 1456 21.35 -27.86 8.96
N ILE A 1457 22.11 -27.30 8.02
CA ILE A 1457 21.89 -25.90 7.65
C ILE A 1457 20.45 -25.72 7.17
N GLU A 1458 19.96 -26.67 6.37
CA GLU A 1458 18.60 -26.61 5.87
C GLU A 1458 17.60 -26.57 7.02
N ILE A 1459 17.75 -27.50 7.96
CA ILE A 1459 16.79 -27.63 9.05
C ILE A 1459 16.76 -26.38 9.92
N ILE A 1460 17.95 -25.88 10.31
CA ILE A 1460 17.99 -24.76 11.24
C ILE A 1460 17.62 -23.44 10.57
N SER A 1461 17.75 -23.34 9.25
CA SER A 1461 17.19 -22.17 8.58
C SER A 1461 15.70 -22.06 8.86
N ASN A 1462 15.02 -23.20 8.97
CA ASN A 1462 13.57 -23.27 9.15
C ASN A 1462 13.21 -23.16 10.63
N ALA A 1463 13.26 -21.93 11.13
CA ALA A 1463 12.97 -21.66 12.52
C ALA A 1463 12.07 -20.46 12.60
N ALA A 1464 11.10 -20.50 13.53
CA ALA A 1464 10.23 -19.37 13.76
C ALA A 1464 11.02 -18.13 14.16
N GLU A 1465 12.20 -18.31 14.75
CA GLU A 1465 13.06 -17.19 15.07
C GLU A 1465 13.57 -16.47 13.81
N TYR A 1466 13.59 -17.17 12.67
CA TYR A 1466 14.18 -16.66 11.44
C TYR A 1466 13.16 -16.34 10.35
N GLU A 1467 11.86 -16.61 10.56
CA GLU A 1467 10.90 -16.15 9.57
C GLU A 1467 10.58 -14.67 9.72
N ASN A 1468 11.17 -14.00 10.71
CA ASN A 1468 11.08 -12.54 10.84
C ASN A 1468 12.12 -11.82 9.97
N ILE A 1469 12.85 -12.54 9.13
CA ILE A 1469 13.93 -11.98 8.31
C ILE A 1469 13.31 -11.32 7.08
N PRO A 1470 13.57 -10.03 6.85
CA PRO A 1470 12.89 -9.32 5.76
C PRO A 1470 13.31 -9.83 4.39
N ILE A 1471 12.42 -9.60 3.41
CA ILE A 1471 12.65 -10.00 2.01
C ILE A 1471 12.40 -8.76 1.15
N ARG A 1472 13.45 -7.99 0.89
CA ARG A 1472 13.34 -6.76 0.10
C ARG A 1472 13.74 -7.08 -1.34
N HIS A 1473 12.94 -6.60 -2.29
CA HIS A 1473 13.08 -6.99 -3.69
C HIS A 1473 14.49 -6.77 -4.22
N HIS A 1474 15.19 -5.75 -3.72
CA HIS A 1474 16.47 -5.35 -4.29
C HIS A 1474 17.61 -6.35 -4.04
N GLU A 1475 17.33 -7.50 -3.42
CA GLU A 1475 18.32 -8.55 -3.28
C GLU A 1475 17.97 -9.80 -4.07
N ASP A 1476 16.84 -9.80 -4.78
CA ASP A 1476 16.33 -11.04 -5.37
C ASP A 1476 17.22 -11.60 -6.48
N ASN A 1477 18.17 -10.81 -6.98
CA ASN A 1477 19.25 -11.37 -7.79
C ASN A 1477 20.57 -11.44 -7.03
N LEU A 1478 20.79 -10.50 -6.09
CA LEU A 1478 22.01 -10.53 -5.29
C LEU A 1478 22.13 -11.85 -4.54
N LEU A 1479 21.01 -12.40 -4.08
CA LEU A 1479 21.01 -13.73 -3.48
C LEU A 1479 21.00 -14.83 -4.54
N ARG A 1480 20.34 -14.59 -5.67
CA ARG A 1480 20.29 -15.60 -6.72
C ARG A 1480 21.69 -16.03 -7.14
N GLN A 1481 22.61 -15.06 -7.33
CA GLN A 1481 23.99 -15.41 -7.61
C GLN A 1481 24.72 -15.89 -6.37
N LEU A 1482 24.34 -15.39 -5.19
CA LEU A 1482 24.94 -15.87 -3.94
C LEU A 1482 24.72 -17.37 -3.77
N ALA A 1483 23.47 -17.82 -4.02
CA ALA A 1483 23.07 -19.23 -3.90
C ALA A 1483 23.87 -20.10 -4.85
N GLN A 1484 24.61 -19.44 -5.75
CA GLN A 1484 25.45 -20.08 -6.75
C GLN A 1484 26.90 -20.18 -6.32
N LYS A 1485 27.41 -19.20 -5.57
CA LYS A 1485 28.77 -19.24 -5.05
C LYS A 1485 28.91 -20.04 -3.76
N VAL A 1486 27.82 -20.58 -3.22
CA VAL A 1486 27.85 -21.27 -1.93
C VAL A 1486 28.11 -22.76 -2.13
N PRO A 1487 28.80 -23.41 -1.19
CA PRO A 1487 29.20 -24.82 -1.41
C PRO A 1487 28.04 -25.81 -1.47
N HIS A 1488 27.00 -25.65 -0.66
CA HIS A 1488 25.90 -26.62 -0.60
C HIS A 1488 24.77 -26.19 -1.54
N LYS A 1489 24.50 -27.02 -2.55
CA LYS A 1489 23.49 -26.67 -3.55
C LYS A 1489 22.10 -26.95 -2.98
N LEU A 1490 21.36 -25.86 -2.72
CA LEU A 1490 20.05 -25.92 -2.13
C LEU A 1490 19.05 -26.62 -3.05
N ASN A 1491 17.88 -26.93 -2.52
CA ASN A 1491 16.87 -27.72 -3.20
C ASN A 1491 15.66 -26.85 -3.54
N ASN A 1492 15.37 -26.72 -4.85
CA ASN A 1492 14.22 -26.02 -5.40
C ASN A 1492 14.05 -24.65 -4.78
N PRO A 1493 14.68 -23.62 -5.36
CA PRO A 1493 14.66 -22.29 -4.71
C PRO A 1493 13.46 -21.42 -5.05
N LYS A 1494 12.58 -21.22 -4.08
CA LYS A 1494 11.80 -20.00 -4.07
C LYS A 1494 12.65 -18.90 -3.43
N PHE A 1495 12.44 -17.66 -3.87
CA PHE A 1495 13.26 -16.56 -3.39
C PHE A 1495 12.44 -15.51 -2.66
N ASN A 1496 11.21 -15.84 -2.27
CA ASN A 1496 10.45 -14.99 -1.37
C ASN A 1496 10.25 -15.69 -0.04
N ASP A 1497 11.36 -16.11 0.59
CA ASP A 1497 11.37 -16.96 1.78
C ASP A 1497 12.47 -16.51 2.74
N PRO A 1498 12.15 -16.11 3.98
CA PRO A 1498 13.22 -15.81 4.95
C PRO A 1498 14.06 -17.02 5.35
N HIS A 1499 13.50 -18.24 5.32
CA HIS A 1499 14.25 -19.42 5.73
C HIS A 1499 15.37 -19.74 4.74
N VAL A 1500 15.05 -19.72 3.44
CA VAL A 1500 16.09 -19.87 2.42
C VAL A 1500 17.08 -18.71 2.48
N LYS A 1501 16.59 -17.49 2.71
CA LYS A 1501 17.47 -16.32 2.82
C LYS A 1501 18.51 -16.52 3.90
N THR A 1502 18.09 -17.00 5.08
CA THR A 1502 19.03 -17.24 6.16
C THR A 1502 19.94 -18.43 5.87
N ASN A 1503 19.41 -19.48 5.20
CA ASN A 1503 20.26 -20.58 4.73
C ASN A 1503 21.44 -20.04 3.92
N LEU A 1504 21.16 -19.12 2.99
CA LEU A 1504 22.22 -18.61 2.13
C LEU A 1504 23.10 -17.59 2.85
N LEU A 1505 22.53 -16.78 3.76
CA LEU A 1505 23.36 -15.88 4.57
C LEU A 1505 24.31 -16.65 5.47
N LEU A 1506 23.89 -17.83 5.92
CA LEU A 1506 24.74 -18.66 6.76
C LEU A 1506 25.83 -19.35 5.95
N GLN A 1507 25.51 -19.81 4.73
CA GLN A 1507 26.58 -20.30 3.84
C GLN A 1507 27.54 -19.18 3.46
N ALA A 1508 27.04 -17.94 3.39
CA ALA A 1508 27.91 -16.78 3.17
C ALA A 1508 28.87 -16.58 4.33
N HIS A 1509 28.34 -16.60 5.56
CA HIS A 1509 29.17 -16.36 6.74
C HIS A 1509 30.18 -17.48 6.95
N LEU A 1510 29.80 -18.73 6.67
CA LEU A 1510 30.74 -19.85 6.79
C LEU A 1510 31.90 -19.73 5.81
N SER A 1511 31.69 -19.06 4.67
CA SER A 1511 32.70 -18.89 3.64
C SER A 1511 33.46 -17.57 3.78
N ARG A 1512 33.07 -16.73 4.74
CA ARG A 1512 33.66 -15.43 5.08
C ARG A 1512 33.40 -14.38 4.02
N MET A 1513 32.52 -14.65 3.06
CA MET A 1513 32.07 -13.60 2.15
C MET A 1513 31.47 -12.45 2.94
N GLN A 1514 31.99 -11.25 2.75
CA GLN A 1514 31.44 -10.06 3.35
C GLN A 1514 30.57 -9.35 2.32
N LEU A 1515 29.44 -8.83 2.79
CA LEU A 1515 28.42 -8.29 1.91
C LEU A 1515 28.15 -6.83 2.30
N SER A 1516 26.93 -6.35 2.09
CA SER A 1516 26.61 -4.94 2.27
C SER A 1516 26.56 -4.58 3.76
N ALA A 1517 25.98 -3.42 4.06
CA ALA A 1517 25.70 -3.07 5.44
C ALA A 1517 24.35 -3.63 5.90
N GLU A 1518 23.38 -3.75 4.97
CA GLU A 1518 22.10 -4.34 5.33
C GLU A 1518 22.22 -5.85 5.57
N LEU A 1519 22.82 -6.58 4.61
CA LEU A 1519 23.00 -8.01 4.79
C LEU A 1519 23.91 -8.32 5.98
N GLN A 1520 24.86 -7.43 6.27
CA GLN A 1520 25.69 -7.57 7.47
C GLN A 1520 24.86 -7.37 8.73
N SER A 1521 24.02 -6.33 8.75
CA SER A 1521 23.09 -6.12 9.86
C SER A 1521 22.22 -7.34 10.10
N ASP A 1522 21.80 -8.00 9.01
CA ASP A 1522 20.90 -9.15 9.12
C ASP A 1522 21.65 -10.39 9.62
N THR A 1523 22.85 -10.67 9.09
CA THR A 1523 23.62 -11.81 9.59
C THR A 1523 24.00 -11.64 11.06
N GLU A 1524 24.23 -10.40 11.51
CA GLU A 1524 24.65 -10.19 12.89
C GLU A 1524 23.57 -10.57 13.91
N GLU A 1525 22.30 -10.57 13.50
CA GLU A 1525 21.24 -11.04 14.38
C GLU A 1525 20.83 -12.47 14.10
N ILE A 1526 21.08 -12.99 12.89
CA ILE A 1526 20.96 -14.44 12.68
C ILE A 1526 21.93 -15.20 13.60
N LEU A 1527 23.14 -14.66 13.76
CA LEU A 1527 24.16 -15.35 14.54
C LEU A 1527 23.83 -15.41 16.02
N SER A 1528 23.04 -14.46 16.53
CA SER A 1528 22.72 -14.44 17.95
C SER A 1528 21.77 -15.57 18.37
N LYS A 1529 21.19 -16.31 17.43
CA LYS A 1529 20.33 -17.46 17.73
C LYS A 1529 20.83 -18.77 17.13
N ALA A 1530 21.76 -18.69 16.15
CA ALA A 1530 22.29 -19.89 15.52
C ALA A 1530 22.84 -20.92 16.51
N ILE A 1531 23.48 -20.47 17.59
CA ILE A 1531 24.14 -21.44 18.46
C ILE A 1531 23.11 -22.22 19.27
N ARG A 1532 22.10 -21.55 19.82
CA ARG A 1532 21.00 -22.25 20.47
C ARG A 1532 20.40 -23.28 19.53
N LEU A 1533 20.15 -22.89 18.28
CA LEU A 1533 19.47 -23.81 17.37
C LEU A 1533 20.34 -25.04 17.06
N ILE A 1534 21.63 -24.83 16.80
CA ILE A 1534 22.55 -25.93 16.55
C ILE A 1534 22.63 -26.86 17.75
N GLN A 1535 22.71 -26.30 18.97
CA GLN A 1535 22.79 -27.14 20.16
C GLN A 1535 21.49 -27.91 20.40
N ALA A 1536 20.34 -27.33 20.04
CA ALA A 1536 19.08 -28.07 20.09
C ALA A 1536 19.11 -29.27 19.15
N CYS A 1537 19.68 -29.09 17.95
CA CYS A 1537 19.81 -30.22 17.04
C CYS A 1537 20.75 -31.28 17.60
N VAL A 1538 21.89 -30.86 18.13
CA VAL A 1538 22.81 -31.78 18.81
C VAL A 1538 22.07 -32.59 19.87
N ASP A 1539 21.19 -31.93 20.64
CA ASP A 1539 20.49 -32.61 21.71
C ASP A 1539 19.45 -33.60 21.16
N VAL A 1540 18.73 -33.22 20.10
CA VAL A 1540 17.79 -34.14 19.45
C VAL A 1540 18.50 -35.39 18.92
N LEU A 1541 19.45 -35.17 18.01
CA LEU A 1541 20.20 -36.26 17.40
C LEU A 1541 20.83 -37.17 18.45
N SER A 1542 21.36 -36.59 19.54
CA SER A 1542 22.00 -37.39 20.58
C SER A 1542 20.99 -38.21 21.37
N SER A 1543 19.84 -37.61 21.70
CA SER A 1543 18.81 -38.37 22.42
C SER A 1543 18.37 -39.58 21.61
N ASN A 1544 18.23 -39.41 20.29
CA ASN A 1544 17.79 -40.52 19.45
C ASN A 1544 18.79 -41.68 19.46
N GLY A 1545 20.05 -41.41 19.13
CA GLY A 1545 21.10 -42.42 19.14
C GLY A 1545 22.01 -42.35 17.93
N TRP A 1546 21.97 -41.22 17.24
CA TRP A 1546 22.58 -41.06 15.93
C TRP A 1546 23.95 -40.40 16.10
N LEU A 1547 25.02 -41.12 15.74
CA LEU A 1547 26.39 -40.67 16.01
C LEU A 1547 26.88 -39.71 14.93
N SER A 1548 26.78 -40.11 13.66
CA SER A 1548 27.27 -39.27 12.57
C SER A 1548 26.60 -37.90 12.53
N PRO A 1549 25.27 -37.77 12.50
CA PRO A 1549 24.66 -36.43 12.41
C PRO A 1549 24.93 -35.55 13.63
N ALA A 1550 25.00 -36.14 14.83
CA ALA A 1550 25.30 -35.36 16.04
C ALA A 1550 26.73 -34.82 16.00
N LEU A 1551 27.70 -35.65 15.63
CA LEU A 1551 29.06 -35.13 15.48
C LEU A 1551 29.13 -34.05 14.40
N ALA A 1552 28.33 -34.19 13.33
CA ALA A 1552 28.29 -33.16 12.29
C ALA A 1552 27.77 -31.84 12.84
N ALA A 1553 26.69 -31.88 13.62
CA ALA A 1553 26.16 -30.64 14.19
C ALA A 1553 27.13 -30.05 15.21
N MET A 1554 27.82 -30.91 15.97
CA MET A 1554 28.82 -30.44 16.93
C MET A 1554 29.92 -29.66 16.21
N GLU A 1555 30.37 -30.15 15.06
CA GLU A 1555 31.37 -29.41 14.29
C GLU A 1555 30.78 -28.17 13.63
N LEU A 1556 29.48 -28.20 13.30
CA LEU A 1556 28.82 -27.02 12.73
C LEU A 1556 28.77 -25.87 13.73
N ALA A 1557 28.65 -26.17 15.02
CA ALA A 1557 28.83 -25.15 16.05
C ALA A 1557 30.16 -24.39 15.86
N GLN A 1558 31.27 -25.14 15.75
CA GLN A 1558 32.58 -24.55 15.48
C GLN A 1558 32.59 -23.78 14.17
N MET A 1559 32.04 -24.38 13.11
CA MET A 1559 32.04 -23.76 11.79
C MET A 1559 31.39 -22.38 11.84
N VAL A 1560 30.24 -22.29 12.51
CA VAL A 1560 29.55 -21.01 12.64
C VAL A 1560 30.35 -20.04 13.50
N THR A 1561 31.01 -20.54 14.55
CA THR A 1561 31.78 -19.66 15.44
C THR A 1561 32.95 -19.00 14.71
N GLN A 1562 33.82 -19.82 14.09
CA GLN A 1562 35.03 -19.32 13.46
C GLN A 1562 34.83 -18.77 12.05
N ALA A 1563 33.70 -19.10 11.39
CA ALA A 1563 33.42 -18.75 10.00
C ALA A 1563 34.37 -19.49 9.04
N MET A 1564 34.28 -20.81 9.05
CA MET A 1564 34.98 -21.68 8.11
C MET A 1564 34.11 -22.90 7.84
N TRP A 1565 34.72 -23.90 7.21
CA TRP A 1565 34.09 -25.15 6.83
C TRP A 1565 34.88 -26.32 7.39
N SER A 1566 34.31 -27.51 7.23
CA SER A 1566 35.06 -28.72 7.52
C SER A 1566 36.25 -28.85 6.58
N LYS A 1567 36.07 -28.49 5.30
CA LYS A 1567 37.14 -28.65 4.33
C LYS A 1567 38.22 -27.58 4.49
N ASP A 1568 37.83 -26.33 4.78
CA ASP A 1568 38.79 -25.25 4.98
C ASP A 1568 39.80 -25.62 6.07
N SER A 1569 40.95 -24.95 6.10
CA SER A 1569 42.04 -25.37 6.96
C SER A 1569 42.02 -24.63 8.29
N TYR A 1570 42.51 -25.30 9.33
CA TYR A 1570 42.48 -24.74 10.68
C TYR A 1570 43.19 -23.39 10.76
N LEU A 1571 44.23 -23.20 9.96
CA LEU A 1571 44.98 -21.93 9.98
C LEU A 1571 44.11 -20.73 9.62
N LYS A 1572 42.98 -20.95 8.94
CA LYS A 1572 42.03 -19.87 8.68
C LYS A 1572 41.49 -19.22 9.96
N GLN A 1573 41.72 -19.83 11.12
CA GLN A 1573 41.27 -19.28 12.40
C GLN A 1573 42.17 -18.16 12.92
N LEU A 1574 43.38 -18.00 12.37
CA LEU A 1574 44.41 -17.15 12.93
C LEU A 1574 44.27 -15.70 12.45
N PRO A 1575 44.55 -14.75 13.34
CA PRO A 1575 44.41 -13.34 12.98
C PRO A 1575 45.39 -12.93 11.89
N HIS A 1576 44.87 -12.19 10.90
CA HIS A 1576 45.64 -11.59 9.82
C HIS A 1576 46.15 -12.62 8.81
N PHE A 1577 45.50 -13.78 8.72
CA PHE A 1577 45.90 -14.86 7.82
C PHE A 1577 45.06 -14.80 6.54
N THR A 1578 45.71 -14.91 5.39
CA THR A 1578 45.02 -14.90 4.10
C THR A 1578 45.39 -16.15 3.30
N SER A 1579 44.76 -16.30 2.13
CA SER A 1579 44.86 -17.55 1.37
C SER A 1579 46.29 -17.83 0.95
N GLU A 1580 47.06 -16.79 0.61
CA GLU A 1580 48.44 -17.02 0.22
C GLU A 1580 49.28 -17.52 1.39
N HIS A 1581 48.99 -17.05 2.60
CA HIS A 1581 49.67 -17.59 3.78
C HIS A 1581 49.32 -19.06 3.98
N ILE A 1582 48.05 -19.42 3.77
CA ILE A 1582 47.66 -20.82 3.92
C ILE A 1582 48.33 -21.68 2.86
N LYS A 1583 48.59 -21.11 1.68
CA LYS A 1583 49.31 -21.86 0.65
C LYS A 1583 50.78 -22.05 1.06
N ARG A 1584 51.46 -20.97 1.43
CA ARG A 1584 52.86 -21.09 1.83
C ARG A 1584 53.01 -21.91 3.11
N CYS A 1585 51.92 -22.15 3.85
CA CYS A 1585 51.95 -23.03 5.01
C CYS A 1585 51.72 -24.49 4.61
N THR A 1586 50.61 -24.77 3.94
CA THR A 1586 50.31 -26.12 3.50
C THR A 1586 51.36 -26.67 2.55
N ASP A 1587 52.19 -25.81 1.95
CA ASP A 1587 53.24 -26.24 1.03
C ASP A 1587 54.25 -27.17 1.70
N LYS A 1588 55.00 -26.65 2.68
CA LYS A 1588 55.99 -27.45 3.40
C LYS A 1588 55.99 -27.04 4.87
N GLY A 1589 55.61 -27.98 5.76
CA GLY A 1589 55.90 -27.85 7.18
C GLY A 1589 54.75 -27.68 8.14
N VAL A 1590 53.71 -26.92 7.76
CA VAL A 1590 52.71 -26.45 8.70
C VAL A 1590 51.31 -26.77 8.19
N GLU A 1591 50.49 -27.39 9.04
CA GLU A 1591 49.09 -27.70 8.73
C GLU A 1591 48.11 -27.26 9.80
N SER A 1592 48.54 -27.06 11.04
CA SER A 1592 47.65 -26.77 12.15
C SER A 1592 48.23 -25.63 12.96
N VAL A 1593 47.49 -25.24 14.00
CA VAL A 1593 47.90 -24.13 14.87
C VAL A 1593 49.05 -24.51 15.79
N PHE A 1594 49.12 -25.77 16.23
CA PHE A 1594 50.27 -26.19 17.01
C PHE A 1594 51.53 -26.21 16.15
N ASP A 1595 51.38 -26.53 14.86
CA ASP A 1595 52.52 -26.41 13.94
C ASP A 1595 53.13 -25.02 13.98
N ILE A 1596 52.29 -23.99 14.16
CA ILE A 1596 52.78 -22.61 14.23
C ILE A 1596 53.35 -22.30 15.60
N MET A 1597 52.75 -22.83 16.67
CA MET A 1597 53.32 -22.61 17.99
C MET A 1597 54.71 -23.23 18.11
N GLU A 1598 54.91 -24.43 17.54
CA GLU A 1598 56.16 -25.17 17.70
C GLU A 1598 57.29 -24.66 16.81
N MET A 1599 56.98 -23.82 15.82
CA MET A 1599 58.04 -23.30 14.95
C MET A 1599 58.92 -22.32 15.70
N GLU A 1600 60.08 -22.03 15.10
CA GLU A 1600 60.99 -21.07 15.67
C GLU A 1600 60.46 -19.66 15.47
N ASP A 1601 60.93 -18.76 16.34
CA ASP A 1601 60.41 -17.40 16.35
C ASP A 1601 60.80 -16.65 15.07
N GLU A 1602 62.01 -16.88 14.56
CA GLU A 1602 62.46 -16.20 13.35
C GLU A 1602 61.85 -16.82 12.10
N GLU A 1603 61.82 -18.15 12.02
CA GLU A 1603 61.15 -18.82 10.91
C GLU A 1603 59.67 -18.47 10.87
N ARG A 1604 59.08 -18.21 12.05
CA ARG A 1604 57.69 -17.73 12.10
C ARG A 1604 57.53 -16.49 11.24
N ASN A 1605 58.27 -15.43 11.57
CA ASN A 1605 58.18 -14.19 10.79
C ASN A 1605 58.57 -14.43 9.33
N ALA A 1606 59.56 -15.30 9.09
CA ALA A 1606 60.04 -15.52 7.73
C ALA A 1606 58.96 -16.09 6.83
N LEU A 1607 58.17 -17.05 7.34
CA LEU A 1607 57.07 -17.59 6.54
C LEU A 1607 55.83 -16.70 6.60
N LEU A 1608 55.64 -15.97 7.70
CA LEU A 1608 54.40 -15.24 7.90
C LEU A 1608 54.26 -14.07 6.94
N GLN A 1609 55.34 -13.29 6.78
CA GLN A 1609 55.31 -12.06 5.99
C GLN A 1609 54.31 -11.06 6.59
N LEU A 1610 54.50 -10.75 7.88
CA LEU A 1610 53.49 -10.03 8.65
C LEU A 1610 54.14 -8.99 9.56
N THR A 1611 53.37 -7.96 9.89
CA THR A 1611 53.73 -6.94 10.88
C THR A 1611 54.02 -7.61 12.23
N ASP A 1612 54.64 -6.86 13.13
CA ASP A 1612 54.87 -7.38 14.48
C ASP A 1612 53.62 -7.25 15.35
N SER A 1613 52.84 -6.18 15.17
CA SER A 1613 51.54 -6.11 15.82
C SER A 1613 50.65 -7.28 15.39
N GLN A 1614 50.74 -7.67 14.12
CA GLN A 1614 49.96 -8.80 13.63
C GLN A 1614 50.48 -10.13 14.15
N ILE A 1615 51.80 -10.24 14.40
CA ILE A 1615 52.34 -11.45 15.02
C ILE A 1615 51.91 -11.56 16.47
N ALA A 1616 51.80 -10.43 17.19
CA ALA A 1616 51.23 -10.46 18.53
C ALA A 1616 49.75 -10.86 18.50
N ASP A 1617 49.03 -10.42 17.46
CA ASP A 1617 47.64 -10.86 17.29
C ASP A 1617 47.57 -12.38 17.06
N VAL A 1618 48.50 -12.92 16.26
CA VAL A 1618 48.55 -14.38 16.06
C VAL A 1618 48.84 -15.08 17.37
N ALA A 1619 49.73 -14.52 18.18
CA ALA A 1619 50.14 -15.16 19.43
C ALA A 1619 49.02 -15.19 20.46
N ARG A 1620 48.24 -14.10 20.55
CA ARG A 1620 47.09 -14.08 21.46
C ARG A 1620 46.18 -15.28 21.21
N PHE A 1621 45.83 -15.51 19.94
CA PHE A 1621 44.99 -16.64 19.57
C PHE A 1621 45.69 -17.95 19.88
N CYS A 1622 46.96 -18.10 19.49
CA CYS A 1622 47.67 -19.35 19.75
C CYS A 1622 47.77 -19.67 21.24
N ASN A 1623 47.64 -18.67 22.12
CA ASN A 1623 47.67 -18.94 23.54
C ASN A 1623 46.28 -19.10 24.16
N ARG A 1624 45.22 -18.57 23.53
CA ARG A 1624 43.88 -18.95 23.97
C ARG A 1624 43.40 -20.24 23.33
N TYR A 1625 44.10 -20.73 22.31
CA TYR A 1625 43.70 -21.96 21.62
C TYR A 1625 43.82 -23.14 22.57
N PRO A 1626 42.79 -24.00 22.66
CA PRO A 1626 42.81 -25.07 23.67
C PRO A 1626 43.84 -26.15 23.38
N ASN A 1627 44.63 -26.48 24.40
CA ASN A 1627 45.51 -27.64 24.43
C ASN A 1627 45.27 -28.30 25.79
N ILE A 1628 44.53 -29.41 25.79
CA ILE A 1628 44.12 -30.08 27.01
C ILE A 1628 44.65 -31.52 26.98
N GLU A 1629 45.25 -31.94 28.09
CA GLU A 1629 45.62 -33.34 28.25
C GLU A 1629 44.39 -34.13 28.65
N LEU A 1630 44.07 -35.17 27.88
CA LEU A 1630 42.90 -36.01 28.11
C LEU A 1630 43.36 -37.40 28.53
N SER A 1631 42.82 -37.88 29.65
CA SER A 1631 43.02 -39.24 30.10
C SER A 1631 41.66 -39.93 30.22
N TYR A 1632 41.62 -41.24 30.00
CA TYR A 1632 40.37 -41.98 30.13
C TYR A 1632 40.63 -43.37 30.68
N GLU A 1633 39.71 -43.85 31.52
CA GLU A 1633 39.83 -45.20 32.05
C GLU A 1633 38.43 -45.80 32.24
N VAL A 1634 38.33 -47.10 31.99
CA VAL A 1634 37.10 -47.86 32.25
C VAL A 1634 37.19 -48.41 33.66
N VAL A 1635 36.40 -47.85 34.58
CA VAL A 1635 36.48 -48.24 35.98
C VAL A 1635 35.99 -49.67 36.14
N ASP A 1636 36.83 -50.52 36.75
CA ASP A 1636 36.59 -51.96 36.88
C ASP A 1636 36.32 -52.60 35.52
N LYS A 1637 37.34 -52.53 34.65
CA LYS A 1637 37.22 -53.13 33.32
C LYS A 1637 37.38 -54.64 33.32
N ASP A 1638 37.72 -55.24 34.46
CA ASP A 1638 37.88 -56.68 34.61
C ASP A 1638 36.68 -57.34 35.30
N SER A 1639 35.53 -56.68 35.29
CA SER A 1639 34.35 -57.19 35.99
C SER A 1639 33.09 -56.77 35.25
N ILE A 1640 33.12 -56.80 33.91
CA ILE A 1640 32.05 -56.30 33.06
C ILE A 1640 31.16 -57.45 32.65
N ARG A 1641 29.87 -57.33 32.95
CA ARG A 1641 28.88 -58.35 32.61
C ARG A 1641 27.85 -57.77 31.66
N SER A 1642 27.25 -58.64 30.84
CA SER A 1642 26.24 -58.20 29.90
C SER A 1642 25.05 -57.61 30.64
N GLY A 1643 24.45 -56.58 30.05
CA GLY A 1643 23.30 -55.92 30.64
C GLY A 1643 23.61 -55.21 31.95
N GLY A 1644 24.88 -55.09 32.30
CA GLY A 1644 25.28 -54.48 33.54
C GLY A 1644 25.77 -53.06 33.35
N PRO A 1645 26.05 -52.37 34.45
CA PRO A 1645 26.54 -50.98 34.34
C PRO A 1645 27.97 -50.94 33.84
N VAL A 1646 28.27 -49.96 32.99
CA VAL A 1646 29.64 -49.64 32.61
C VAL A 1646 29.83 -48.15 32.80
N VAL A 1647 30.69 -47.77 33.73
CA VAL A 1647 31.00 -46.38 34.03
C VAL A 1647 32.42 -46.11 33.55
N VAL A 1648 32.57 -45.17 32.62
CA VAL A 1648 33.87 -44.74 32.10
C VAL A 1648 34.15 -43.33 32.62
N LEU A 1649 35.37 -43.10 33.11
CA LEU A 1649 35.76 -41.81 33.65
C LEU A 1649 36.79 -41.17 32.74
N VAL A 1650 36.54 -39.91 32.36
CA VAL A 1650 37.46 -39.13 31.55
C VAL A 1650 37.89 -37.90 32.34
N GLN A 1651 39.14 -37.50 32.20
CA GLN A 1651 39.73 -36.40 32.96
C GLN A 1651 40.43 -35.44 32.01
N LEU A 1652 40.12 -34.15 32.14
CA LEU A 1652 40.59 -33.10 31.24
C LEU A 1652 41.42 -32.12 32.05
N GLU A 1653 42.65 -31.87 31.62
CA GLU A 1653 43.54 -30.92 32.28
C GLU A 1653 44.06 -29.92 31.25
N ARG A 1654 43.66 -28.65 31.41
CA ARG A 1654 44.14 -27.60 30.52
C ARG A 1654 45.53 -27.15 30.95
N GLU A 1655 46.41 -26.96 29.96
CA GLU A 1655 47.82 -26.71 30.27
C GLU A 1655 48.04 -25.33 30.89
N GLU A 1656 47.20 -24.33 30.55
CA GLU A 1656 47.43 -22.98 31.07
C GLU A 1656 46.15 -22.26 31.52
N GLU A 1657 45.09 -23.01 31.84
CA GLU A 1657 43.83 -22.45 32.34
C GLU A 1657 43.14 -21.51 31.36
N VAL A 1658 42.01 -20.95 31.79
CA VAL A 1658 41.21 -20.07 30.96
C VAL A 1658 41.74 -18.64 31.13
N THR A 1659 42.46 -18.14 30.13
CA THR A 1659 42.78 -16.72 30.12
C THR A 1659 41.51 -15.89 30.03
N GLY A 1660 40.59 -16.28 29.15
CA GLY A 1660 39.33 -15.58 28.98
C GLY A 1660 38.47 -16.23 27.92
N PRO A 1661 37.59 -15.43 27.31
CA PRO A 1661 36.61 -16.00 26.38
C PRO A 1661 37.24 -16.52 25.11
N VAL A 1662 36.39 -17.01 24.21
CA VAL A 1662 36.83 -17.55 22.93
C VAL A 1662 37.17 -16.40 21.99
N ILE A 1663 38.28 -16.55 21.28
CA ILE A 1663 38.67 -15.60 20.24
C ILE A 1663 37.89 -15.99 18.97
N ALA A 1664 36.93 -15.16 18.59
CA ALA A 1664 36.13 -15.39 17.39
C ALA A 1664 35.69 -14.03 16.85
N PRO A 1665 36.61 -13.33 16.19
CA PRO A 1665 36.29 -11.95 15.74
C PRO A 1665 35.07 -11.88 14.85
N LEU A 1666 34.82 -12.92 14.07
CA LEU A 1666 33.71 -12.93 13.11
C LEU A 1666 32.40 -13.38 13.72
N PHE A 1667 32.36 -13.63 15.04
CA PHE A 1667 31.12 -13.95 15.72
C PHE A 1667 30.79 -12.86 16.74
N PRO A 1668 29.54 -12.34 16.74
CA PRO A 1668 29.24 -11.09 17.49
C PRO A 1668 29.37 -11.20 19.01
N GLN A 1669 28.62 -12.09 19.64
CA GLN A 1669 28.67 -12.23 21.09
C GLN A 1669 30.00 -12.86 21.53
N LYS A 1670 30.48 -12.46 22.70
CA LYS A 1670 31.58 -13.17 23.33
C LYS A 1670 31.07 -14.52 23.83
N ARG A 1671 31.82 -15.57 23.53
CA ARG A 1671 31.45 -16.92 23.94
C ARG A 1671 32.48 -17.44 24.93
N GLU A 1672 32.13 -18.52 25.59
CA GLU A 1672 33.10 -19.30 26.35
C GLU A 1672 33.11 -20.73 25.82
N GLU A 1673 34.28 -21.36 25.90
CA GLU A 1673 34.50 -22.69 25.32
C GLU A 1673 33.57 -23.72 25.93
N GLY A 1674 32.95 -24.53 25.08
CA GLY A 1674 32.12 -25.62 25.50
C GLY A 1674 32.62 -26.92 24.91
N TRP A 1675 32.39 -28.02 25.63
CA TRP A 1675 32.95 -29.31 25.23
C TRP A 1675 31.91 -30.41 25.38
N TRP A 1676 31.93 -31.37 24.46
CA TRP A 1676 31.13 -32.58 24.49
C TRP A 1676 32.02 -33.80 24.59
N VAL A 1677 31.61 -34.77 25.41
CA VAL A 1677 32.26 -36.07 25.49
C VAL A 1677 31.26 -37.10 24.96
N VAL A 1678 31.61 -37.79 23.87
CA VAL A 1678 30.70 -38.63 23.09
C VAL A 1678 31.31 -40.03 23.00
N ILE A 1679 30.72 -41.00 23.71
CA ILE A 1679 31.11 -42.40 23.56
C ILE A 1679 30.15 -43.05 22.58
N GLY A 1680 30.72 -43.63 21.51
CA GLY A 1680 29.92 -44.28 20.49
C GLY A 1680 30.66 -45.40 19.78
N ASP A 1681 29.97 -45.99 18.80
CA ASP A 1681 30.54 -47.01 17.92
C ASP A 1681 30.29 -46.60 16.48
N ALA A 1682 31.35 -46.51 15.67
CA ALA A 1682 31.26 -45.83 14.39
C ALA A 1682 30.52 -46.66 13.34
N LYS A 1683 30.72 -47.98 13.32
CA LYS A 1683 30.00 -48.84 12.39
C LYS A 1683 28.49 -48.72 12.57
N SER A 1684 28.03 -48.93 13.80
CA SER A 1684 26.61 -48.97 14.11
C SER A 1684 25.91 -47.63 13.89
N ASN A 1685 26.66 -46.53 13.72
CA ASN A 1685 26.06 -45.20 13.73
C ASN A 1685 25.25 -45.01 15.02
N SER A 1686 25.92 -45.24 16.15
CA SER A 1686 25.26 -45.45 17.44
C SER A 1686 25.99 -44.67 18.53
N LEU A 1687 25.26 -43.77 19.20
CA LEU A 1687 25.80 -42.97 20.29
C LEU A 1687 25.28 -43.53 21.61
N ILE A 1688 26.20 -43.98 22.47
CA ILE A 1688 25.83 -44.70 23.69
C ILE A 1688 25.91 -43.84 24.94
N SER A 1689 26.71 -42.77 24.93
CA SER A 1689 26.61 -41.79 26.02
C SER A 1689 27.25 -40.47 25.61
N ILE A 1690 26.82 -39.40 26.27
CA ILE A 1690 27.31 -38.06 25.96
C ILE A 1690 27.12 -37.18 27.20
N LYS A 1691 28.09 -36.31 27.46
CA LYS A 1691 27.98 -35.29 28.48
C LYS A 1691 28.49 -33.95 27.94
N ARG A 1692 27.93 -32.87 28.49
CA ARG A 1692 28.35 -31.51 28.16
C ARG A 1692 29.11 -30.93 29.34
N LEU A 1693 30.33 -30.44 29.10
CA LEU A 1693 31.16 -29.88 30.17
C LEU A 1693 31.78 -28.55 29.73
N THR A 1694 31.92 -27.67 30.71
CA THR A 1694 32.76 -26.48 30.61
C THR A 1694 34.01 -26.73 31.45
N LEU A 1695 35.16 -26.38 30.89
CA LEU A 1695 36.45 -26.74 31.47
C LEU A 1695 37.17 -25.50 31.97
N GLN A 1696 37.62 -25.55 33.22
CA GLN A 1696 38.46 -24.51 33.82
C GLN A 1696 39.69 -25.22 34.37
N GLN A 1697 40.68 -25.41 33.50
CA GLN A 1697 41.90 -26.18 33.77
C GLN A 1697 41.61 -27.66 33.93
N LYS A 1698 41.09 -28.08 35.10
CA LYS A 1698 40.96 -29.48 35.46
C LYS A 1698 39.50 -29.82 35.74
N ALA A 1699 39.04 -30.95 35.18
CA ALA A 1699 37.67 -31.38 35.36
C ALA A 1699 37.53 -32.87 35.06
N LYS A 1700 36.75 -33.57 35.88
CA LYS A 1700 36.46 -34.99 35.71
C LYS A 1700 35.02 -35.18 35.26
N VAL A 1701 34.77 -36.17 34.39
CA VAL A 1701 33.43 -36.50 33.91
C VAL A 1701 33.22 -38.00 33.97
N LYS A 1702 32.00 -38.41 34.32
CA LYS A 1702 31.58 -39.80 34.42
C LYS A 1702 30.51 -40.06 33.36
N LEU A 1703 30.65 -41.15 32.61
CA LEU A 1703 29.66 -41.55 31.62
C LEU A 1703 29.25 -42.98 31.90
N ASP A 1704 27.97 -43.19 32.24
CA ASP A 1704 27.45 -44.51 32.51
C ASP A 1704 26.57 -44.96 31.35
N PHE A 1705 26.73 -46.22 30.95
CA PHE A 1705 25.93 -46.80 29.87
C PHE A 1705 25.73 -48.28 30.13
N VAL A 1706 24.92 -48.90 29.26
CA VAL A 1706 24.49 -50.29 29.40
C VAL A 1706 25.35 -51.17 28.50
N ALA A 1707 25.73 -52.34 29.02
CA ALA A 1707 26.47 -53.26 28.18
C ALA A 1707 25.51 -54.19 27.43
N PRO A 1708 25.81 -54.52 26.17
CA PRO A 1708 24.98 -55.52 25.46
C PRO A 1708 25.48 -56.93 25.69
N ALA A 1709 24.89 -57.90 25.00
CA ALA A 1709 25.40 -59.26 25.04
C ALA A 1709 26.83 -59.29 24.52
N THR A 1710 27.53 -60.39 24.82
CA THR A 1710 28.96 -60.48 24.52
C THR A 1710 29.23 -60.69 23.04
N GLY A 1711 30.25 -59.98 22.55
CA GLY A 1711 30.67 -60.06 21.16
C GLY A 1711 31.91 -59.25 20.90
N ALA A 1712 32.07 -58.76 19.67
CA ALA A 1712 33.18 -57.88 19.30
C ALA A 1712 32.69 -56.43 19.35
N HIS A 1713 33.15 -55.70 20.36
CA HIS A 1713 32.65 -54.35 20.65
C HIS A 1713 33.85 -53.42 20.91
N ASN A 1714 34.12 -52.50 19.97
CA ASN A 1714 35.29 -51.63 20.03
C ASN A 1714 34.83 -50.18 19.90
N TYR A 1715 34.87 -49.43 21.00
CA TYR A 1715 34.24 -48.11 21.07
C TYR A 1715 35.24 -47.00 20.82
N THR A 1716 34.71 -45.82 20.46
CA THR A 1716 35.52 -44.62 20.32
C THR A 1716 34.99 -43.51 21.22
N LEU A 1717 35.92 -42.83 21.89
CA LEU A 1717 35.66 -41.69 22.76
C LEU A 1717 36.02 -40.42 21.98
N TYR A 1718 35.06 -39.49 21.88
CA TYR A 1718 35.20 -38.25 21.10
C TYR A 1718 35.12 -37.05 22.05
N PHE A 1719 36.07 -36.11 21.92
CA PHE A 1719 36.13 -34.88 22.73
C PHE A 1719 36.03 -33.70 21.76
N MET A 1720 34.86 -33.08 21.72
CA MET A 1720 34.47 -32.14 20.66
C MET A 1720 34.21 -30.74 21.20
N SER A 1721 34.66 -29.73 20.47
CA SER A 1721 34.45 -28.33 20.85
C SER A 1721 33.21 -27.76 20.18
N ASP A 1722 32.70 -26.67 20.77
CA ASP A 1722 31.64 -25.89 20.16
C ASP A 1722 32.15 -24.57 19.60
N ALA A 1723 33.44 -24.27 19.78
CA ALA A 1723 33.99 -22.97 19.45
C ALA A 1723 35.10 -23.06 18.39
N TYR A 1724 36.19 -23.76 18.67
CA TYR A 1724 37.34 -23.81 17.76
C TYR A 1724 37.28 -25.06 16.88
N MET A 1725 37.92 -24.99 15.72
CA MET A 1725 38.04 -26.13 14.82
C MET A 1725 39.40 -26.80 14.99
N GLY A 1726 39.40 -28.13 14.93
CA GLY A 1726 40.64 -28.88 14.95
C GLY A 1726 41.22 -29.13 16.33
N CYS A 1727 40.43 -29.01 17.39
CA CYS A 1727 40.84 -29.43 18.73
C CYS A 1727 40.20 -30.76 19.13
N ASP A 1728 39.45 -31.38 18.23
CA ASP A 1728 38.65 -32.56 18.57
C ASP A 1728 39.56 -33.79 18.71
N GLN A 1729 39.56 -34.40 19.89
CA GLN A 1729 40.42 -35.55 20.15
C GLN A 1729 39.62 -36.85 20.07
N GLU A 1730 40.31 -37.94 19.73
CA GLU A 1730 39.69 -39.24 19.53
C GLU A 1730 40.55 -40.33 20.16
N TYR A 1731 39.96 -41.13 21.05
CA TYR A 1731 40.66 -42.24 21.70
C TYR A 1731 39.79 -43.49 21.62
N LYS A 1732 40.23 -44.48 20.85
CA LYS A 1732 39.54 -45.75 20.76
C LYS A 1732 39.92 -46.63 21.95
N PHE A 1733 38.95 -47.41 22.43
CA PHE A 1733 39.24 -48.35 23.51
C PHE A 1733 38.28 -49.54 23.43
N SER A 1734 38.48 -50.49 24.35
CA SER A 1734 37.80 -51.77 24.31
C SER A 1734 37.55 -52.26 25.73
N VAL A 1735 36.47 -53.03 25.91
CA VAL A 1735 36.11 -53.63 27.19
C VAL A 1735 35.58 -55.04 26.92
N ASP A 1736 36.00 -55.99 27.73
CA ASP A 1736 35.56 -57.38 27.60
C ASP A 1736 34.31 -57.60 28.42
N VAL A 1737 33.16 -57.70 27.74
CA VAL A 1737 31.87 -57.91 28.39
C VAL A 1737 31.66 -59.41 28.60
N LYS A 1738 31.06 -59.75 29.75
CA LYS A 1738 30.80 -61.15 30.09
C LYS A 1738 29.41 -61.34 30.71
N GLY B 4 -58.51 23.41 -41.53
CA GLY B 4 -57.11 23.03 -41.54
C GLY B 4 -56.42 23.26 -40.21
N SER B 5 -55.21 22.75 -40.06
CA SER B 5 -54.46 22.91 -38.83
C SER B 5 -52.99 22.59 -39.09
N MET B 6 -52.15 22.86 -38.09
CA MET B 6 -50.72 22.58 -38.19
C MET B 6 -50.44 21.20 -37.59
N THR B 7 -49.19 20.93 -37.22
CA THR B 7 -48.78 19.58 -36.81
C THR B 7 -47.75 19.65 -35.70
N GLN B 8 -48.03 18.95 -34.60
CA GLN B 8 -47.15 18.90 -33.43
C GLN B 8 -47.23 17.50 -32.82
N THR B 9 -46.16 17.11 -32.10
CA THR B 9 -46.00 15.76 -31.56
C THR B 9 -45.80 15.78 -30.04
N PHE B 10 -46.23 14.71 -29.39
CA PHE B 10 -46.25 14.65 -27.93
C PHE B 10 -44.97 14.00 -27.39
N SER B 11 -44.27 14.72 -26.50
CA SER B 11 -43.13 14.18 -25.76
C SER B 11 -43.52 14.07 -24.30
N SER B 12 -43.49 12.85 -23.77
CA SER B 12 -43.95 12.54 -22.41
C SER B 12 -43.29 13.43 -21.36
N LYS B 13 -43.93 13.56 -20.20
CA LYS B 13 -43.46 14.42 -19.11
C LYS B 13 -43.88 13.75 -17.79
N THR B 14 -43.23 12.62 -17.48
CA THR B 14 -43.68 11.76 -16.39
C THR B 14 -43.47 12.43 -15.03
N GLU B 15 -44.48 12.28 -14.15
CA GLU B 15 -44.54 13.07 -12.92
C GLU B 15 -43.50 12.62 -11.89
N TRP B 16 -43.13 11.34 -11.89
CA TRP B 16 -42.22 10.86 -10.86
C TRP B 16 -40.84 11.50 -10.98
N ARG B 17 -40.50 12.07 -12.14
CA ARG B 17 -39.18 12.70 -12.31
C ARG B 17 -39.11 14.05 -11.61
N VAL B 18 -40.14 14.87 -11.79
CA VAL B 18 -40.28 16.11 -11.02
C VAL B 18 -40.29 15.79 -9.52
N ARG B 19 -40.96 14.69 -9.15
CA ARG B 19 -40.99 14.34 -7.73
C ARG B 19 -39.61 13.90 -7.23
N ALA B 20 -38.84 13.17 -8.04
CA ALA B 20 -37.50 12.73 -7.65
C ALA B 20 -36.55 13.91 -7.50
N ILE B 21 -36.58 14.85 -8.45
CA ILE B 21 -35.83 16.09 -8.30
C ILE B 21 -36.21 16.78 -6.99
N SER B 22 -37.50 16.91 -6.73
CA SER B 22 -37.95 17.57 -5.52
C SER B 22 -37.49 16.85 -4.25
N ALA B 23 -37.55 15.50 -4.25
CA ALA B 23 -37.16 14.75 -3.06
C ALA B 23 -35.66 14.85 -2.78
N ALA B 24 -34.85 15.10 -3.81
CA ALA B 24 -33.43 15.31 -3.53
C ALA B 24 -33.20 16.50 -2.59
N ASN B 25 -34.10 17.50 -2.58
CA ASN B 25 -33.94 18.69 -1.76
C ASN B 25 -34.53 18.57 -0.36
N LEU B 26 -35.04 17.40 0.01
CA LEU B 26 -35.71 17.26 1.30
C LEU B 26 -34.80 17.58 2.47
N HIS B 27 -33.48 17.56 2.28
CA HIS B 27 -32.57 17.66 3.42
C HIS B 27 -32.56 19.04 4.02
N LEU B 28 -32.93 20.06 3.24
CA LEU B 28 -33.03 21.41 3.78
C LEU B 28 -34.10 21.52 4.87
N ARG B 29 -35.19 20.76 4.76
CA ARG B 29 -36.24 20.78 5.78
C ARG B 29 -35.75 20.29 7.13
N THR B 30 -34.73 19.45 7.16
CA THR B 30 -34.31 18.86 8.42
C THR B 30 -33.66 19.90 9.34
N ASN B 31 -33.17 21.00 8.79
CA ASN B 31 -32.68 22.12 9.60
C ASN B 31 -33.80 23.05 10.06
N HIS B 32 -35.07 22.75 9.76
CA HIS B 32 -36.20 23.59 10.12
C HIS B 32 -37.40 22.70 10.47
N ILE B 33 -37.31 22.02 11.61
CA ILE B 33 -38.35 21.13 12.09
C ILE B 33 -39.03 21.80 13.27
N TYR B 34 -40.35 21.87 13.24
CA TYR B 34 -41.13 22.49 14.30
C TYR B 34 -42.09 21.47 14.90
N VAL B 35 -42.28 21.58 16.22
CA VAL B 35 -43.24 20.75 16.94
C VAL B 35 -44.34 21.67 17.44
N SER B 36 -45.56 21.42 16.98
CA SER B 36 -46.69 22.22 17.42
C SER B 36 -47.00 21.90 18.87
N SER B 37 -46.90 22.91 19.74
CA SER B 37 -47.02 22.72 21.18
C SER B 37 -48.32 23.27 21.74
N ASP B 38 -49.29 23.58 20.89
CA ASP B 38 -50.49 24.30 21.30
C ASP B 38 -51.47 23.46 22.17
N ASP B 39 -51.13 22.26 22.67
CA ASP B 39 -52.05 21.53 23.53
C ASP B 39 -52.18 22.22 24.88
N ILE B 40 -53.44 22.45 25.31
CA ILE B 40 -53.70 23.19 26.54
C ILE B 40 -53.09 22.48 27.74
N LYS B 41 -53.34 21.18 27.84
CA LYS B 41 -52.62 20.32 28.77
C LYS B 41 -52.33 19.02 28.06
N GLU B 42 -51.17 18.43 28.37
CA GLU B 42 -50.86 17.12 27.83
C GLU B 42 -51.90 16.11 28.31
N THR B 43 -52.20 15.14 27.43
CA THR B 43 -53.10 14.04 27.76
C THR B 43 -52.28 12.75 27.70
N GLY B 44 -52.13 12.10 28.84
CA GLY B 44 -51.35 10.87 28.92
C GLY B 44 -49.87 11.16 29.15
N TYR B 45 -49.02 10.64 28.27
CA TYR B 45 -47.58 10.70 28.45
C TYR B 45 -46.96 11.84 27.63
N THR B 46 -45.64 11.96 27.75
CA THR B 46 -44.83 12.84 26.92
C THR B 46 -43.91 11.98 26.05
N TYR B 47 -43.93 12.22 24.75
CA TYR B 47 -43.12 11.45 23.80
C TYR B 47 -41.91 12.25 23.36
N ILE B 48 -40.74 11.65 23.50
CA ILE B 48 -39.48 12.27 23.12
C ILE B 48 -38.94 11.55 21.89
N LEU B 49 -38.93 12.26 20.76
CA LEU B 49 -38.45 11.74 19.50
C LEU B 49 -37.01 12.16 19.29
N PRO B 50 -36.08 11.22 19.09
CA PRO B 50 -34.70 11.61 18.78
C PRO B 50 -34.58 12.23 17.40
N LYS B 51 -33.80 13.31 17.33
CA LYS B 51 -33.72 14.08 16.09
C LYS B 51 -33.13 13.26 14.94
N ASN B 52 -32.14 12.41 15.22
CA ASN B 52 -31.41 11.76 14.13
C ASN B 52 -32.33 10.90 13.25
N VAL B 53 -33.12 10.01 13.87
CA VAL B 53 -34.04 9.19 13.08
C VAL B 53 -35.14 10.04 12.44
N LEU B 54 -35.64 11.08 13.12
CA LEU B 54 -36.60 11.99 12.49
C LEU B 54 -36.05 12.58 11.19
N LYS B 55 -34.79 13.05 11.22
CA LYS B 55 -34.25 13.71 10.03
C LYS B 55 -34.01 12.70 8.92
N LYS B 56 -33.54 11.49 9.26
CA LYS B 56 -33.43 10.46 8.24
C LYS B 56 -34.79 10.10 7.65
N PHE B 57 -35.80 9.97 8.51
CA PHE B 57 -37.16 9.70 8.06
C PHE B 57 -37.64 10.78 7.11
N ILE B 58 -37.33 12.04 7.40
CA ILE B 58 -37.71 13.10 6.46
C ILE B 58 -37.02 12.90 5.12
N CYS B 59 -35.71 12.59 5.13
CA CYS B 59 -34.93 12.51 3.88
C CYS B 59 -35.32 11.33 3.00
N ILE B 60 -35.90 10.27 3.55
CA ILE B 60 -36.29 9.13 2.73
C ILE B 60 -37.73 9.23 2.23
N SER B 61 -38.43 10.32 2.51
CA SER B 61 -39.83 10.41 2.15
C SER B 61 -40.02 11.06 0.78
N ASP B 62 -41.29 11.26 0.44
CA ASP B 62 -41.73 11.85 -0.82
C ASP B 62 -42.72 12.97 -0.50
N LEU B 63 -42.80 13.96 -1.38
CA LEU B 63 -43.66 15.09 -1.10
C LEU B 63 -45.12 14.85 -1.46
N ARG B 64 -45.41 13.84 -2.28
CA ARG B 64 -46.77 13.46 -2.64
C ARG B 64 -47.23 12.15 -2.02
N ALA B 65 -46.36 11.17 -1.85
CA ALA B 65 -46.76 9.84 -1.38
C ALA B 65 -46.33 9.64 0.07
N GLN B 66 -47.32 9.43 0.94
CA GLN B 66 -47.05 9.23 2.36
C GLN B 66 -46.23 7.97 2.62
N ILE B 67 -45.31 8.07 3.58
CA ILE B 67 -44.62 6.91 4.10
C ILE B 67 -44.86 6.85 5.61
N ALA B 68 -44.71 5.65 6.17
CA ALA B 68 -44.96 5.45 7.59
C ALA B 68 -43.87 4.57 8.21
N GLY B 69 -43.65 4.76 9.50
CA GLY B 69 -42.75 3.91 10.25
C GLY B 69 -43.31 3.65 11.63
N TYR B 70 -43.04 2.45 12.15
CA TYR B 70 -43.53 2.08 13.47
C TYR B 70 -42.59 2.59 14.54
N LEU B 71 -43.17 3.00 15.67
CA LEU B 71 -42.45 3.61 16.78
C LEU B 71 -42.26 2.60 17.89
N TYR B 72 -41.03 2.44 18.37
CA TYR B 72 -40.79 1.55 19.49
C TYR B 72 -39.93 2.27 20.53
N GLY B 73 -40.23 2.05 21.81
CA GLY B 73 -39.51 2.81 22.81
C GLY B 73 -39.63 2.23 24.19
N VAL B 74 -39.14 3.00 25.17
CA VAL B 74 -39.21 2.68 26.59
C VAL B 74 -39.34 3.98 27.35
N SER B 75 -39.49 3.89 28.68
CA SER B 75 -39.57 4.97 29.66
C SER B 75 -38.23 5.17 30.34
N PRO B 76 -37.81 6.42 30.54
CA PRO B 76 -36.63 6.69 31.35
C PRO B 76 -36.80 6.05 32.71
N PRO B 77 -35.75 5.46 33.26
CA PRO B 77 -35.88 4.64 34.48
C PRO B 77 -36.83 5.17 35.57
N ASP B 78 -36.61 6.40 36.03
CA ASP B 78 -37.39 6.91 37.14
C ASP B 78 -38.63 7.69 36.71
N ASN B 79 -38.90 7.80 35.41
CA ASN B 79 -40.01 8.61 34.91
C ASN B 79 -40.89 7.75 34.02
N PRO B 80 -41.86 7.03 34.60
CA PRO B 80 -42.78 6.23 33.78
C PRO B 80 -43.69 7.06 32.87
N GLN B 81 -43.80 8.37 33.08
CA GLN B 81 -44.67 9.22 32.27
C GLN B 81 -43.97 9.81 31.06
N VAL B 82 -42.67 9.60 30.91
CA VAL B 82 -41.95 9.93 29.69
C VAL B 82 -41.82 8.66 28.87
N LYS B 83 -42.07 8.76 27.56
CA LYS B 83 -41.74 7.70 26.63
C LYS B 83 -40.69 8.22 25.67
N GLU B 84 -39.50 7.62 25.71
CA GLU B 84 -38.45 7.89 24.75
C GLU B 84 -38.63 6.97 23.55
N ILE B 85 -38.82 7.56 22.38
CA ILE B 85 -38.85 6.78 21.15
C ILE B 85 -37.42 6.37 20.80
N ARG B 86 -37.19 5.05 20.76
CA ARG B 86 -35.85 4.50 20.57
C ARG B 86 -35.60 3.90 19.20
N CYS B 87 -36.64 3.53 18.45
CA CYS B 87 -36.44 2.89 17.16
C CYS B 87 -37.60 3.22 16.22
N ILE B 88 -37.29 3.35 14.94
CA ILE B 88 -38.30 3.43 13.88
C ILE B 88 -38.12 2.21 12.98
N VAL B 89 -39.17 1.43 12.80
CA VAL B 89 -39.17 0.26 11.90
C VAL B 89 -39.84 0.64 10.58
N MET B 90 -39.13 0.51 9.47
CA MET B 90 -39.73 0.63 8.14
C MET B 90 -40.09 -0.77 7.59
N VAL B 91 -41.33 -0.93 7.15
CA VAL B 91 -41.84 -2.21 6.65
C VAL B 91 -42.30 -1.99 5.21
N PRO B 92 -42.49 -3.08 4.44
CA PRO B 92 -42.92 -2.92 3.04
C PRO B 92 -44.26 -2.22 2.95
N GLN B 93 -44.31 -1.16 2.16
CA GLN B 93 -45.45 -0.27 2.19
C GLN B 93 -45.66 0.38 0.84
N TRP B 94 -46.85 0.94 0.66
CA TRP B 94 -47.03 1.93 -0.40
C TRP B 94 -48.04 2.96 0.08
N GLY B 95 -48.18 4.05 -0.68
CA GLY B 95 -48.99 5.13 -0.17
C GLY B 95 -49.60 5.99 -1.26
N THR B 96 -50.54 6.81 -0.84
CA THR B 96 -51.03 7.95 -1.59
C THR B 96 -50.78 9.21 -0.76
N HIS B 97 -51.32 10.34 -1.24
CA HIS B 97 -51.23 11.60 -0.53
C HIS B 97 -52.15 11.67 0.68
N GLN B 98 -53.06 10.70 0.87
CA GLN B 98 -54.00 10.71 1.98
C GLN B 98 -53.85 9.55 2.97
N THR B 99 -53.18 8.47 2.59
CA THR B 99 -53.15 7.31 3.46
C THR B 99 -51.89 6.48 3.17
N VAL B 100 -51.62 5.51 4.02
CA VAL B 100 -50.57 4.54 3.76
C VAL B 100 -51.12 3.13 3.89
N HIS B 101 -50.57 2.21 3.11
CA HIS B 101 -50.87 0.78 3.17
C HIS B 101 -49.65 0.05 3.69
N LEU B 102 -49.78 -0.47 4.90
CA LEU B 102 -48.86 -1.36 5.59
C LEU B 102 -49.41 -2.77 5.56
N PRO B 103 -48.54 -3.77 5.73
CA PRO B 103 -49.04 -5.14 5.89
C PRO B 103 -49.83 -5.26 7.17
N GLY B 104 -50.53 -6.38 7.30
CA GLY B 104 -51.21 -6.68 8.55
C GLY B 104 -50.27 -7.04 9.69
N GLN B 105 -49.16 -7.70 9.37
CA GLN B 105 -48.22 -8.20 10.37
C GLN B 105 -47.37 -7.07 10.96
N LEU B 106 -47.42 -6.95 12.28
CA LEU B 106 -46.59 -6.00 12.99
C LEU B 106 -45.14 -6.47 13.01
N PRO B 107 -44.19 -5.54 13.20
CA PRO B 107 -42.79 -5.93 13.31
C PRO B 107 -42.59 -6.99 14.37
N GLN B 108 -41.71 -7.95 14.07
CA GLN B 108 -41.35 -9.00 15.02
C GLN B 108 -39.83 -9.15 14.93
N HIS B 109 -39.15 -8.93 16.05
CA HIS B 109 -37.71 -9.12 16.04
C HIS B 109 -37.18 -9.12 17.47
N GLU B 110 -36.13 -9.92 17.67
CA GLU B 110 -35.53 -10.08 18.98
C GLU B 110 -35.08 -8.73 19.57
N TYR B 111 -34.57 -7.82 18.74
CA TYR B 111 -34.06 -6.54 19.23
C TYR B 111 -35.16 -5.65 19.79
N LEU B 112 -36.40 -5.83 19.35
CA LEU B 112 -37.51 -5.02 19.83
C LEU B 112 -38.23 -5.67 21.00
N LYS B 113 -37.78 -6.85 21.43
CA LYS B 113 -38.55 -7.61 22.38
C LYS B 113 -38.52 -6.98 23.77
N GLU B 114 -37.50 -6.19 24.09
CA GLU B 114 -37.45 -5.44 25.34
C GLU B 114 -37.97 -4.02 25.18
N MET B 115 -38.63 -3.72 24.08
CA MET B 115 -39.23 -2.41 23.85
C MET B 115 -40.75 -2.55 23.78
N GLU B 116 -41.41 -1.42 23.93
CA GLU B 116 -42.85 -1.43 23.80
C GLU B 116 -43.28 -0.63 22.58
N PRO B 117 -44.29 -1.12 21.86
CA PRO B 117 -44.77 -0.39 20.68
C PRO B 117 -45.50 0.88 21.09
N LEU B 118 -45.11 2.00 20.48
CA LEU B 118 -45.64 3.32 20.79
C LEU B 118 -46.50 3.90 19.67
N GLY B 119 -46.83 3.11 18.65
CA GLY B 119 -47.61 3.58 17.52
C GLY B 119 -46.82 3.81 16.25
N TRP B 120 -47.12 4.90 15.54
CA TRP B 120 -46.52 5.11 14.23
C TRP B 120 -46.36 6.59 13.92
N ILE B 121 -45.48 6.85 12.94
CA ILE B 121 -45.21 8.18 12.40
C ILE B 121 -45.48 8.13 10.89
N HIS B 122 -46.01 9.22 10.34
CA HIS B 122 -46.19 9.24 8.89
C HIS B 122 -46.12 10.68 8.37
N THR B 123 -45.72 10.82 7.09
CA THR B 123 -45.63 12.13 6.47
C THR B 123 -46.98 12.49 5.84
N GLN B 124 -47.19 13.78 5.65
CA GLN B 124 -48.41 14.33 5.12
C GLN B 124 -48.03 15.53 4.25
N PRO B 125 -48.66 15.67 3.06
CA PRO B 125 -48.34 16.83 2.22
C PRO B 125 -48.70 18.16 2.84
N ASN B 126 -49.84 18.28 3.51
CA ASN B 126 -50.26 19.55 4.06
C ASN B 126 -50.60 19.44 5.53
N GLU B 127 -50.24 20.48 6.27
CA GLU B 127 -50.67 20.63 7.66
C GLU B 127 -52.17 20.47 7.78
N SER B 128 -52.65 20.12 8.95
CA SER B 128 -54.09 19.99 9.12
C SER B 128 -54.48 20.21 10.57
N PRO B 129 -55.52 21.03 10.84
CA PRO B 129 -55.94 21.23 12.23
C PRO B 129 -56.41 19.95 12.90
N GLN B 130 -57.00 19.03 12.14
CA GLN B 130 -57.56 17.80 12.69
C GLN B 130 -56.77 16.60 12.21
N LEU B 131 -56.85 15.53 13.00
CA LEU B 131 -56.30 14.24 12.61
C LEU B 131 -57.18 13.60 11.55
N SER B 132 -56.56 13.06 10.52
CA SER B 132 -57.32 12.48 9.42
C SER B 132 -58.26 11.39 9.93
N PRO B 133 -59.42 11.20 9.30
CA PRO B 133 -60.20 9.98 9.57
C PRO B 133 -59.57 8.74 8.98
N GLN B 134 -58.80 8.87 7.89
CA GLN B 134 -57.96 7.76 7.44
C GLN B 134 -57.07 7.28 8.57
N ASP B 135 -56.40 8.21 9.25
CA ASP B 135 -55.51 7.88 10.36
C ASP B 135 -56.26 7.28 11.54
N VAL B 136 -57.44 7.84 11.88
CA VAL B 136 -58.21 7.23 12.96
C VAL B 136 -58.55 5.79 12.61
N THR B 137 -59.01 5.55 11.38
CA THR B 137 -59.36 4.20 10.96
C THR B 137 -58.15 3.26 10.99
N THR B 138 -57.00 3.71 10.48
CA THR B 138 -55.80 2.88 10.46
C THR B 138 -55.38 2.52 11.90
N HIS B 139 -55.33 3.51 12.78
CA HIS B 139 -54.92 3.26 14.15
C HIS B 139 -55.89 2.29 14.84
N ALA B 140 -57.19 2.45 14.59
CA ALA B 140 -58.18 1.61 15.26
C ALA B 140 -58.14 0.18 14.72
N LYS B 141 -58.00 0.01 13.41
CA LYS B 141 -57.94 -1.35 12.88
C LYS B 141 -56.66 -2.06 13.32
N ILE B 142 -55.54 -1.33 13.48
CA ILE B 142 -54.33 -1.92 14.04
C ILE B 142 -54.57 -2.35 15.47
N MET B 143 -55.16 -1.47 16.28
CA MET B 143 -55.46 -1.79 17.68
C MET B 143 -56.36 -3.02 17.80
N ALA B 144 -57.33 -3.17 16.90
CA ALA B 144 -58.25 -4.29 16.97
C ALA B 144 -57.58 -5.60 16.54
N ASP B 145 -56.64 -5.53 15.60
CA ASP B 145 -55.91 -6.74 15.24
C ASP B 145 -54.80 -7.10 16.23
N ASN B 146 -54.29 -6.14 17.01
CA ASN B 146 -53.07 -6.34 17.79
C ASN B 146 -53.27 -5.79 19.21
N PRO B 147 -53.53 -6.65 20.19
CA PRO B 147 -53.77 -6.15 21.57
C PRO B 147 -52.54 -5.54 22.25
N SER B 148 -51.33 -5.72 21.74
CA SER B 148 -50.17 -5.06 22.36
C SER B 148 -50.23 -3.54 22.23
N TRP B 149 -51.07 -3.01 21.34
CA TRP B 149 -51.21 -1.57 21.15
C TRP B 149 -52.26 -1.06 22.12
N ASP B 150 -51.83 -0.46 23.23
CA ASP B 150 -52.76 0.14 24.16
C ASP B 150 -53.14 1.55 23.68
N GLY B 151 -54.44 1.86 23.73
CA GLY B 151 -54.91 3.15 23.27
C GLY B 151 -54.41 4.33 24.09
N GLU B 152 -54.12 4.11 25.37
CA GLU B 152 -53.56 5.13 26.23
C GLU B 152 -52.04 5.27 26.10
N LYS B 153 -51.41 4.51 25.18
CA LYS B 153 -49.95 4.50 25.05
C LYS B 153 -49.44 4.62 23.63
N THR B 154 -50.24 4.33 22.61
CA THR B 154 -49.78 4.38 21.22
C THR B 154 -50.29 5.66 20.56
N ILE B 155 -49.47 6.24 19.67
CA ILE B 155 -49.75 7.56 19.10
C ILE B 155 -49.55 7.56 17.58
N ILE B 156 -49.97 8.66 16.96
CA ILE B 156 -49.79 8.97 15.56
C ILE B 156 -49.06 10.30 15.49
N ILE B 157 -47.83 10.28 14.95
CA ILE B 157 -47.07 11.50 14.71
C ILE B 157 -47.21 11.86 13.24
N THR B 158 -47.88 12.95 12.92
CA THR B 158 -47.87 13.46 11.56
C THR B 158 -46.72 14.43 11.40
N CYS B 159 -45.99 14.26 10.29
CA CYS B 159 -44.92 15.13 9.83
C CYS B 159 -45.44 15.81 8.58
N SER B 160 -45.94 17.04 8.73
CA SER B 160 -46.58 17.76 7.64
C SER B 160 -45.56 18.66 6.95
N PHE B 161 -45.63 18.68 5.61
CA PHE B 161 -44.68 19.44 4.78
C PHE B 161 -45.18 20.87 4.67
N THR B 162 -44.69 21.71 5.55
CA THR B 162 -44.95 23.14 5.53
C THR B 162 -43.80 23.85 4.81
N PRO B 163 -44.09 24.93 4.05
CA PRO B 163 -43.07 25.48 3.13
C PRO B 163 -41.70 25.72 3.75
N GLY B 164 -40.69 25.07 3.18
CA GLY B 164 -39.33 25.16 3.67
C GLY B 164 -39.03 24.46 4.98
N SER B 165 -39.94 23.61 5.49
CA SER B 165 -39.81 23.12 6.86
C SER B 165 -40.68 21.88 7.05
N CYS B 166 -40.81 21.46 8.31
CA CYS B 166 -41.64 20.34 8.72
C CYS B 166 -42.30 20.65 10.04
N THR B 167 -43.59 20.41 10.14
CA THR B 167 -44.30 20.56 11.41
C THR B 167 -44.80 19.20 11.87
N LEU B 168 -44.44 18.83 13.10
CA LEU B 168 -44.88 17.58 13.71
C LEU B 168 -46.00 17.86 14.69
N THR B 169 -47.00 16.97 14.68
CA THR B 169 -47.97 16.97 15.76
C THR B 169 -48.31 15.52 16.11
N ALA B 170 -48.48 15.24 17.41
CA ALA B 170 -48.68 13.88 17.93
C ALA B 170 -50.06 13.74 18.60
N TYR B 171 -50.80 12.72 18.17
CA TYR B 171 -52.15 12.46 18.67
C TYR B 171 -52.24 11.05 19.26
N LYS B 172 -53.24 10.86 20.11
CA LYS B 172 -53.71 9.55 20.53
C LYS B 172 -55.19 9.43 20.20
N LEU B 173 -55.63 8.18 20.08
CA LEU B 173 -57.05 7.88 19.95
C LEU B 173 -57.76 7.94 21.31
N THR B 174 -59.06 8.15 21.25
CA THR B 174 -59.97 8.04 22.38
C THR B 174 -60.75 6.73 22.27
N PRO B 175 -61.30 6.21 23.40
CA PRO B 175 -62.21 5.07 23.33
C PRO B 175 -63.26 5.17 22.21
N SER B 176 -63.93 6.31 22.14
CA SER B 176 -64.93 6.50 21.10
C SER B 176 -64.29 6.53 19.73
N GLY B 177 -63.08 7.09 19.63
CA GLY B 177 -62.37 7.09 18.37
C GLY B 177 -61.99 5.69 17.92
N TYR B 178 -61.46 4.89 18.85
CA TYR B 178 -61.18 3.49 18.54
C TYR B 178 -62.44 2.79 18.05
N GLU B 179 -63.53 2.93 18.78
CA GLU B 179 -64.73 2.18 18.43
C GLU B 179 -65.28 2.62 17.08
N TRP B 180 -65.20 3.91 16.75
CA TRP B 180 -65.67 4.36 15.45
C TRP B 180 -64.73 3.92 14.33
N GLY B 181 -63.42 4.01 14.55
CA GLY B 181 -62.48 3.73 13.50
C GLY B 181 -62.39 2.26 13.14
N ARG B 182 -62.59 1.37 14.11
CA ARG B 182 -62.45 -0.04 13.78
C ARG B 182 -63.57 -0.52 12.88
N GLN B 183 -64.79 0.02 13.02
CA GLN B 183 -65.90 -0.37 12.17
C GLN B 183 -66.00 0.44 10.89
N ASN B 184 -65.13 1.43 10.66
CA ASN B 184 -65.28 2.32 9.52
C ASN B 184 -64.79 1.67 8.23
N THR B 185 -65.62 1.73 7.19
CA THR B 185 -65.26 1.23 5.86
C THR B 185 -65.32 2.28 4.77
N ASP B 186 -65.82 3.47 5.06
CA ASP B 186 -65.81 4.58 4.12
C ASP B 186 -64.42 5.21 4.16
N LYS B 187 -63.66 5.06 3.09
CA LYS B 187 -62.29 5.53 3.06
C LYS B 187 -62.15 6.93 2.50
N GLY B 188 -63.25 7.61 2.20
CA GLY B 188 -63.21 8.94 1.64
C GLY B 188 -62.74 9.97 2.65
N ASN B 189 -62.82 11.24 2.23
CA ASN B 189 -62.36 12.34 3.07
C ASN B 189 -63.34 12.70 4.18
N ASN B 190 -64.58 12.23 4.10
CA ASN B 190 -65.60 12.58 5.09
C ASN B 190 -66.51 11.39 5.36
N PRO B 191 -66.02 10.39 6.09
CA PRO B 191 -66.85 9.23 6.37
C PRO B 191 -67.89 9.54 7.41
N LYS B 192 -69.02 8.84 7.31
CA LYS B 192 -70.11 9.07 8.25
C LYS B 192 -69.68 8.65 9.65
N GLY B 193 -69.98 9.50 10.64
CA GLY B 193 -69.72 9.21 12.03
C GLY B 193 -68.48 9.85 12.63
N TYR B 194 -67.65 10.51 11.82
CA TYR B 194 -66.32 10.95 12.26
C TYR B 194 -66.39 12.25 13.05
N LEU B 195 -65.69 12.30 14.18
CA LEU B 195 -65.79 13.41 15.11
C LEU B 195 -64.41 13.83 15.58
N PRO B 196 -64.24 15.08 16.00
CA PRO B 196 -62.96 15.49 16.59
C PRO B 196 -62.80 15.03 18.05
N SER B 197 -63.87 14.53 18.67
CA SER B 197 -63.80 13.83 19.95
C SER B 197 -63.16 12.44 19.85
N HIS B 198 -62.80 11.99 18.65
CA HIS B 198 -62.19 10.69 18.45
C HIS B 198 -60.69 10.65 18.74
N TYR B 199 -60.05 11.80 18.96
CA TYR B 199 -58.60 11.88 19.17
C TYR B 199 -58.28 13.09 20.06
N GLU B 200 -57.11 13.05 20.68
CA GLU B 200 -56.62 14.20 21.44
C GLU B 200 -55.12 14.34 21.27
N ARG B 201 -54.61 15.53 21.52
CA ARG B 201 -53.22 15.84 21.26
C ARG B 201 -52.36 15.52 22.48
N VAL B 202 -51.28 14.77 22.25
CA VAL B 202 -50.35 14.39 23.30
C VAL B 202 -49.09 15.23 23.15
N GLN B 203 -48.40 15.43 24.25
CA GLN B 203 -47.20 16.25 24.22
C GLN B 203 -46.05 15.49 23.58
N MET B 204 -45.24 16.21 22.81
CA MET B 204 -44.10 15.64 22.10
C MET B 204 -42.93 16.62 22.07
N LEU B 205 -41.73 16.12 22.32
CA LEU B 205 -40.53 16.93 22.32
C LEU B 205 -39.48 16.32 21.40
N LEU B 206 -38.67 17.17 20.77
CA LEU B 206 -37.53 16.75 19.96
C LEU B 206 -36.27 16.83 20.81
N SER B 207 -35.51 15.74 20.87
CA SER B 207 -34.32 15.71 21.70
C SER B 207 -33.06 15.45 20.87
N ASP B 208 -31.95 16.01 21.36
CA ASP B 208 -30.62 15.74 20.83
C ASP B 208 -29.75 14.87 21.74
N ARG B 209 -30.22 14.52 22.94
CA ARG B 209 -29.31 13.94 23.93
C ARG B 209 -29.09 12.43 23.76
N PHE B 210 -29.99 11.72 23.06
CA PHE B 210 -29.78 10.31 22.72
C PHE B 210 -30.10 10.10 21.25
N LEU B 211 -29.73 8.93 20.75
CA LEU B 211 -29.93 8.57 19.36
C LEU B 211 -30.90 7.39 19.26
N GLY B 212 -31.77 7.43 18.24
CA GLY B 212 -32.55 6.26 17.86
C GLY B 212 -31.84 5.50 16.75
N PHE B 213 -32.40 4.34 16.40
CA PHE B 213 -31.89 3.58 15.26
C PHE B 213 -33.09 3.17 14.40
N PHE B 214 -32.80 2.48 13.31
CA PHE B 214 -33.81 2.00 12.37
C PHE B 214 -33.74 0.48 12.25
N MET B 215 -34.89 -0.13 11.99
CA MET B 215 -34.91 -1.48 11.46
C MET B 215 -35.63 -1.47 10.12
N VAL B 216 -35.11 -2.23 9.17
CA VAL B 216 -35.66 -2.26 7.82
C VAL B 216 -35.96 -3.72 7.47
N PRO B 217 -36.68 -4.02 6.38
CA PRO B 217 -36.91 -5.43 6.01
C PRO B 217 -35.61 -6.17 5.72
N ALA B 218 -35.69 -7.50 5.76
CA ALA B 218 -34.50 -8.34 5.62
C ALA B 218 -34.23 -8.75 4.18
N GLN B 219 -35.27 -9.07 3.40
CA GLN B 219 -35.09 -9.60 2.06
C GLN B 219 -35.42 -8.61 0.96
N SER B 220 -35.79 -7.38 1.29
CA SER B 220 -36.20 -6.40 0.29
C SER B 220 -35.84 -5.01 0.82
N SER B 221 -36.46 -4.00 0.27
CA SER B 221 -36.49 -2.71 0.93
C SER B 221 -37.92 -2.48 1.40
N TRP B 222 -38.21 -1.24 1.79
CA TRP B 222 -39.52 -0.88 2.33
C TRP B 222 -40.40 -0.17 1.33
N ASN B 223 -39.82 0.48 0.34
CA ASN B 223 -40.62 1.25 -0.60
C ASN B 223 -41.16 0.35 -1.72
N TYR B 224 -42.49 0.27 -1.83
CA TYR B 224 -43.17 -0.47 -2.90
C TYR B 224 -44.07 0.41 -3.75
N ASN B 225 -43.95 1.74 -3.66
CA ASN B 225 -44.77 2.64 -4.48
C ASN B 225 -44.50 2.53 -5.98
N PHE B 226 -43.43 1.87 -6.40
CA PHE B 226 -43.18 1.61 -7.81
C PHE B 226 -43.37 0.15 -8.16
N MET B 227 -43.70 -0.70 -7.18
CA MET B 227 -43.90 -2.13 -7.38
C MET B 227 -45.22 -2.61 -6.78
N GLY B 228 -46.16 -1.68 -6.53
CA GLY B 228 -47.37 -1.94 -5.74
C GLY B 228 -48.04 -3.28 -5.92
N VAL B 229 -47.92 -3.85 -7.13
CA VAL B 229 -48.46 -5.17 -7.41
C VAL B 229 -47.87 -6.20 -6.45
N ARG B 230 -46.55 -6.18 -6.30
CA ARG B 230 -45.88 -7.12 -5.42
C ARG B 230 -46.24 -6.92 -3.95
N HIS B 231 -46.96 -5.85 -3.61
CA HIS B 231 -47.36 -5.56 -2.23
C HIS B 231 -48.71 -6.20 -1.94
N ASP B 232 -48.81 -6.88 -0.79
CA ASP B 232 -50.00 -7.60 -0.39
C ASP B 232 -50.27 -7.33 1.08
N PRO B 233 -51.52 -6.99 1.46
CA PRO B 233 -51.81 -6.81 2.90
C PRO B 233 -51.40 -7.99 3.75
N ASN B 234 -51.46 -9.22 3.22
CA ASN B 234 -51.09 -10.41 3.97
C ASN B 234 -49.60 -10.74 3.88
N MET B 235 -48.76 -9.85 3.34
CA MET B 235 -47.38 -10.22 3.09
C MET B 235 -46.59 -10.32 4.39
N LYS B 236 -45.56 -11.16 4.37
CA LYS B 236 -44.74 -11.43 5.53
C LYS B 236 -43.32 -10.92 5.28
N TYR B 237 -42.62 -10.57 6.35
CA TYR B 237 -41.30 -9.97 6.24
C TYR B 237 -40.60 -10.12 7.59
N GLU B 238 -39.28 -10.28 7.53
CA GLU B 238 -38.41 -10.21 8.68
C GLU B 238 -37.73 -8.85 8.63
N LEU B 239 -36.94 -8.54 9.65
CA LEU B 239 -36.28 -7.24 9.75
C LEU B 239 -34.78 -7.44 9.97
N GLN B 240 -34.05 -6.33 9.95
CA GLN B 240 -32.62 -6.32 10.18
C GLN B 240 -32.24 -4.94 10.72
N LEU B 241 -31.16 -4.90 11.47
CA LEU B 241 -30.62 -3.65 11.99
C LEU B 241 -29.83 -2.97 10.88
N ALA B 242 -30.46 -2.00 10.20
CA ALA B 242 -29.81 -1.20 9.16
C ALA B 242 -30.64 0.04 8.88
N ASN B 243 -30.02 1.05 8.14
CA ASN B 243 -30.71 2.31 7.86
C ASN B 243 -31.40 2.26 6.51
N PRO B 244 -32.57 2.92 6.37
CA PRO B 244 -33.36 2.76 5.14
C PRO B 244 -32.85 3.58 3.96
N LYS B 245 -33.12 3.05 2.77
CA LYS B 245 -32.81 3.76 1.53
C LYS B 245 -33.84 4.83 1.21
N GLU B 246 -33.37 5.95 0.64
CA GLU B 246 -34.22 7.04 0.21
C GLU B 246 -35.31 6.57 -0.77
N PHE B 247 -36.38 7.38 -0.86
CA PHE B 247 -37.57 7.02 -1.61
C PHE B 247 -37.25 6.66 -3.06
N TYR B 248 -36.31 7.36 -3.69
CA TYR B 248 -36.06 7.15 -5.11
C TYR B 248 -34.76 6.41 -5.36
N HIS B 249 -34.23 5.72 -4.33
CA HIS B 249 -33.06 4.88 -4.54
C HIS B 249 -33.36 3.84 -5.61
N GLU B 250 -32.30 3.43 -6.31
CA GLU B 250 -32.45 2.61 -7.50
C GLU B 250 -33.20 1.30 -7.23
N VAL B 251 -32.93 0.63 -6.11
CA VAL B 251 -33.51 -0.69 -5.87
C VAL B 251 -34.99 -0.62 -5.51
N HIS B 252 -35.58 0.57 -5.45
CA HIS B 252 -37.02 0.73 -5.27
C HIS B 252 -37.78 0.79 -6.60
N ARG B 253 -37.10 1.14 -7.68
CA ARG B 253 -37.72 1.31 -9.00
C ARG B 253 -36.91 0.59 -10.07
N PRO B 254 -36.71 -0.72 -9.95
CA PRO B 254 -35.86 -1.42 -10.92
C PRO B 254 -36.42 -1.41 -12.34
N SER B 255 -37.73 -1.29 -12.51
CA SER B 255 -38.29 -1.31 -13.85
C SER B 255 -37.84 -0.09 -14.65
N HIS B 256 -37.66 1.08 -14.03
CA HIS B 256 -37.13 2.22 -14.76
C HIS B 256 -35.79 1.89 -15.39
N PHE B 257 -34.91 1.22 -14.63
CA PHE B 257 -33.56 0.95 -15.11
C PHE B 257 -33.55 -0.15 -16.16
N LEU B 258 -34.39 -1.18 -15.99
CA LEU B 258 -34.38 -2.28 -16.96
C LEU B 258 -35.07 -1.86 -18.27
N ASN B 259 -36.17 -1.12 -18.17
CA ASN B 259 -36.93 -0.69 -19.34
C ASN B 259 -36.30 0.47 -20.08
N PHE B 260 -35.40 1.23 -19.45
CA PHE B 260 -34.56 2.13 -20.24
C PHE B 260 -33.62 1.33 -21.13
N ALA B 261 -32.86 0.40 -20.53
CA ALA B 261 -31.95 -0.47 -21.26
C ALA B 261 -32.63 -1.26 -22.37
N LEU B 262 -33.95 -1.50 -22.27
CA LEU B 262 -34.64 -2.06 -23.43
C LEU B 262 -34.47 -1.16 -24.65
N LEU B 263 -35.04 0.05 -24.63
CA LEU B 263 -34.75 1.07 -25.65
C LEU B 263 -35.22 2.46 -25.23
#